data_6DW3
#
_entry.id   6DW3
#
_cell.length_a   87.340
_cell.length_b   147.325
_cell.length_c   98.537
_cell.angle_alpha   90.00
_cell.angle_beta   114.64
_cell.angle_gamma   90.00
#
_symmetry.space_group_name_H-M   'P 1 21 1'
#
loop_
_entity.id
_entity.type
_entity.pdbx_description
1 polymer 'Deoxynucleoside triphosphate triphosphohydrolase SAMHD1'
2 non-polymer 4-amino-1-{5-O-[(S)-hydroxy{[(R)-hydroxy(phosphonooxy)phosphoryl]oxy}phosphoryl]-beta-D-arabinofuranosyl}pyrimidin-2(1H)-one
3 non-polymer "2'-DEOXYADENOSINE 5'-TRIPHOSPHATE"
4 non-polymer 'MAGNESIUM ION'
5 non-polymer "GUANOSINE-5'-TRIPHOSPHATE"
6 water water
#
_entity_poly.entity_id   1
_entity_poly.type   'polypeptide(L)'
_entity_poly.pdbx_seq_one_letter_code
;MGSSHHHHHHSSGLVPRGSHMASMTGGQQMGRDPNSDTMKVINDPIHGHIELHPLLVRIIDTPQFQRLRYIKQLGGGYYV
FPGASHNRFEHSLGVGYLAGCLVHALGEKQPELQISERDVLCVQIAGLCRNLGHGPFSHMFDGRFIPLARPEVKWTHEQG
SVMMFEHLINSNGIKPVMEQYGLIPEEDICFIKEQIVGPLESPVEDSLWPYKGRPENKSFLYEIVSNKRNGIDVDKWDYF
ARDCHHLGIQNNFDYKRFIKFARVCEVDNELRICARDKEVGNLYDMFHTRNSLHRRAYQHKVGNIIDTMITDAFLKADDY
IEITGAGGKKYRISTAIDDMEAYTKLTDNIFLEILYSTDPKLKDAREILKQIEYRNLFKYVGETQPTGQIKIKREDYESL
PKEVASAKPKVLLDVKLKAEDFIVDVINMDYGMQEKNPIDHVSFYCKTAPNRAIRITKNQVSQLLPEKFAEQLIRVYCKK
VDRKSLYAARQYFVQWCADRNFTKPQDGDVIAPLITPQKKEWNDSTSVQNPTRLREASKSRVQLFKDDPM
;
_entity_poly.pdbx_strand_id   D,C,B,A
#
loop_
_chem_comp.id
_chem_comp.type
_chem_comp.name
_chem_comp.formula
DTP non-polymer '2'-DEOXYADENOSINE 5'-TRIPHOSPHATE' 'C10 H16 N5 O12 P3'
GTP non-polymer GUANOSINE-5'-TRIPHOSPHATE 'C10 H16 N5 O14 P3'
HF4 non-polymer 4-amino-1-{5-O-[(S)-hydroxy{[(R)-hydroxy(phosphonooxy)phosphoryl]oxy}phosphoryl]-beta-D-arabinofuranosyl}pyrimidin-2(1H)-one 'C9 H16 N3 O14 P3'
MG non-polymer 'MAGNESIUM ION' 'Mg 2'
#
# COMPACT_ATOMS: atom_id res chain seq x y z
N ASP A 37 5.04 7.12 33.87
CA ASP A 37 3.94 8.08 33.54
C ASP A 37 4.42 9.25 32.65
N THR A 38 4.59 8.90 31.37
CA THR A 38 4.56 9.86 30.24
C THR A 38 3.89 9.02 29.08
N MET A 39 3.88 9.55 27.84
CA MET A 39 3.24 8.93 26.69
C MET A 39 3.92 7.64 26.18
N LYS A 40 3.24 6.48 26.30
CA LYS A 40 3.61 5.35 25.46
C LYS A 40 3.26 5.45 23.97
N VAL A 41 4.13 4.88 23.16
CA VAL A 41 3.96 4.82 21.72
C VAL A 41 3.69 3.35 21.31
N ILE A 42 2.66 3.11 20.52
CA ILE A 42 2.39 1.83 19.90
C ILE A 42 2.42 1.94 18.38
N ASN A 43 3.07 0.98 17.71
CA ASN A 43 3.01 0.89 16.26
C ASN A 43 1.84 -0.03 15.79
N ASP A 44 0.94 0.55 15.07
CA ASP A 44 -0.22 -0.07 14.50
C ASP A 44 -0.11 -0.01 12.97
N PRO A 45 -0.26 -1.14 12.27
CA PRO A 45 -0.15 -1.13 10.81
C PRO A 45 -1.15 -0.24 10.07
N ILE A 46 -2.28 0.07 10.64
CA ILE A 46 -3.26 0.92 10.00
C ILE A 46 -2.96 2.41 10.23
N HIS A 47 -2.72 2.81 11.47
CA HIS A 47 -2.59 4.21 11.79
C HIS A 47 -1.17 4.72 11.99
N GLY A 48 -0.16 3.86 12.02
CA GLY A 48 1.17 4.27 12.36
C GLY A 48 1.38 4.33 13.87
N HIS A 49 2.25 5.24 14.28
CA HIS A 49 2.59 5.45 15.66
C HIS A 49 1.56 6.29 16.41
N ILE A 50 0.91 5.64 17.38
CA ILE A 50 -0.19 6.16 18.17
C ILE A 50 0.40 6.49 19.53
N GLU A 51 0.07 7.66 20.07
CA GLU A 51 0.48 8.06 21.44
C GLU A 51 -0.62 7.76 22.43
N LEU A 52 -0.30 7.12 23.53
CA LEU A 52 -1.32 6.85 24.61
C LEU A 52 -0.97 7.54 25.92
N HIS A 53 -1.90 8.35 26.42
CA HIS A 53 -1.77 9.01 27.74
C HIS A 53 -1.74 7.93 28.83
N PRO A 54 -1.00 8.15 29.93
CA PRO A 54 -0.84 7.03 30.86
C PRO A 54 -2.11 6.52 31.54
N LEU A 55 -3.14 7.33 31.65
CA LEU A 55 -4.46 6.86 32.11
C LEU A 55 -5.02 5.77 31.19
N LEU A 56 -4.88 5.97 29.91
CA LEU A 56 -5.26 5.00 28.88
C LEU A 56 -4.48 3.70 29.00
N VAL A 57 -3.21 3.78 29.32
CA VAL A 57 -2.33 2.62 29.48
C VAL A 57 -2.82 1.81 30.67
N ARG A 58 -3.15 2.49 31.77
CA ARG A 58 -3.70 1.83 32.94
C ARG A 58 -5.01 1.08 32.65
N ILE A 59 -5.89 1.68 31.89
CA ILE A 59 -7.11 1.02 31.44
C ILE A 59 -6.83 -0.18 30.55
N ILE A 60 -5.92 -0.03 29.60
CA ILE A 60 -5.49 -1.09 28.67
C ILE A 60 -4.83 -2.27 29.37
N ASP A 61 -4.07 -2.02 30.43
CA ASP A 61 -3.33 -3.07 31.10
C ASP A 61 -4.10 -3.73 32.22
N THR A 62 -5.28 -4.22 31.88
CA THR A 62 -6.19 -4.94 32.80
C THR A 62 -6.66 -6.24 32.14
N PRO A 63 -7.00 -7.25 32.92
CA PRO A 63 -7.58 -8.46 32.34
C PRO A 63 -8.82 -8.25 31.52
N GLN A 64 -9.57 -7.23 31.87
CA GLN A 64 -10.80 -6.90 31.17
C GLN A 64 -10.58 -6.44 29.77
N PHE A 65 -9.53 -5.66 29.57
CA PHE A 65 -9.22 -5.11 28.23
C PHE A 65 -8.42 -6.14 27.45
N GLN A 66 -7.45 -6.77 28.12
CA GLN A 66 -6.54 -7.68 27.41
C GLN A 66 -7.25 -8.94 26.89
N ARG A 67 -8.36 -9.30 27.50
CA ARG A 67 -9.31 -10.27 26.98
C ARG A 67 -9.64 -10.11 25.49
N LEU A 68 -9.71 -8.86 25.01
CA LEU A 68 -10.01 -8.58 23.63
C LEU A 68 -8.97 -9.13 22.61
N ARG A 69 -7.76 -9.48 23.09
CA ARG A 69 -6.80 -10.20 22.27
C ARG A 69 -7.26 -11.58 21.82
N TYR A 70 -8.28 -12.12 22.47
CA TYR A 70 -8.66 -13.50 22.22
C TYR A 70 -10.08 -13.60 21.68
N ILE A 71 -10.51 -12.54 20.98
CA ILE A 71 -11.77 -12.48 20.30
C ILE A 71 -11.56 -11.98 18.86
N LYS A 72 -11.77 -12.85 17.84
CA LYS A 72 -11.57 -12.44 16.47
C LYS A 72 -12.58 -11.39 16.06
N GLN A 73 -12.15 -10.33 15.43
CA GLN A 73 -13.03 -9.26 14.91
C GLN A 73 -14.17 -9.79 13.98
N LEU A 74 -13.81 -10.66 13.06
CA LEU A 74 -14.70 -11.12 12.04
C LEU A 74 -15.25 -12.53 12.27
N GLY A 75 -14.98 -13.10 13.46
CA GLY A 75 -15.53 -14.40 13.83
C GLY A 75 -15.15 -15.51 12.83
N GLY A 76 -16.15 -16.17 12.30
CA GLY A 76 -15.98 -17.20 11.29
C GLY A 76 -15.48 -16.76 9.93
N GLY A 77 -15.44 -15.45 9.67
CA GLY A 77 -14.78 -14.93 8.48
C GLY A 77 -13.32 -15.33 8.35
N TYR A 78 -12.60 -15.58 9.44
CA TYR A 78 -11.21 -16.09 9.37
C TYR A 78 -11.13 -17.42 8.67
N TYR A 79 -12.21 -18.21 8.75
CA TYR A 79 -12.26 -19.50 8.08
C TYR A 79 -12.57 -19.39 6.57
N VAL A 80 -12.78 -18.18 6.03
CA VAL A 80 -12.94 -17.96 4.60
C VAL A 80 -11.84 -17.01 4.03
N PHE A 81 -11.50 -16.00 4.82
CA PHE A 81 -10.45 -15.03 4.48
C PHE A 81 -9.30 -15.24 5.44
N PRO A 82 -8.26 -15.98 5.02
CA PRO A 82 -7.19 -16.32 5.97
C PRO A 82 -6.35 -15.18 6.49
N GLY A 83 -6.40 -14.04 5.84
CA GLY A 83 -5.82 -12.82 6.40
C GLY A 83 -6.53 -12.23 7.59
N ALA A 84 -7.81 -12.53 7.76
CA ALA A 84 -8.63 -11.99 8.85
C ALA A 84 -8.38 -12.65 10.23
N SER A 85 -7.13 -12.58 10.67
CA SER A 85 -6.72 -13.13 11.96
C SER A 85 -6.87 -12.04 13.08
N HIS A 86 -7.16 -10.79 12.70
CA HIS A 86 -7.22 -9.71 13.67
C HIS A 86 -8.31 -9.86 14.74
N ASN A 87 -7.95 -9.40 15.94
CA ASN A 87 -8.76 -9.45 17.12
C ASN A 87 -9.32 -8.07 17.53
N ARG A 88 -10.32 -8.09 18.42
CA ARG A 88 -10.96 -6.85 18.90
C ARG A 88 -10.03 -5.87 19.61
N PHE A 89 -8.96 -6.39 20.18
CA PHE A 89 -7.97 -5.60 20.93
C PHE A 89 -7.39 -4.43 20.08
N GLU A 90 -6.78 -4.78 18.98
CA GLU A 90 -6.14 -3.83 18.11
C GLU A 90 -7.19 -2.88 17.46
N HIS A 91 -8.39 -3.39 17.21
CA HIS A 91 -9.46 -2.54 16.70
C HIS A 91 -9.80 -1.43 17.74
N SER A 92 -9.91 -1.82 19.00
CA SER A 92 -10.17 -0.89 20.11
C SER A 92 -9.12 0.21 20.25
N LEU A 93 -7.85 -0.15 20.14
CA LEU A 93 -6.78 0.87 20.13
C LEU A 93 -6.95 1.89 19.03
N GLY A 94 -7.37 1.41 17.87
CA GLY A 94 -7.57 2.30 16.71
C GLY A 94 -8.76 3.20 16.86
N VAL A 95 -9.84 2.70 17.48
CA VAL A 95 -11.01 3.52 17.73
C VAL A 95 -10.71 4.61 18.75
N GLY A 96 -9.94 4.27 19.77
CA GLY A 96 -9.43 5.23 20.76
C GLY A 96 -8.58 6.28 20.15
N TYR A 97 -7.66 5.86 19.31
CA TYR A 97 -6.80 6.84 18.60
C TYR A 97 -7.63 7.78 17.74
N LEU A 98 -8.51 7.24 16.91
CA LEU A 98 -9.27 8.07 15.99
C LEU A 98 -10.24 9.04 16.70
N ALA A 99 -10.85 8.58 17.80
CA ALA A 99 -11.65 9.46 18.61
C ALA A 99 -10.90 10.69 19.08
N GLY A 100 -9.67 10.45 19.53
CA GLY A 100 -8.73 11.50 19.88
C GLY A 100 -8.35 12.42 18.74
N CYS A 101 -8.12 11.87 17.58
CA CYS A 101 -7.82 12.67 16.37
C CYS A 101 -8.93 13.65 16.08
N LEU A 102 -10.17 13.18 16.12
CA LEU A 102 -11.28 14.01 15.73
C LEU A 102 -11.51 15.10 16.80
N VAL A 103 -11.53 14.74 18.07
CA VAL A 103 -11.76 15.71 19.10
C VAL A 103 -10.63 16.75 19.12
N HIS A 104 -9.38 16.32 19.01
CA HIS A 104 -8.26 17.27 18.91
C HIS A 104 -8.36 18.24 17.70
N ALA A 105 -8.74 17.73 16.55
CA ALA A 105 -8.86 18.55 15.35
C ALA A 105 -9.94 19.59 15.49
N LEU A 106 -11.10 19.23 16.04
CA LEU A 106 -12.18 20.21 16.27
C LEU A 106 -11.72 21.31 17.25
N GLY A 107 -10.95 20.92 18.29
CA GLY A 107 -10.45 21.88 19.28
C GLY A 107 -9.43 22.85 18.77
N GLU A 108 -8.54 22.40 17.93
CA GLU A 108 -7.57 23.29 17.28
C GLU A 108 -8.26 24.24 16.36
N LYS A 109 -9.13 23.77 15.46
CA LYS A 109 -9.87 24.65 14.52
C LYS A 109 -10.84 25.64 15.16
N GLN A 110 -11.44 25.27 16.28
CA GLN A 110 -12.49 26.06 16.95
C GLN A 110 -12.28 26.09 18.48
N PRO A 111 -11.29 26.89 18.96
CA PRO A 111 -11.10 27.06 20.42
C PRO A 111 -12.29 27.58 21.17
N GLU A 112 -13.17 28.28 20.50
CA GLU A 112 -14.42 28.74 21.09
C GLU A 112 -15.34 27.62 21.60
N LEU A 113 -15.06 26.35 21.27
CA LEU A 113 -15.84 25.25 21.80
C LEU A 113 -15.44 24.86 23.22
N GLN A 114 -14.33 25.35 23.71
CA GLN A 114 -13.83 25.09 25.08
C GLN A 114 -13.60 23.61 25.37
N ILE A 115 -13.07 22.84 24.42
CA ILE A 115 -12.77 21.45 24.64
C ILE A 115 -11.60 21.35 25.60
N SER A 116 -11.78 20.73 26.76
CA SER A 116 -10.71 20.55 27.76
C SER A 116 -9.93 19.22 27.60
N GLU A 117 -8.75 19.13 28.20
CA GLU A 117 -8.03 17.87 28.38
C GLU A 117 -8.96 16.78 28.96
N ARG A 118 -9.81 17.13 29.87
CA ARG A 118 -10.83 16.20 30.40
C ARG A 118 -11.72 15.57 29.34
N ASP A 119 -12.24 16.41 28.44
CA ASP A 119 -13.09 15.95 27.33
C ASP A 119 -12.34 14.99 26.42
N VAL A 120 -11.13 15.35 26.08
CA VAL A 120 -10.31 14.59 25.20
C VAL A 120 -10.10 13.19 25.79
N LEU A 121 -9.69 13.14 27.05
CA LEU A 121 -9.46 11.86 27.69
C LEU A 121 -10.73 10.99 27.81
N CYS A 122 -11.86 11.64 28.13
CA CYS A 122 -13.12 10.93 28.18
C CYS A 122 -13.61 10.36 26.86
N VAL A 123 -13.36 11.08 25.78
CA VAL A 123 -13.77 10.59 24.45
C VAL A 123 -12.84 9.47 24.04
N GLN A 124 -11.55 9.59 24.31
CA GLN A 124 -10.61 8.49 24.01
C GLN A 124 -10.92 7.22 24.77
N ILE A 125 -11.27 7.36 26.04
CA ILE A 125 -11.60 6.14 26.86
C ILE A 125 -12.84 5.44 26.33
N ALA A 126 -13.85 6.21 25.97
CA ALA A 126 -15.05 5.63 25.35
C ALA A 126 -14.71 4.95 24.04
N GLY A 127 -13.87 5.58 23.24
CA GLY A 127 -13.35 4.94 22.03
C GLY A 127 -12.66 3.64 22.27
N LEU A 128 -11.79 3.60 23.24
CA LEU A 128 -11.06 2.37 23.67
C LEU A 128 -11.98 1.28 24.19
N CYS A 129 -13.06 1.64 24.85
CA CYS A 129 -13.86 0.74 25.63
C CYS A 129 -15.16 0.29 25.02
N ARG A 130 -15.50 0.80 23.86
CA ARG A 130 -16.80 0.39 23.25
C ARG A 130 -16.83 -0.97 22.59
N ASN A 131 -15.76 -1.70 22.60
CA ASN A 131 -15.74 -3.14 22.21
C ASN A 131 -15.60 -4.11 23.41
N LEU A 132 -15.56 -3.63 24.66
CA LEU A 132 -15.35 -4.53 25.80
C LEU A 132 -16.39 -5.65 25.92
N GLY A 133 -17.63 -5.39 25.47
CA GLY A 133 -18.72 -6.31 25.64
C GLY A 133 -18.86 -7.43 24.62
N HIS A 134 -18.01 -7.45 23.60
CA HIS A 134 -18.09 -8.52 22.58
C HIS A 134 -17.72 -9.88 23.21
N GLY A 135 -18.34 -10.92 22.66
CA GLY A 135 -18.14 -12.28 23.11
C GLY A 135 -17.38 -13.09 22.13
N PRO A 136 -17.12 -14.37 22.44
CA PRO A 136 -16.46 -15.30 21.48
C PRO A 136 -16.92 -15.13 20.03
N PHE A 137 -16.00 -14.98 19.13
CA PHE A 137 -16.29 -14.79 17.68
C PHE A 137 -17.16 -13.57 17.35
N SER A 138 -17.10 -12.56 18.23
CA SER A 138 -17.77 -11.28 18.04
C SER A 138 -19.25 -11.46 17.65
N HIS A 139 -19.63 -11.17 16.40
CA HIS A 139 -21.05 -11.11 16.04
C HIS A 139 -21.75 -12.43 16.04
N MET A 140 -21.02 -13.52 15.96
CA MET A 140 -21.57 -14.85 16.26
C MET A 140 -22.31 -14.88 17.61
N PHE A 141 -21.70 -14.27 18.63
CA PHE A 141 -22.16 -14.39 19.99
C PHE A 141 -23.39 -13.54 20.29
N ASP A 142 -23.34 -12.24 19.97
CA ASP A 142 -24.53 -11.40 20.14
C ASP A 142 -25.57 -11.55 19.07
N GLY A 143 -25.18 -11.95 17.86
CA GLY A 143 -26.09 -12.10 16.71
C GLY A 143 -26.78 -13.46 16.56
N ARG A 144 -26.13 -14.55 16.90
CA ARG A 144 -26.73 -15.91 16.69
C ARG A 144 -26.89 -16.66 18.02
N PHE A 145 -25.85 -16.75 18.86
CA PHE A 145 -25.88 -17.62 20.00
C PHE A 145 -26.79 -17.13 21.11
N ILE A 146 -26.54 -15.94 21.62
CA ILE A 146 -27.36 -15.42 22.72
C ILE A 146 -28.88 -15.29 22.39
N PRO A 147 -29.26 -14.86 21.19
CA PRO A 147 -30.66 -14.90 20.80
C PRO A 147 -31.34 -16.24 20.87
N LEU A 148 -30.66 -17.33 20.46
CA LEU A 148 -31.22 -18.68 20.60
C LEU A 148 -31.13 -19.24 22.01
N ALA A 149 -30.05 -18.92 22.75
CA ALA A 149 -29.80 -19.51 24.06
C ALA A 149 -30.51 -18.80 25.21
N ARG A 150 -30.62 -17.48 25.08
CA ARG A 150 -31.33 -16.63 26.04
C ARG A 150 -32.30 -15.69 25.28
N PRO A 151 -33.32 -16.28 24.60
CA PRO A 151 -34.31 -15.44 23.88
C PRO A 151 -35.10 -14.45 24.79
N GLU A 152 -35.25 -14.76 26.08
CA GLU A 152 -35.87 -13.87 27.06
C GLU A 152 -35.14 -12.54 27.37
N VAL A 153 -33.81 -12.56 27.43
CA VAL A 153 -33.04 -11.35 27.80
C VAL A 153 -32.83 -10.51 26.56
N LYS A 154 -32.65 -9.20 26.74
CA LYS A 154 -32.42 -8.30 25.59
C LYS A 154 -30.97 -7.80 25.66
N TRP A 155 -30.12 -8.43 24.90
CA TRP A 155 -28.65 -8.35 25.10
C TRP A 155 -28.04 -7.69 23.90
N THR A 156 -27.10 -6.77 24.13
CA THR A 156 -26.32 -6.16 23.07
C THR A 156 -24.88 -6.06 23.51
N HIS A 157 -23.95 -5.96 22.55
CA HIS A 157 -22.56 -5.70 22.88
C HIS A 157 -22.39 -4.35 23.61
N GLU A 158 -23.23 -3.38 23.30
CA GLU A 158 -23.19 -2.05 23.92
C GLU A 158 -23.44 -2.13 25.43
N GLN A 159 -24.52 -2.79 25.86
CA GLN A 159 -24.71 -2.98 27.32
C GLN A 159 -23.57 -3.72 27.94
N GLY A 160 -23.13 -4.78 27.28
CA GLY A 160 -21.98 -5.57 27.73
C GLY A 160 -20.71 -4.71 27.95
N SER A 161 -20.47 -3.78 27.03
CA SER A 161 -19.33 -2.90 27.14
C SER A 161 -19.42 -1.99 28.35
N VAL A 162 -20.61 -1.42 28.57
CA VAL A 162 -20.88 -0.64 29.76
C VAL A 162 -20.63 -1.41 31.08
N MET A 163 -21.18 -2.60 31.15
CA MET A 163 -21.06 -3.46 32.38
C MET A 163 -19.61 -3.88 32.58
N MET A 164 -18.95 -4.26 31.48
CA MET A 164 -17.56 -4.68 31.52
C MET A 164 -16.67 -3.47 31.87
N PHE A 165 -17.06 -2.29 31.42
CA PHE A 165 -16.32 -1.05 31.76
C PHE A 165 -16.41 -0.73 33.29
N GLU A 166 -17.61 -0.82 33.85
CA GLU A 166 -17.83 -0.69 35.30
C GLU A 166 -16.92 -1.70 36.06
N HIS A 167 -16.97 -2.96 35.64
CA HIS A 167 -16.16 -3.99 36.28
C HIS A 167 -14.65 -3.65 36.18
N LEU A 168 -14.22 -3.18 35.00
CA LEU A 168 -12.82 -2.83 34.78
C LEU A 168 -12.35 -1.73 35.76
N ILE A 169 -13.16 -0.70 35.90
CA ILE A 169 -12.87 0.43 36.76
C ILE A 169 -12.79 0.05 38.24
N ASN A 170 -13.76 -0.72 38.70
CA ASN A 170 -13.87 -1.09 40.13
C ASN A 170 -12.82 -2.13 40.54
N SER A 171 -12.59 -3.14 39.70
CA SER A 171 -11.58 -4.17 39.96
C SER A 171 -10.11 -3.70 39.92
N ASN A 172 -9.80 -2.60 39.27
CA ASN A 172 -8.40 -2.22 39.02
C ASN A 172 -8.00 -0.84 39.60
N GLY A 173 -8.80 -0.27 40.48
CA GLY A 173 -8.46 0.99 41.12
C GLY A 173 -8.27 2.18 40.18
N ILE A 174 -9.05 2.27 39.11
CA ILE A 174 -8.96 3.33 38.12
C ILE A 174 -9.51 4.70 38.59
N LYS A 175 -10.52 4.75 39.46
CA LYS A 175 -11.06 6.05 39.96
C LYS A 175 -10.00 7.02 40.55
N PRO A 176 -9.13 6.55 41.46
CA PRO A 176 -8.03 7.44 41.92
C PRO A 176 -7.08 7.92 40.84
N VAL A 177 -6.82 7.06 39.86
CA VAL A 177 -5.95 7.44 38.72
C VAL A 177 -6.65 8.48 37.81
N MET A 178 -7.94 8.35 37.60
CA MET A 178 -8.71 9.40 36.93
C MET A 178 -8.60 10.77 37.62
N GLU A 179 -8.76 10.77 38.94
CA GLU A 179 -8.66 11.97 39.79
C GLU A 179 -7.30 12.62 39.65
N GLN A 180 -6.27 11.77 39.67
CA GLN A 180 -4.90 12.20 39.52
C GLN A 180 -4.70 13.05 38.28
N TYR A 181 -5.38 12.73 37.19
CA TYR A 181 -5.26 13.46 35.91
C TYR A 181 -6.39 14.46 35.64
N GLY A 182 -7.10 14.86 36.69
CA GLY A 182 -8.08 15.91 36.64
C GLY A 182 -9.45 15.51 36.15
N LEU A 183 -9.73 14.21 36.00
CA LEU A 183 -11.08 13.79 35.74
C LEU A 183 -11.85 13.75 37.09
N ILE A 184 -13.17 13.91 37.01
CA ILE A 184 -14.07 13.81 38.13
C ILE A 184 -14.93 12.56 37.90
N PRO A 185 -14.61 11.44 38.57
CA PRO A 185 -15.25 10.16 38.22
C PRO A 185 -16.78 10.09 38.15
N GLU A 186 -17.48 10.84 38.97
CA GLU A 186 -18.96 10.77 38.98
C GLU A 186 -19.54 11.22 37.61
N GLU A 187 -19.22 12.45 37.21
CA GLU A 187 -19.57 13.04 35.91
C GLU A 187 -18.97 12.29 34.71
N ASP A 188 -17.67 12.01 34.77
CA ASP A 188 -16.93 11.51 33.63
C ASP A 188 -17.18 10.02 33.26
N ILE A 189 -17.32 9.18 34.27
CA ILE A 189 -17.77 7.79 34.04
C ILE A 189 -19.15 7.79 33.46
N CYS A 190 -20.02 8.69 33.89
CA CYS A 190 -21.36 8.82 33.30
C CYS A 190 -21.23 9.20 31.81
N PHE A 191 -20.38 10.18 31.53
CA PHE A 191 -20.12 10.62 30.17
C PHE A 191 -19.62 9.48 29.25
N ILE A 192 -18.66 8.73 29.73
CA ILE A 192 -18.12 7.65 28.99
C ILE A 192 -19.18 6.57 28.68
N LYS A 193 -19.95 6.18 29.70
CA LYS A 193 -21.03 5.19 29.51
C LYS A 193 -22.09 5.68 28.51
N GLU A 194 -22.44 6.95 28.57
CA GLU A 194 -23.43 7.51 27.66
C GLU A 194 -22.95 7.56 26.22
N GLN A 195 -21.67 7.79 26.02
CA GLN A 195 -21.06 7.69 24.72
C GLN A 195 -21.20 6.28 24.10
N ILE A 196 -21.14 5.25 24.94
CA ILE A 196 -21.20 3.86 24.47
C ILE A 196 -22.64 3.38 24.24
N VAL A 197 -23.51 3.60 25.20
CA VAL A 197 -24.85 2.99 25.14
C VAL A 197 -25.97 4.02 24.91
N GLY A 198 -25.65 5.32 24.93
CA GLY A 198 -26.61 6.38 24.78
C GLY A 198 -27.09 6.81 26.16
N PRO A 199 -28.18 7.61 26.20
CA PRO A 199 -28.81 8.00 27.46
C PRO A 199 -29.17 6.80 28.33
N LEU A 200 -28.91 6.92 29.63
CA LEU A 200 -29.20 5.86 30.61
C LEU A 200 -30.67 5.76 31.12
N LEU A 208 -36.26 18.24 25.80
CA LEU A 208 -35.44 17.82 26.92
C LEU A 208 -34.01 17.46 26.34
N TRP A 209 -33.00 17.76 27.14
CA TRP A 209 -31.59 17.29 26.90
C TRP A 209 -31.38 16.02 27.72
N PRO A 210 -31.31 14.83 27.06
CA PRO A 210 -31.30 13.52 27.76
C PRO A 210 -30.04 13.10 28.51
N TYR A 211 -28.94 13.80 28.37
CA TYR A 211 -27.65 13.34 28.89
C TYR A 211 -27.28 14.12 30.14
N LYS A 212 -26.59 13.46 31.06
CA LYS A 212 -26.06 14.05 32.30
C LYS A 212 -24.54 14.26 32.30
N GLY A 213 -23.81 13.51 31.49
CA GLY A 213 -22.36 13.58 31.52
C GLY A 213 -21.81 14.89 30.99
N ARG A 214 -22.46 15.49 29.99
CA ARG A 214 -22.10 16.81 29.53
C ARG A 214 -23.31 17.64 29.17
N PRO A 215 -23.21 18.98 29.27
CA PRO A 215 -24.33 19.84 28.80
C PRO A 215 -24.44 19.95 27.27
N GLU A 216 -25.47 20.64 26.80
CA GLU A 216 -25.72 20.73 25.37
C GLU A 216 -24.76 21.55 24.54
N ASN A 217 -23.97 22.41 25.18
CA ASN A 217 -22.86 23.12 24.48
C ASN A 217 -21.70 22.18 24.04
N LYS A 218 -21.64 20.98 24.64
CA LYS A 218 -20.75 19.89 24.27
C LYS A 218 -21.46 18.71 23.55
N SER A 219 -22.65 18.95 23.03
CA SER A 219 -23.46 17.98 22.31
C SER A 219 -22.69 17.23 21.22
N PHE A 220 -21.87 17.98 20.49
CA PHE A 220 -21.04 17.44 19.42
C PHE A 220 -20.14 16.28 19.85
N LEU A 221 -19.79 16.19 21.13
CA LEU A 221 -18.89 15.13 21.63
C LEU A 221 -19.49 13.77 21.63
N TYR A 222 -20.80 13.71 21.71
CA TYR A 222 -21.56 12.45 21.62
C TYR A 222 -21.67 11.86 20.21
N GLU A 223 -21.20 12.63 19.21
CA GLU A 223 -21.21 12.21 17.85
C GLU A 223 -19.92 11.51 17.38
N ILE A 224 -18.90 11.39 18.25
CA ILE A 224 -17.58 10.91 17.83
C ILE A 224 -17.47 9.36 17.85
N VAL A 225 -17.77 8.74 18.99
CA VAL A 225 -17.46 7.36 19.22
C VAL A 225 -18.54 6.40 18.71
N SER A 226 -19.76 6.75 19.03
CA SER A 226 -20.91 5.99 18.67
C SER A 226 -22.09 6.94 18.39
N ASN A 227 -22.28 7.21 17.11
CA ASN A 227 -23.13 8.31 16.61
C ASN A 227 -24.52 7.75 16.39
N LYS A 228 -25.42 8.06 17.28
CA LYS A 228 -26.79 7.54 17.23
C LYS A 228 -27.60 8.41 16.29
N ARG A 229 -27.13 9.58 15.89
CA ARG A 229 -27.91 10.42 15.00
C ARG A 229 -27.90 9.83 13.55
N ASN A 230 -26.72 9.48 13.04
CA ASN A 230 -26.59 9.02 11.66
C ASN A 230 -25.58 7.88 11.38
N GLY A 231 -24.96 7.39 12.45
CA GLY A 231 -23.93 6.34 12.29
C GLY A 231 -22.55 6.71 11.73
N ILE A 232 -22.28 7.98 11.57
CA ILE A 232 -20.99 8.45 11.05
C ILE A 232 -20.07 8.66 12.25
N ASP A 233 -19.26 7.64 12.55
CA ASP A 233 -18.41 7.63 13.68
C ASP A 233 -17.08 6.94 13.44
N VAL A 234 -16.19 7.12 14.40
CA VAL A 234 -14.82 6.67 14.26
C VAL A 234 -14.68 5.17 14.41
N ASP A 235 -15.66 4.51 15.00
CA ASP A 235 -15.67 3.06 15.04
C ASP A 235 -15.69 2.47 13.63
N LYS A 236 -16.61 2.96 12.80
CA LYS A 236 -16.66 2.56 11.37
C LYS A 236 -15.36 2.83 10.67
N TRP A 237 -14.75 3.97 10.95
CA TRP A 237 -13.59 4.32 10.16
C TRP A 237 -12.43 3.36 10.45
N ASP A 238 -12.26 2.94 11.70
CA ASP A 238 -11.19 2.05 11.98
C ASP A 238 -11.45 0.66 11.36
N TYR A 239 -12.67 0.13 11.50
CA TYR A 239 -12.94 -1.20 10.92
C TYR A 239 -12.90 -1.26 9.41
N PHE A 240 -13.31 -0.19 8.71
CA PHE A 240 -13.13 -0.11 7.26
C PHE A 240 -11.69 -0.36 6.89
N ALA A 241 -10.80 0.42 7.48
CA ALA A 241 -9.37 0.42 7.15
C ALA A 241 -8.70 -0.88 7.60
N ARG A 242 -9.02 -1.33 8.81
CA ARG A 242 -8.41 -2.52 9.38
C ARG A 242 -8.94 -3.79 8.74
N ASP A 243 -10.27 -3.92 8.62
CA ASP A 243 -10.81 -5.13 8.01
C ASP A 243 -10.27 -5.26 6.57
N CYS A 244 -10.24 -4.17 5.81
CA CYS A 244 -9.73 -4.20 4.43
C CYS A 244 -8.26 -4.62 4.30
N HIS A 245 -7.42 -4.08 5.15
CA HIS A 245 -6.02 -4.46 5.27
C HIS A 245 -5.84 -5.98 5.42
N HIS A 246 -6.69 -6.57 6.26
CA HIS A 246 -6.61 -7.95 6.55
C HIS A 246 -7.33 -8.86 5.58
N LEU A 247 -8.44 -8.40 5.01
CA LEU A 247 -9.24 -9.24 4.16
C LEU A 247 -8.65 -9.35 2.76
N GLY A 248 -7.84 -8.38 2.34
CA GLY A 248 -7.38 -8.29 0.95
C GLY A 248 -8.39 -7.66 -0.01
N ILE A 249 -9.14 -6.68 0.47
CA ILE A 249 -10.11 -5.90 -0.27
C ILE A 249 -9.75 -4.48 0.09
N GLN A 250 -9.89 -3.55 -0.85
CA GLN A 250 -9.28 -2.26 -0.66
C GLN A 250 -10.37 -1.19 -0.17
N ASN A 251 -9.92 -0.35 0.79
CA ASN A 251 -10.80 0.67 1.36
C ASN A 251 -11.00 1.94 0.48
N ASN A 252 -12.21 2.26 0.11
CA ASN A 252 -12.53 3.41 -0.78
C ASN A 252 -12.73 4.75 0.03
N PHE A 253 -12.93 4.68 1.32
CA PHE A 253 -13.32 5.85 2.12
C PHE A 253 -12.13 6.54 2.80
N ASP A 254 -12.03 7.88 2.61
CA ASP A 254 -10.96 8.66 3.23
C ASP A 254 -11.42 9.43 4.52
N TYR A 255 -11.21 8.83 5.69
CA TYR A 255 -11.59 9.43 6.97
C TYR A 255 -10.72 10.60 7.38
N LYS A 256 -9.48 10.63 6.92
CA LYS A 256 -8.67 11.81 7.22
C LYS A 256 -9.17 13.05 6.48
N ARG A 257 -9.67 12.88 5.27
CA ARG A 257 -10.24 13.99 4.54
C ARG A 257 -11.46 14.49 5.28
N PHE A 258 -12.32 13.56 5.72
CA PHE A 258 -13.47 13.91 6.48
C PHE A 258 -13.13 14.74 7.73
N ILE A 259 -12.14 14.31 8.51
CA ILE A 259 -11.72 15.04 9.72
C ILE A 259 -11.26 16.44 9.38
N LYS A 260 -10.47 16.62 8.33
CA LYS A 260 -10.11 17.98 7.95
C LYS A 260 -11.27 18.93 7.63
N PHE A 261 -12.33 18.41 7.04
CA PHE A 261 -13.48 19.21 6.63
C PHE A 261 -14.55 19.34 7.72
N ALA A 262 -14.40 18.69 8.86
CA ALA A 262 -15.39 18.71 9.89
C ALA A 262 -15.37 19.99 10.71
N ARG A 263 -16.56 20.48 11.05
CA ARG A 263 -16.76 21.72 11.81
C ARG A 263 -17.95 21.55 12.77
N VAL A 264 -17.93 22.28 13.90
CA VAL A 264 -19.08 22.36 14.77
C VAL A 264 -19.88 23.60 14.47
N CYS A 265 -21.19 23.42 14.28
CA CYS A 265 -22.17 24.50 14.00
C CYS A 265 -23.41 24.32 14.83
N GLU A 266 -24.15 25.41 15.09
CA GLU A 266 -25.43 25.33 15.80
C GLU A 266 -26.54 24.79 14.92
N VAL A 267 -27.26 23.80 15.42
CA VAL A 267 -28.46 23.23 14.76
C VAL A 267 -29.45 23.02 15.87
N ASP A 268 -30.59 23.74 15.80
CA ASP A 268 -31.68 23.66 16.82
C ASP A 268 -31.17 23.81 18.25
N ASN A 269 -30.36 24.83 18.52
CA ASN A 269 -29.85 25.09 19.89
C ASN A 269 -28.95 23.98 20.52
N GLU A 270 -28.40 23.11 19.65
CA GLU A 270 -27.39 22.12 19.98
C GLU A 270 -26.21 22.42 19.05
N LEU A 271 -25.02 22.36 19.62
CA LEU A 271 -23.78 22.37 18.81
C LEU A 271 -23.51 20.95 18.25
N ARG A 272 -23.46 20.81 16.94
CA ARG A 272 -23.23 19.50 16.28
C ARG A 272 -22.12 19.49 15.29
N ILE A 273 -21.55 18.32 15.01
CA ILE A 273 -20.55 18.17 13.95
C ILE A 273 -21.21 18.28 12.56
N CYS A 274 -20.69 19.16 11.71
CA CYS A 274 -21.18 19.36 10.36
C CYS A 274 -20.10 19.06 9.31
N ALA A 275 -20.52 18.43 8.21
CA ALA A 275 -19.65 18.18 7.06
C ALA A 275 -19.76 19.31 6.06
N ARG A 276 -18.73 19.44 5.23
CA ARG A 276 -18.73 20.40 4.13
C ARG A 276 -19.70 19.96 3.06
N ASP A 277 -20.48 20.91 2.52
CA ASP A 277 -21.48 20.63 1.51
C ASP A 277 -21.02 19.68 0.41
N LYS A 278 -19.91 20.00 -0.26
CA LYS A 278 -19.48 19.21 -1.39
C LYS A 278 -18.93 17.81 -1.02
N GLU A 279 -18.73 17.51 0.26
CA GLU A 279 -18.35 16.21 0.72
C GLU A 279 -19.49 15.17 0.84
N VAL A 280 -20.71 15.60 0.56
CA VAL A 280 -21.90 14.73 0.66
C VAL A 280 -21.83 13.44 -0.18
N GLY A 281 -21.33 13.50 -1.42
CA GLY A 281 -21.09 12.29 -2.23
C GLY A 281 -20.15 11.29 -1.59
N ASN A 282 -19.12 11.75 -0.84
CA ASN A 282 -18.23 10.87 -0.14
C ASN A 282 -18.97 10.15 1.01
N LEU A 283 -19.94 10.81 1.61
CA LEU A 283 -20.79 10.17 2.66
C LEU A 283 -21.73 9.08 2.15
N TYR A 284 -22.40 9.33 1.02
CA TYR A 284 -23.13 8.29 0.31
C TYR A 284 -22.21 7.12 0.01
N ASP A 285 -21.03 7.44 -0.50
CA ASP A 285 -20.00 6.42 -0.73
C ASP A 285 -19.58 5.66 0.51
N MET A 286 -19.52 6.34 1.65
CA MET A 286 -19.16 5.67 2.89
C MET A 286 -20.11 4.50 3.19
N PHE A 287 -21.40 4.77 3.04
CA PHE A 287 -22.42 3.77 3.31
C PHE A 287 -22.47 2.68 2.23
N HIS A 288 -22.20 3.06 0.98
CA HIS A 288 -22.07 2.12 -0.11
C HIS A 288 -20.97 1.11 0.18
N THR A 289 -19.85 1.61 0.67
CA THR A 289 -18.71 0.77 1.03
C THR A 289 -19.05 -0.17 2.20
N ARG A 290 -19.70 0.32 3.22
CA ARG A 290 -20.17 -0.56 4.32
C ARG A 290 -21.06 -1.73 3.77
N ASN A 291 -21.99 -1.39 2.89
CA ASN A 291 -22.84 -2.39 2.29
C ASN A 291 -22.05 -3.40 1.43
N SER A 292 -21.09 -2.91 0.66
CA SER A 292 -20.17 -3.76 -0.10
C SER A 292 -19.39 -4.70 0.75
N LEU A 293 -18.91 -4.23 1.87
CA LEU A 293 -18.13 -5.09 2.81
C LEU A 293 -19.00 -6.18 3.44
N HIS A 294 -20.24 -5.82 3.78
CA HIS A 294 -21.17 -6.82 4.23
C HIS A 294 -21.46 -7.88 3.12
N ARG A 295 -21.66 -7.45 1.90
CA ARG A 295 -21.90 -8.37 0.83
C ARG A 295 -20.71 -9.29 0.49
N ARG A 296 -19.49 -8.78 0.47
CA ARG A 296 -18.38 -9.59 0.07
C ARG A 296 -17.82 -10.44 1.19
N ALA A 297 -17.78 -9.89 2.39
CA ALA A 297 -17.05 -10.46 3.52
C ALA A 297 -17.92 -10.79 4.72
N TYR A 298 -18.56 -9.81 5.33
CA TYR A 298 -19.09 -10.03 6.66
C TYR A 298 -20.32 -10.96 6.64
N GLN A 299 -21.05 -10.99 5.52
CA GLN A 299 -22.14 -11.94 5.31
C GLN A 299 -21.82 -12.99 4.29
N HIS A 300 -20.53 -13.28 4.05
CA HIS A 300 -20.14 -14.37 3.17
C HIS A 300 -20.90 -15.64 3.57
N LYS A 301 -21.45 -16.33 2.57
CA LYS A 301 -22.34 -17.47 2.76
C LYS A 301 -21.70 -18.60 3.57
N VAL A 302 -20.43 -18.86 3.34
CA VAL A 302 -19.69 -19.92 4.08
C VAL A 302 -19.24 -19.41 5.42
N GLY A 303 -18.78 -18.15 5.50
CA GLY A 303 -18.46 -17.56 6.80
C GLY A 303 -19.63 -17.64 7.80
N ASN A 304 -20.81 -17.30 7.33
CA ASN A 304 -22.05 -17.38 8.13
C ASN A 304 -22.39 -18.81 8.55
N ILE A 305 -22.17 -19.76 7.68
CA ILE A 305 -22.54 -21.10 8.00
C ILE A 305 -21.57 -21.65 8.99
N ILE A 306 -20.32 -21.25 8.89
CA ILE A 306 -19.31 -21.58 9.90
C ILE A 306 -19.71 -21.03 11.30
N ASP A 307 -20.08 -19.78 11.35
CA ASP A 307 -20.63 -19.15 12.58
C ASP A 307 -21.85 -19.92 13.14
N THR A 308 -22.71 -20.43 12.25
CA THR A 308 -23.87 -21.18 12.66
C THR A 308 -23.49 -22.52 13.21
N MET A 309 -22.51 -23.19 12.58
CA MET A 309 -22.00 -24.48 13.11
C MET A 309 -21.37 -24.32 14.48
N ILE A 310 -20.59 -23.26 14.67
CA ILE A 310 -19.99 -22.97 15.97
C ILE A 310 -21.09 -22.68 17.00
N THR A 311 -22.12 -21.96 16.59
CA THR A 311 -23.24 -21.68 17.46
C THR A 311 -23.90 -22.99 17.93
N ASP A 312 -24.12 -23.90 17.00
CA ASP A 312 -24.67 -25.22 17.28
C ASP A 312 -23.83 -25.98 18.22
N ALA A 313 -22.53 -25.95 18.03
CA ALA A 313 -21.60 -26.64 18.97
C ALA A 313 -21.68 -26.01 20.34
N PHE A 314 -21.77 -24.70 20.44
CA PHE A 314 -21.86 -24.03 21.75
C PHE A 314 -23.20 -24.35 22.43
N LEU A 315 -24.29 -24.47 21.68
CA LEU A 315 -25.58 -24.89 22.24
C LEU A 315 -25.53 -26.31 22.83
N LYS A 316 -24.90 -27.23 22.13
CA LYS A 316 -24.70 -28.60 22.62
C LYS A 316 -23.74 -28.71 23.79
N ALA A 317 -22.82 -27.78 23.93
CA ALA A 317 -21.82 -27.78 25.02
C ALA A 317 -22.27 -27.03 26.27
N ASP A 318 -23.33 -26.23 26.13
CA ASP A 318 -23.79 -25.33 27.15
C ASP A 318 -24.17 -26.00 28.51
N ASP A 319 -24.65 -27.21 28.46
CA ASP A 319 -24.93 -28.00 29.66
C ASP A 319 -23.71 -28.46 30.44
N TYR A 320 -22.55 -28.51 29.82
CA TYR A 320 -21.39 -29.19 30.40
C TYR A 320 -20.25 -28.28 30.76
N ILE A 321 -20.03 -27.16 30.05
CA ILE A 321 -18.89 -26.29 30.28
C ILE A 321 -19.21 -25.36 31.45
N GLU A 322 -18.30 -25.26 32.40
CA GLU A 322 -18.52 -24.46 33.65
C GLU A 322 -17.42 -23.42 33.77
N ILE A 323 -17.78 -22.18 34.02
CA ILE A 323 -16.88 -21.05 34.06
C ILE A 323 -17.02 -20.39 35.44
N THR A 324 -15.91 -20.17 36.13
CA THR A 324 -15.94 -19.64 37.47
C THR A 324 -15.97 -18.11 37.43
N GLY A 325 -16.97 -17.53 38.09
CA GLY A 325 -17.13 -16.11 38.29
C GLY A 325 -16.94 -15.73 39.75
N ALA A 326 -17.61 -14.67 40.17
CA ALA A 326 -17.37 -14.06 41.48
C ALA A 326 -17.92 -14.94 42.59
N GLY A 327 -17.19 -14.91 43.72
CA GLY A 327 -17.49 -15.77 44.87
C GLY A 327 -17.37 -17.25 44.54
N GLY A 328 -16.66 -17.66 43.49
CA GLY A 328 -16.66 -19.06 43.06
C GLY A 328 -17.96 -19.60 42.46
N LYS A 329 -18.97 -18.76 42.21
CA LYS A 329 -20.19 -19.23 41.50
C LYS A 329 -19.86 -19.73 40.09
N LYS A 330 -20.47 -20.85 39.68
CA LYS A 330 -20.26 -21.45 38.36
C LYS A 330 -21.27 -20.93 37.32
N TYR A 331 -20.79 -20.63 36.15
CA TYR A 331 -21.64 -20.09 35.07
C TYR A 331 -21.45 -20.90 33.84
N ARG A 332 -22.37 -20.71 32.94
CA ARG A 332 -22.49 -21.45 31.71
C ARG A 332 -22.11 -20.50 30.57
N ILE A 333 -21.85 -21.02 29.36
CA ILE A 333 -21.57 -20.15 28.19
C ILE A 333 -22.75 -19.15 28.03
N SER A 334 -23.96 -19.65 28.19
CA SER A 334 -25.15 -18.79 28.12
C SER A 334 -25.36 -17.82 29.27
N THR A 335 -24.83 -18.10 30.43
CA THR A 335 -25.05 -17.26 31.67
C THR A 335 -23.86 -16.42 32.11
N ALA A 336 -22.73 -16.61 31.43
CA ALA A 336 -21.55 -15.83 31.76
C ALA A 336 -21.78 -14.33 31.61
N ILE A 337 -22.67 -13.91 30.72
CA ILE A 337 -23.05 -12.49 30.59
C ILE A 337 -23.70 -11.86 31.86
N ASP A 338 -24.09 -12.68 32.82
CA ASP A 338 -24.70 -12.23 34.05
C ASP A 338 -23.70 -11.96 35.18
N ASP A 339 -22.44 -12.34 35.01
CA ASP A 339 -21.36 -12.00 35.92
C ASP A 339 -20.09 -11.67 35.17
N MET A 340 -19.56 -10.48 35.39
CA MET A 340 -18.44 -9.95 34.58
C MET A 340 -17.10 -10.62 34.83
N GLU A 341 -16.92 -11.18 36.02
CA GLU A 341 -15.78 -11.99 36.32
C GLU A 341 -15.77 -13.26 35.49
N ALA A 342 -16.95 -13.87 35.26
CA ALA A 342 -17.06 -15.00 34.36
C ALA A 342 -16.93 -14.59 32.91
N TYR A 343 -17.51 -13.46 32.56
CA TYR A 343 -17.49 -13.04 31.16
C TYR A 343 -16.05 -12.72 30.70
N THR A 344 -15.26 -12.13 31.60
CA THR A 344 -13.84 -11.94 31.43
C THR A 344 -13.08 -13.17 30.88
N LYS A 345 -13.47 -14.34 31.32
CA LYS A 345 -12.87 -15.60 30.86
C LYS A 345 -13.62 -16.26 29.69
N LEU A 346 -14.58 -15.59 29.08
CA LEU A 346 -15.33 -16.16 27.99
C LEU A 346 -14.84 -15.60 26.65
N THR A 347 -14.01 -16.36 25.94
CA THR A 347 -13.32 -15.95 24.71
C THR A 347 -13.32 -17.08 23.69
N ASP A 348 -12.66 -16.88 22.55
CA ASP A 348 -12.54 -17.89 21.51
C ASP A 348 -11.99 -19.22 21.98
N ASN A 349 -11.22 -19.18 23.08
CA ASN A 349 -10.75 -20.39 23.75
C ASN A 349 -11.81 -21.47 23.95
N ILE A 350 -13.04 -21.09 24.16
CA ILE A 350 -14.19 -22.04 24.24
C ILE A 350 -14.27 -23.01 23.07
N PHE A 351 -14.08 -22.53 21.88
CA PHE A 351 -14.02 -23.36 20.66
C PHE A 351 -12.97 -24.46 20.84
N LEU A 352 -11.77 -24.16 21.32
CA LEU A 352 -10.71 -25.17 21.43
C LEU A 352 -10.87 -26.09 22.65
N GLU A 353 -11.42 -25.57 23.73
CA GLU A 353 -11.79 -26.41 24.83
C GLU A 353 -12.77 -27.52 24.40
N ILE A 354 -13.72 -27.17 23.59
CA ILE A 354 -14.67 -28.14 23.05
C ILE A 354 -13.99 -29.09 22.09
N LEU A 355 -13.27 -28.55 21.12
CA LEU A 355 -12.55 -29.39 20.15
C LEU A 355 -11.61 -30.46 20.74
N TYR A 356 -10.85 -30.06 21.76
CA TYR A 356 -9.85 -30.91 22.40
C TYR A 356 -10.39 -31.70 23.59
N SER A 357 -11.65 -31.51 24.02
CA SER A 357 -12.19 -32.30 25.15
C SER A 357 -12.20 -33.80 24.89
N THR A 358 -12.20 -34.59 25.96
CA THR A 358 -12.40 -36.07 25.84
C THR A 358 -13.66 -36.60 26.55
N ASP A 359 -14.29 -35.73 27.36
CA ASP A 359 -15.54 -36.04 28.06
C ASP A 359 -16.55 -36.57 27.03
N PRO A 360 -17.11 -37.78 27.25
CA PRO A 360 -18.15 -38.22 26.28
C PRO A 360 -19.47 -37.40 26.32
N LYS A 361 -19.69 -36.59 27.37
CA LYS A 361 -20.79 -35.64 27.38
C LYS A 361 -20.66 -34.53 26.36
N LEU A 362 -19.43 -34.21 25.96
CA LEU A 362 -19.15 -33.23 24.91
C LEU A 362 -18.97 -33.80 23.49
N LYS A 363 -19.15 -35.12 23.33
CA LYS A 363 -19.00 -35.74 22.02
C LYS A 363 -19.75 -35.03 20.86
N ASP A 364 -21.02 -34.72 21.06
CA ASP A 364 -21.83 -34.15 20.04
C ASP A 364 -21.40 -32.73 19.62
N ALA A 365 -21.00 -31.92 20.62
CA ALA A 365 -20.46 -30.59 20.37
C ALA A 365 -19.12 -30.71 19.62
N ARG A 366 -18.26 -31.58 20.13
CA ARG A 366 -16.97 -31.87 19.55
C ARG A 366 -17.04 -32.29 18.08
N GLU A 367 -18.01 -33.15 17.73
CA GLU A 367 -18.16 -33.64 16.38
C GLU A 367 -18.51 -32.56 15.37
N ILE A 368 -19.30 -31.58 15.78
CA ILE A 368 -19.62 -30.51 14.90
C ILE A 368 -18.37 -29.66 14.61
N LEU A 369 -17.61 -29.34 15.64
CA LEU A 369 -16.34 -28.64 15.45
C LEU A 369 -15.35 -29.44 14.60
N LYS A 370 -15.37 -30.76 14.72
CA LYS A 370 -14.56 -31.63 13.88
C LYS A 370 -15.01 -31.60 12.41
N GLN A 371 -16.31 -31.51 12.15
CA GLN A 371 -16.81 -31.30 10.80
C GLN A 371 -16.23 -30.02 10.18
N ILE A 372 -16.05 -28.99 10.99
CA ILE A 372 -15.47 -27.75 10.52
C ILE A 372 -13.98 -27.96 10.11
N GLU A 373 -13.18 -28.70 10.90
CA GLU A 373 -11.82 -29.00 10.56
C GLU A 373 -11.68 -29.78 9.26
N TYR A 374 -12.51 -30.78 9.04
CA TYR A 374 -12.48 -31.54 7.78
C TYR A 374 -13.17 -30.86 6.60
N ARG A 375 -13.80 -29.70 6.82
CA ARG A 375 -14.55 -28.96 5.82
C ARG A 375 -15.79 -29.74 5.31
N ASN A 376 -16.38 -30.54 6.16
CA ASN A 376 -17.63 -31.19 5.94
C ASN A 376 -18.73 -30.25 6.50
N LEU A 377 -18.95 -29.17 5.74
CA LEU A 377 -19.84 -28.11 6.18
C LEU A 377 -21.27 -28.31 5.67
N PHE A 378 -22.23 -27.77 6.40
CA PHE A 378 -23.60 -27.63 5.88
C PHE A 378 -23.52 -26.93 4.53
N LYS A 379 -24.31 -27.37 3.57
CA LYS A 379 -24.16 -26.94 2.21
C LYS A 379 -25.15 -25.84 1.86
N TYR A 380 -24.65 -24.85 1.18
CA TYR A 380 -25.38 -23.73 0.61
C TYR A 380 -26.19 -24.23 -0.58
N VAL A 381 -27.49 -23.91 -0.53
CA VAL A 381 -28.43 -24.25 -1.58
C VAL A 381 -28.65 -23.06 -2.48
N GLY A 382 -28.88 -21.88 -1.91
CA GLY A 382 -29.11 -20.64 -2.66
C GLY A 382 -29.60 -19.43 -1.90
N GLU A 383 -29.82 -18.36 -2.66
CA GLU A 383 -30.18 -17.07 -2.10
C GLU A 383 -31.32 -16.51 -2.92
N THR A 384 -32.22 -15.82 -2.24
CA THR A 384 -33.33 -15.13 -2.84
C THR A 384 -33.64 -13.91 -2.01
N GLN A 385 -34.61 -13.11 -2.48
CA GLN A 385 -35.15 -11.94 -1.77
C GLN A 385 -36.66 -11.90 -1.87
N PRO A 386 -37.34 -11.22 -0.90
CA PRO A 386 -38.77 -10.92 -1.12
C PRO A 386 -39.01 -9.82 -2.22
N THR A 387 -40.17 -9.84 -2.81
CA THR A 387 -40.67 -8.97 -3.89
C THR A 387 -41.76 -8.05 -3.30
N GLY A 388 -42.01 -6.93 -3.98
CA GLY A 388 -43.11 -6.03 -3.62
C GLY A 388 -42.83 -5.31 -2.28
N GLN A 389 -43.91 -5.02 -1.58
CA GLN A 389 -43.79 -4.48 -0.19
C GLN A 389 -43.22 -5.56 0.80
N ILE A 390 -43.50 -6.84 0.53
CA ILE A 390 -43.25 -7.98 1.40
C ILE A 390 -41.99 -7.93 2.27
N LYS A 391 -42.19 -7.74 3.57
CA LYS A 391 -41.14 -7.84 4.57
C LYS A 391 -41.40 -9.08 5.44
N ILE A 392 -40.37 -9.90 5.66
CA ILE A 392 -40.45 -11.03 6.59
C ILE A 392 -40.15 -10.62 8.01
N LYS A 393 -41.01 -11.01 8.94
CA LYS A 393 -40.93 -10.60 10.34
C LYS A 393 -40.10 -11.57 11.17
N ARG A 394 -39.45 -11.03 12.19
CA ARG A 394 -38.61 -11.77 13.16
C ARG A 394 -39.34 -12.99 13.82
N GLU A 395 -40.62 -12.90 14.09
CA GLU A 395 -41.44 -14.06 14.56
C GLU A 395 -41.62 -15.18 13.52
N ASP A 396 -41.68 -14.84 12.22
CA ASP A 396 -41.77 -15.82 11.17
C ASP A 396 -40.48 -16.65 10.93
N TYR A 397 -39.32 -16.23 11.42
CA TYR A 397 -38.06 -16.86 11.02
C TYR A 397 -38.03 -18.36 11.30
N GLU A 398 -38.41 -18.74 12.50
CA GLU A 398 -38.45 -20.13 12.94
C GLU A 398 -39.33 -21.04 12.11
N SER A 399 -40.38 -20.52 11.52
CA SER A 399 -41.29 -21.34 10.71
C SER A 399 -40.76 -21.64 9.30
N LEU A 400 -39.70 -21.00 8.87
CA LEU A 400 -39.25 -21.01 7.47
C LEU A 400 -38.70 -22.35 6.93
N PRO A 401 -37.88 -23.08 7.73
CA PRO A 401 -37.48 -24.42 7.32
C PRO A 401 -38.66 -25.35 7.07
N LYS A 402 -39.70 -25.27 7.91
CA LYS A 402 -40.96 -25.99 7.61
C LYS A 402 -41.60 -25.62 6.28
N GLU A 403 -41.63 -24.33 5.96
CA GLU A 403 -42.19 -23.91 4.63
C GLU A 403 -41.37 -24.48 3.45
N VAL A 404 -40.04 -24.58 3.60
CA VAL A 404 -39.23 -25.11 2.51
C VAL A 404 -39.46 -26.62 2.36
N ALA A 405 -39.55 -27.36 3.45
CA ALA A 405 -39.74 -28.81 3.38
C ALA A 405 -41.15 -29.21 2.91
N SER A 406 -42.11 -28.30 3.08
CA SER A 406 -43.49 -28.43 2.62
C SER A 406 -43.73 -28.15 1.15
N ALA A 407 -42.75 -27.60 0.43
CA ALA A 407 -42.97 -27.34 -0.99
C ALA A 407 -43.07 -28.67 -1.73
N LYS A 408 -43.74 -28.63 -2.90
CA LYS A 408 -44.06 -29.87 -3.64
C LYS A 408 -43.47 -29.69 -5.02
N PRO A 409 -42.14 -29.87 -5.15
CA PRO A 409 -41.55 -29.76 -6.47
C PRO A 409 -41.90 -30.95 -7.34
N LYS A 410 -42.30 -30.70 -8.58
CA LYS A 410 -42.61 -31.77 -9.55
C LYS A 410 -41.35 -32.28 -10.24
N VAL A 411 -40.55 -33.04 -9.50
CA VAL A 411 -39.32 -33.69 -9.92
C VAL A 411 -39.23 -35.02 -9.14
N LEU A 412 -38.65 -36.04 -9.78
CA LEU A 412 -38.51 -37.32 -9.11
C LEU A 412 -37.38 -37.30 -8.11
N LEU A 413 -37.69 -37.62 -6.84
CA LEU A 413 -36.74 -37.52 -5.73
C LEU A 413 -36.44 -38.89 -5.09
N ASP A 414 -35.15 -39.16 -4.92
CA ASP A 414 -34.64 -40.36 -4.23
C ASP A 414 -34.87 -40.23 -2.68
N VAL A 415 -34.30 -39.18 -2.16
CA VAL A 415 -34.39 -38.82 -0.75
C VAL A 415 -35.55 -37.85 -0.58
N LYS A 416 -36.14 -37.85 0.61
CA LYS A 416 -37.12 -36.83 1.03
C LYS A 416 -36.59 -36.15 2.27
N LEU A 417 -36.57 -34.81 2.28
CA LEU A 417 -35.97 -34.06 3.34
C LEU A 417 -37.02 -33.44 4.23
N LYS A 418 -36.73 -33.31 5.53
CA LYS A 418 -37.66 -32.70 6.48
C LYS A 418 -37.15 -31.33 6.96
N ALA A 419 -38.01 -30.59 7.65
CA ALA A 419 -37.74 -29.28 8.21
C ALA A 419 -36.38 -29.14 8.87
N GLU A 420 -36.07 -30.08 9.73
CA GLU A 420 -34.81 -30.12 10.46
C GLU A 420 -33.55 -30.20 9.56
N ASP A 421 -33.72 -30.58 8.29
CA ASP A 421 -32.58 -30.66 7.35
C ASP A 421 -32.22 -29.29 6.68
N PHE A 422 -33.05 -28.25 6.92
CA PHE A 422 -32.89 -26.95 6.31
C PHE A 422 -32.58 -25.87 7.33
N ILE A 423 -31.59 -25.02 6.99
CA ILE A 423 -31.38 -23.75 7.69
C ILE A 423 -31.79 -22.61 6.72
N VAL A 424 -32.55 -21.65 7.25
CA VAL A 424 -32.97 -20.49 6.48
C VAL A 424 -32.51 -19.26 7.28
N ASP A 425 -31.71 -18.43 6.67
CA ASP A 425 -31.00 -17.36 7.36
C ASP A 425 -31.54 -16.10 6.69
N VAL A 426 -32.06 -15.17 7.49
CA VAL A 426 -32.66 -13.95 6.96
C VAL A 426 -31.79 -12.77 7.41
N ILE A 427 -31.20 -12.06 6.45
CA ILE A 427 -30.22 -11.04 6.69
C ILE A 427 -30.78 -9.70 6.28
N ASN A 428 -30.81 -8.76 7.22
CA ASN A 428 -31.30 -7.40 7.01
C ASN A 428 -30.11 -6.51 6.59
N MET A 429 -30.08 -6.07 5.34
CA MET A 429 -29.04 -5.22 4.78
C MET A 429 -29.61 -3.80 4.72
N ASP A 430 -28.91 -2.85 5.34
CA ASP A 430 -29.37 -1.44 5.26
C ASP A 430 -28.22 -0.45 5.44
N TYR A 431 -28.53 0.83 5.41
CA TYR A 431 -27.58 1.93 5.65
C TYR A 431 -27.52 2.39 7.13
N GLY A 432 -27.85 1.49 8.05
CA GLY A 432 -27.68 1.69 9.48
C GLY A 432 -28.85 2.30 10.20
N MET A 433 -29.93 2.66 9.48
CA MET A 433 -31.10 3.33 10.05
C MET A 433 -32.40 2.70 9.53
N GLN A 434 -32.43 1.37 9.52
CA GLN A 434 -33.53 0.58 8.96
C GLN A 434 -33.87 1.14 7.55
N GLU A 435 -35.05 1.62 7.28
CA GLU A 435 -35.52 2.08 5.99
C GLU A 435 -35.09 3.51 5.67
N LYS A 436 -34.54 4.24 6.61
CA LYS A 436 -34.19 5.66 6.35
C LYS A 436 -32.83 5.84 5.69
N ASN A 437 -32.69 6.98 5.00
CA ASN A 437 -31.46 7.51 4.45
C ASN A 437 -30.70 8.27 5.52
N PRO A 438 -29.60 7.72 5.98
CA PRO A 438 -28.86 8.44 7.03
C PRO A 438 -28.35 9.82 6.66
N ILE A 439 -28.17 10.13 5.38
CA ILE A 439 -27.68 11.45 5.00
C ILE A 439 -28.72 12.57 5.20
N ASP A 440 -30.00 12.21 5.30
CA ASP A 440 -31.02 13.13 5.78
C ASP A 440 -30.83 13.61 7.20
N HIS A 441 -30.01 12.91 7.98
CA HIS A 441 -29.75 13.28 9.37
C HIS A 441 -28.31 13.81 9.61
N VAL A 442 -27.72 14.35 8.55
CA VAL A 442 -26.41 14.96 8.56
C VAL A 442 -26.60 16.44 8.30
N SER A 443 -25.84 17.24 9.04
CA SER A 443 -25.82 18.68 8.87
C SER A 443 -24.53 19.06 8.10
N PHE A 444 -24.68 20.06 7.23
CA PHE A 444 -23.62 20.53 6.36
C PHE A 444 -23.38 22.04 6.43
N TYR A 445 -22.23 22.49 5.95
CA TYR A 445 -21.92 23.93 5.88
C TYR A 445 -21.33 24.23 4.52
N CYS A 446 -21.49 25.48 4.06
N CYS A 446 -21.47 25.49 4.07
CA CYS A 446 -20.92 25.94 2.78
CA CYS A 446 -20.95 25.97 2.80
C CYS A 446 -19.78 26.88 3.06
C CYS A 446 -19.77 26.88 3.06
N LYS A 447 -18.84 27.03 2.11
CA LYS A 447 -17.64 27.86 2.36
C LYS A 447 -17.92 29.34 2.48
N THR A 448 -18.96 29.84 1.85
CA THR A 448 -19.34 31.25 1.99
C THR A 448 -19.92 31.66 3.37
N ALA A 449 -20.44 30.72 4.18
CA ALA A 449 -20.94 30.97 5.55
C ALA A 449 -20.65 29.75 6.44
N PRO A 450 -19.39 29.64 6.88
CA PRO A 450 -18.96 28.43 7.58
C PRO A 450 -19.63 28.12 8.92
N ASN A 451 -20.31 29.09 9.55
CA ASN A 451 -21.12 28.79 10.76
C ASN A 451 -22.61 28.61 10.57
N ARG A 452 -23.10 28.61 9.35
CA ARG A 452 -24.49 28.31 9.06
C ARG A 452 -24.67 26.84 8.58
N ALA A 453 -25.27 26.02 9.46
CA ALA A 453 -25.76 24.70 9.13
C ALA A 453 -26.83 24.67 8.05
N ILE A 454 -26.77 23.71 7.14
CA ILE A 454 -27.80 23.48 6.13
C ILE A 454 -28.07 22.00 5.98
N ARG A 455 -29.12 21.69 5.24
CA ARG A 455 -29.52 20.34 4.89
C ARG A 455 -29.42 20.17 3.40
N ILE A 456 -29.19 18.94 2.98
CA ILE A 456 -29.07 18.54 1.60
C ILE A 456 -29.89 17.25 1.40
N THR A 457 -30.73 17.25 0.37
CA THR A 457 -31.64 16.17 0.06
C THR A 457 -30.99 15.31 -1.03
N LYS A 458 -31.48 14.09 -1.12
CA LYS A 458 -30.96 13.13 -2.08
C LYS A 458 -30.99 13.65 -3.56
N ASN A 459 -32.03 14.39 -3.93
CA ASN A 459 -32.10 14.93 -5.31
C ASN A 459 -31.17 16.09 -5.61
N GLN A 460 -30.62 16.73 -4.56
CA GLN A 460 -29.54 17.71 -4.73
C GLN A 460 -28.16 17.10 -5.01
N VAL A 461 -28.07 15.78 -5.05
CA VAL A 461 -26.77 15.10 -5.16
C VAL A 461 -26.72 14.33 -6.45
N SER A 462 -27.60 13.37 -6.66
CA SER A 462 -27.54 12.50 -7.84
C SER A 462 -28.80 11.69 -8.07
N GLN A 463 -29.11 11.40 -9.32
CA GLN A 463 -30.15 10.41 -9.70
C GLN A 463 -29.65 8.96 -9.68
N LEU A 464 -28.34 8.73 -9.52
CA LEU A 464 -27.73 7.40 -9.54
C LEU A 464 -27.55 6.81 -8.17
N LEU A 465 -28.13 7.40 -7.14
CA LEU A 465 -28.07 6.86 -5.76
C LEU A 465 -29.08 5.75 -5.58
N PRO A 466 -29.00 4.98 -4.52
CA PRO A 466 -30.13 4.05 -4.16
C PRO A 466 -31.52 4.71 -4.02
N GLU A 467 -32.59 4.13 -4.56
CA GLU A 467 -33.95 4.68 -4.25
C GLU A 467 -34.53 4.07 -2.98
N LYS A 468 -34.01 2.91 -2.55
CA LYS A 468 -34.31 2.35 -1.25
C LYS A 468 -33.01 2.10 -0.46
N PHE A 469 -33.11 2.05 0.85
CA PHE A 469 -32.02 1.94 1.76
C PHE A 469 -32.03 0.73 2.71
N ALA A 470 -32.95 -0.20 2.48
CA ALA A 470 -33.02 -1.47 3.20
C ALA A 470 -33.58 -2.58 2.32
N GLU A 471 -33.15 -3.81 2.58
CA GLU A 471 -33.65 -4.99 1.92
C GLU A 471 -33.32 -6.24 2.79
N GLN A 472 -33.87 -7.40 2.40
CA GLN A 472 -33.57 -8.63 3.04
C GLN A 472 -33.01 -9.66 2.08
N LEU A 473 -32.08 -10.46 2.58
CA LEU A 473 -31.53 -11.60 1.86
C LEU A 473 -31.93 -12.85 2.58
N ILE A 474 -32.34 -13.86 1.81
CA ILE A 474 -32.70 -15.15 2.38
C ILE A 474 -31.73 -16.19 1.81
N ARG A 475 -30.93 -16.80 2.69
CA ARG A 475 -30.05 -17.89 2.30
C ARG A 475 -30.62 -19.18 2.85
N VAL A 476 -30.58 -20.22 2.04
CA VAL A 476 -30.97 -21.53 2.45
C VAL A 476 -29.80 -22.49 2.39
N TYR A 477 -29.65 -23.27 3.48
CA TYR A 477 -28.66 -24.32 3.56
C TYR A 477 -29.30 -25.67 3.86
N CYS A 478 -28.61 -26.75 3.49
CA CYS A 478 -29.02 -28.14 3.80
C CYS A 478 -28.00 -28.82 4.71
N LYS A 479 -28.47 -29.41 5.80
CA LYS A 479 -27.58 -30.16 6.74
C LYS A 479 -27.18 -31.56 6.25
N LYS A 480 -27.85 -32.08 5.22
CA LYS A 480 -27.45 -33.32 4.55
C LYS A 480 -26.62 -32.94 3.30
N VAL A 481 -25.44 -33.53 3.17
CA VAL A 481 -24.41 -33.07 2.25
C VAL A 481 -24.10 -33.95 1.04
N ASP A 482 -24.63 -35.16 0.98
CA ASP A 482 -24.51 -36.03 -0.22
C ASP A 482 -25.14 -35.48 -1.49
N ARG A 483 -24.68 -35.95 -2.63
CA ARG A 483 -25.13 -35.46 -3.96
C ARG A 483 -26.70 -35.46 -4.15
N LYS A 484 -27.37 -36.48 -3.63
CA LYS A 484 -28.80 -36.68 -3.80
C LYS A 484 -29.64 -35.79 -2.89
N SER A 485 -29.22 -35.65 -1.61
CA SER A 485 -29.81 -34.66 -0.70
C SER A 485 -29.71 -33.21 -1.22
N LEU A 486 -28.56 -32.92 -1.79
CA LEU A 486 -28.25 -31.61 -2.33
C LEU A 486 -29.14 -31.33 -3.53
N TYR A 487 -29.25 -32.29 -4.42
CA TYR A 487 -30.13 -32.20 -5.59
C TYR A 487 -31.56 -31.93 -5.13
N ALA A 488 -32.02 -32.67 -4.13
CA ALA A 488 -33.39 -32.50 -3.68
C ALA A 488 -33.60 -31.16 -3.02
N ALA A 489 -32.69 -30.79 -2.11
CA ALA A 489 -32.74 -29.50 -1.43
C ALA A 489 -32.90 -28.30 -2.40
N ARG A 490 -32.21 -28.34 -3.52
CA ARG A 490 -32.35 -27.33 -4.54
C ARG A 490 -33.73 -27.24 -5.18
N GLN A 491 -34.35 -28.39 -5.37
CA GLN A 491 -35.71 -28.45 -5.91
C GLN A 491 -36.72 -27.86 -4.92
N TYR A 492 -36.65 -28.26 -3.65
CA TYR A 492 -37.51 -27.67 -2.62
C TYR A 492 -37.36 -26.13 -2.53
N PHE A 493 -36.11 -25.68 -2.54
CA PHE A 493 -35.75 -24.29 -2.47
C PHE A 493 -36.36 -23.42 -3.59
N VAL A 494 -36.09 -23.82 -4.81
CA VAL A 494 -36.55 -23.10 -5.99
C VAL A 494 -38.08 -23.14 -6.04
N GLN A 495 -38.66 -24.24 -5.67
CA GLN A 495 -40.14 -24.34 -5.60
C GLN A 495 -40.70 -23.40 -4.53
N TRP A 496 -40.06 -23.36 -3.38
CA TRP A 496 -40.47 -22.47 -2.32
C TRP A 496 -40.39 -21.02 -2.73
N CYS A 497 -39.35 -20.63 -3.46
CA CYS A 497 -39.21 -19.25 -3.98
C CYS A 497 -40.39 -18.92 -4.88
N ALA A 498 -40.69 -19.83 -5.81
CA ALA A 498 -41.82 -19.74 -6.72
C ALA A 498 -43.15 -19.61 -5.96
N ASP A 499 -43.42 -20.50 -5.00
CA ASP A 499 -44.67 -20.44 -4.19
C ASP A 499 -44.85 -19.07 -3.53
N ARG A 500 -43.77 -18.55 -2.96
CA ARG A 500 -43.83 -17.28 -2.19
C ARG A 500 -43.62 -16.01 -3.01
N ASN A 501 -43.42 -16.13 -4.32
CA ASN A 501 -43.15 -14.99 -5.24
C ASN A 501 -41.90 -14.16 -4.82
N PHE A 502 -40.87 -14.87 -4.36
CA PHE A 502 -39.55 -14.34 -4.19
C PHE A 502 -38.83 -14.28 -5.54
N THR A 503 -37.73 -13.56 -5.55
CA THR A 503 -36.94 -13.39 -6.75
C THR A 503 -36.35 -14.74 -7.18
N LYS A 504 -36.12 -14.82 -8.49
CA LYS A 504 -35.56 -16.02 -9.09
C LYS A 504 -34.11 -16.12 -8.70
N PRO A 505 -33.72 -17.25 -8.07
CA PRO A 505 -32.27 -17.47 -7.85
C PRO A 505 -31.45 -17.27 -9.12
N GLN A 506 -30.26 -16.76 -8.97
CA GLN A 506 -29.42 -16.39 -10.16
C GLN A 506 -29.14 -17.61 -11.03
N ASP A 507 -28.87 -18.73 -10.36
CA ASP A 507 -28.64 -20.01 -11.05
C ASP A 507 -29.89 -20.93 -11.08
N GLY A 508 -31.06 -20.37 -10.93
CA GLY A 508 -32.31 -21.16 -10.82
C GLY A 508 -32.51 -22.11 -11.95
N ASP A 509 -32.32 -21.62 -13.19
CA ASP A 509 -32.47 -22.45 -14.41
C ASP A 509 -31.44 -23.60 -14.52
N VAL A 510 -30.28 -23.48 -13.87
CA VAL A 510 -29.31 -24.56 -13.89
C VAL A 510 -29.52 -25.65 -12.80
N ILE A 511 -29.75 -25.21 -11.58
CA ILE A 511 -29.93 -26.14 -10.43
C ILE A 511 -31.33 -26.78 -10.39
N ALA A 512 -32.31 -26.13 -11.01
CA ALA A 512 -33.69 -26.61 -11.01
C ALA A 512 -34.37 -26.34 -12.35
N PRO A 513 -33.84 -26.94 -13.48
CA PRO A 513 -34.41 -26.73 -14.80
C PRO A 513 -35.84 -27.20 -14.95
N LEU A 514 -36.24 -28.21 -14.19
CA LEU A 514 -37.62 -28.69 -14.22
C LEU A 514 -38.62 -27.77 -13.49
N ILE A 515 -38.14 -26.93 -12.58
CA ILE A 515 -38.98 -26.12 -11.68
C ILE A 515 -39.25 -24.70 -12.20
N THR A 516 -38.25 -24.02 -12.71
CA THR A 516 -38.35 -22.56 -13.07
C THR A 516 -39.28 -22.21 -14.27
N PRO A 517 -39.52 -23.14 -15.23
CA PRO A 517 -40.57 -22.94 -16.25
C PRO A 517 -42.03 -22.85 -15.75
N GLN A 518 -42.37 -23.39 -14.57
CA GLN A 518 -43.76 -23.16 -14.03
C GLN A 518 -44.10 -21.66 -13.81
N LYS A 519 -43.07 -20.81 -13.71
CA LYS A 519 -43.20 -19.44 -13.20
C LYS A 519 -43.05 -18.41 -14.34
N LYS A 520 -44.19 -17.81 -14.74
CA LYS A 520 -44.25 -16.89 -15.89
C LYS A 520 -43.64 -15.54 -15.54
N GLU A 521 -43.85 -15.10 -14.30
CA GLU A 521 -43.09 -14.01 -13.67
C GLU A 521 -41.54 -14.08 -13.78
N TRP A 522 -40.96 -15.25 -14.09
CA TRP A 522 -39.53 -15.45 -14.34
C TRP A 522 -39.15 -15.78 -15.81
N ASN A 523 -40.09 -15.78 -16.78
CA ASN A 523 -39.89 -16.42 -18.14
C ASN A 523 -39.52 -17.92 -18.03
N THR B 38 -9.02 31.07 5.60
CA THR B 38 -7.54 30.94 5.79
C THR B 38 -6.99 29.71 4.95
N MET B 39 -7.01 28.49 5.47
CA MET B 39 -6.13 27.37 4.95
C MET B 39 -6.63 26.66 3.67
N LYS B 40 -5.85 26.57 2.60
CA LYS B 40 -6.08 25.58 1.56
C LYS B 40 -5.62 24.16 1.91
N VAL B 41 -6.38 23.19 1.41
CA VAL B 41 -6.06 21.76 1.56
C VAL B 41 -5.65 21.18 0.20
N ILE B 42 -4.54 20.46 0.16
CA ILE B 42 -4.07 19.73 -1.02
C ILE B 42 -3.94 18.25 -0.70
N ASN B 43 -4.41 17.38 -1.59
CA ASN B 43 -4.28 15.92 -1.46
C ASN B 43 -3.06 15.44 -2.24
N ASP B 44 -2.13 14.89 -1.48
CA ASP B 44 -0.88 14.36 -1.97
C ASP B 44 -0.91 12.84 -1.73
N PRO B 45 -0.62 12.01 -2.75
CA PRO B 45 -0.65 10.56 -2.55
C PRO B 45 0.34 10.02 -1.47
N ILE B 46 1.39 10.75 -1.13
CA ILE B 46 2.35 10.30 -0.13
C ILE B 46 1.94 10.73 1.30
N HIS B 47 1.62 11.99 1.51
CA HIS B 47 1.33 12.52 2.80
C HIS B 47 -0.16 12.69 3.14
N GLY B 48 -1.06 12.46 2.19
CA GLY B 48 -2.47 12.69 2.43
C GLY B 48 -2.87 14.16 2.29
N HIS B 49 -3.85 14.57 3.05
CA HIS B 49 -4.32 15.95 3.02
C HIS B 49 -3.45 16.89 3.85
N ILE B 50 -2.76 17.79 3.20
CA ILE B 50 -1.82 18.76 3.73
C ILE B 50 -2.55 20.12 3.78
N GLU B 51 -2.37 20.85 4.88
CA GLU B 51 -2.89 22.20 5.05
C GLU B 51 -1.83 23.23 4.69
N LEU B 52 -2.15 24.20 3.85
CA LEU B 52 -1.23 25.29 3.48
C LEU B 52 -1.80 26.67 3.87
N HIS B 53 -1.02 27.36 4.70
CA HIS B 53 -1.24 28.75 5.12
C HIS B 53 -1.32 29.69 3.89
N PRO B 54 -2.13 30.74 3.96
CA PRO B 54 -2.27 31.57 2.74
C PRO B 54 -1.02 32.27 2.23
N LEU B 55 -0.04 32.54 3.09
CA LEU B 55 1.28 33.07 2.63
C LEU B 55 2.01 32.03 1.78
N LEU B 56 1.95 30.78 2.17
CA LEU B 56 2.55 29.71 1.35
C LEU B 56 1.84 29.55 -0.01
N VAL B 57 0.52 29.77 -0.02
CA VAL B 57 -0.23 29.74 -1.27
C VAL B 57 0.22 30.85 -2.20
N ARG B 58 0.39 32.04 -1.64
CA ARG B 58 0.93 33.19 -2.41
C ARG B 58 2.33 32.91 -2.99
N ILE B 59 3.21 32.34 -2.20
CA ILE B 59 4.52 31.90 -2.73
C ILE B 59 4.41 30.80 -3.80
N ILE B 60 3.50 29.86 -3.61
CA ILE B 60 3.23 28.79 -4.59
C ILE B 60 2.66 29.27 -5.90
N ASP B 61 1.80 30.26 -5.86
CA ASP B 61 1.08 30.69 -7.07
C ASP B 61 1.79 31.81 -7.83
N THR B 62 3.01 31.49 -8.22
CA THR B 62 3.97 32.36 -8.89
C THR B 62 4.63 31.58 -10.03
N PRO B 63 5.07 32.28 -11.08
CA PRO B 63 5.76 31.57 -12.18
C PRO B 63 7.01 30.82 -11.75
N GLN B 64 7.68 31.37 -10.76
CA GLN B 64 8.96 30.84 -10.28
C GLN B 64 8.78 29.51 -9.58
N PHE B 65 7.67 29.35 -8.85
CA PHE B 65 7.39 28.09 -8.19
C PHE B 65 6.73 27.11 -9.13
N GLN B 66 5.78 27.60 -9.94
CA GLN B 66 5.03 26.72 -10.83
C GLN B 66 5.89 26.08 -11.92
N ARG B 67 6.99 26.74 -12.26
CA ARG B 67 8.08 26.17 -13.05
C ARG B 67 8.50 24.78 -12.69
N LEU B 68 8.46 24.46 -11.40
CA LEU B 68 8.84 23.12 -10.89
C LEU B 68 7.96 21.98 -11.38
N ARG B 69 6.76 22.28 -11.87
CA ARG B 69 5.92 21.28 -12.57
C ARG B 69 6.55 20.73 -13.83
N TYR B 70 7.55 21.39 -14.37
CA TYR B 70 8.12 21.00 -15.65
C TYR B 70 9.54 20.53 -15.55
N ILE B 71 9.94 20.08 -14.36
CA ILE B 71 11.26 19.53 -14.12
C ILE B 71 11.11 18.13 -13.44
N LYS B 72 11.45 17.05 -14.14
CA LYS B 72 11.39 15.73 -13.60
C LYS B 72 12.32 15.58 -12.41
N GLN B 73 11.80 15.00 -11.31
CA GLN B 73 12.61 14.68 -10.13
C GLN B 73 13.82 13.84 -10.45
N LEU B 74 13.62 12.78 -11.22
CA LEU B 74 14.67 11.81 -11.47
C LEU B 74 15.34 11.94 -12.84
N GLY B 75 15.04 13.03 -13.57
CA GLY B 75 15.57 13.30 -14.91
C GLY B 75 15.37 12.08 -15.83
N GLY B 76 16.47 11.51 -16.32
CA GLY B 76 16.50 10.40 -17.20
C GLY B 76 16.10 9.06 -16.63
N GLY B 77 15.99 8.95 -15.31
CA GLY B 77 15.40 7.79 -14.68
C GLY B 77 14.00 7.44 -15.21
N TYR B 78 13.22 8.44 -15.64
CA TYR B 78 11.89 8.17 -16.27
C TYR B 78 12.00 7.33 -17.49
N TYR B 79 13.15 7.41 -18.18
CA TYR B 79 13.35 6.62 -19.37
C TYR B 79 13.69 5.15 -19.08
N VAL B 80 13.84 4.78 -17.80
CA VAL B 80 14.08 3.42 -17.38
C VAL B 80 12.97 2.85 -16.47
N PHE B 81 12.47 3.73 -15.60
CA PHE B 81 11.40 3.43 -14.66
C PHE B 81 10.18 4.24 -15.07
N PRO B 82 9.22 3.63 -15.74
CA PRO B 82 8.15 4.43 -16.35
C PRO B 82 7.15 5.05 -15.37
N GLY B 83 7.15 4.59 -14.14
CA GLY B 83 6.37 5.22 -13.10
C GLY B 83 6.93 6.53 -12.59
N ALA B 84 8.24 6.77 -12.85
CA ALA B 84 8.91 7.97 -12.37
C ALA B 84 8.66 9.21 -13.22
N SER B 85 7.40 9.58 -13.33
CA SER B 85 6.96 10.75 -14.07
C SER B 85 6.95 12.01 -13.14
N HIS B 86 7.16 11.83 -11.85
CA HIS B 86 7.02 12.92 -10.89
C HIS B 86 8.01 14.07 -11.07
N ASN B 87 7.50 15.28 -10.80
CA ASN B 87 8.21 16.53 -10.94
C ASN B 87 8.61 17.16 -9.61
N ARG B 88 9.51 18.14 -9.67
CA ARG B 88 10.04 18.83 -8.50
C ARG B 88 8.96 19.56 -7.68
N PHE B 89 7.91 19.99 -8.37
CA PHE B 89 6.80 20.69 -7.73
C PHE B 89 6.19 19.97 -6.52
N GLU B 90 5.72 18.77 -6.76
CA GLU B 90 5.08 17.99 -5.71
C GLU B 90 6.08 17.57 -4.61
N HIS B 91 7.34 17.37 -4.98
CA HIS B 91 8.37 17.09 -3.98
C HIS B 91 8.52 18.28 -3.03
N SER B 92 8.53 19.48 -3.59
CA SER B 92 8.63 20.73 -2.82
C SER B 92 7.50 20.91 -1.82
N LEU B 93 6.28 20.64 -2.26
CA LEU B 93 5.11 20.67 -1.37
C LEU B 93 5.29 19.73 -0.19
N GLY B 94 5.86 18.56 -0.43
CA GLY B 94 6.08 17.58 0.58
C GLY B 94 7.15 17.93 1.57
N VAL B 95 8.20 18.57 1.08
CA VAL B 95 9.30 19.03 1.94
C VAL B 95 8.80 20.13 2.88
N GLY B 96 8.03 21.08 2.31
CA GLY B 96 7.37 22.13 3.09
C GLY B 96 6.43 21.59 4.14
N TYR B 97 5.64 20.59 3.76
CA TYR B 97 4.77 19.95 4.73
C TYR B 97 5.54 19.28 5.85
N LEU B 98 6.50 18.44 5.52
CA LEU B 98 7.25 17.74 6.53
C LEU B 98 8.10 18.67 7.43
N ALA B 99 8.60 19.77 6.89
CA ALA B 99 9.28 20.78 7.70
C ALA B 99 8.35 21.31 8.79
N GLY B 100 7.12 21.59 8.41
CA GLY B 100 6.08 21.98 9.35
C GLY B 100 5.72 20.92 10.41
N CYS B 101 5.69 19.63 10.00
CA CYS B 101 5.43 18.57 10.91
C CYS B 101 6.47 18.52 12.00
N LEU B 102 7.74 18.61 11.61
CA LEU B 102 8.80 18.43 12.57
C LEU B 102 8.83 19.63 13.53
N VAL B 103 8.77 20.86 12.99
CA VAL B 103 8.82 22.03 13.83
C VAL B 103 7.62 22.08 14.78
N HIS B 104 6.42 21.73 14.31
CA HIS B 104 5.24 21.66 15.18
C HIS B 104 5.36 20.62 16.29
N ALA B 105 5.83 19.42 15.96
CA ALA B 105 6.04 18.35 16.97
C ALA B 105 6.97 18.77 18.08
N LEU B 106 8.04 19.50 17.74
CA LEU B 106 8.99 20.00 18.73
C LEU B 106 8.39 21.06 19.64
N GLY B 107 7.51 21.90 19.08
CA GLY B 107 6.81 22.97 19.83
C GLY B 107 5.78 22.44 20.78
N GLU B 108 4.98 21.46 20.34
CA GLU B 108 4.04 20.79 21.21
C GLU B 108 4.73 20.12 22.38
N LYS B 109 5.73 19.28 22.13
CA LYS B 109 6.41 18.51 23.19
C LYS B 109 7.30 19.36 24.13
N GLN B 110 7.83 20.49 23.65
CA GLN B 110 8.74 21.32 24.45
C GLN B 110 8.38 22.82 24.31
N PRO B 111 7.28 23.26 24.95
CA PRO B 111 6.87 24.69 24.93
C PRO B 111 7.95 25.66 25.36
N GLU B 112 8.86 25.24 26.22
CA GLU B 112 9.93 26.07 26.73
C GLU B 112 10.88 26.56 25.63
N LEU B 113 10.86 25.96 24.46
CA LEU B 113 11.69 26.41 23.34
C LEU B 113 11.18 27.74 22.72
N GLN B 114 9.92 28.08 22.95
CA GLN B 114 9.28 29.27 22.44
C GLN B 114 9.41 29.50 20.91
N ILE B 115 9.08 28.45 20.21
CA ILE B 115 8.93 28.45 18.77
C ILE B 115 7.64 29.23 18.49
N SER B 116 7.74 30.23 17.64
CA SER B 116 6.60 31.10 17.26
C SER B 116 5.99 30.70 15.93
N GLU B 117 4.76 31.14 15.69
CA GLU B 117 4.08 31.08 14.36
C GLU B 117 5.03 31.61 13.27
N ARG B 118 5.73 32.68 13.57
CA ARG B 118 6.75 33.22 12.72
C ARG B 118 7.83 32.17 12.34
N ASP B 119 8.37 31.45 13.34
CA ASP B 119 9.41 30.44 13.06
C ASP B 119 8.88 29.32 12.16
N VAL B 120 7.68 28.85 12.49
CA VAL B 120 7.05 27.76 11.77
C VAL B 120 6.91 28.13 10.31
N LEU B 121 6.38 29.32 10.06
CA LEU B 121 6.20 29.79 8.71
C LEU B 121 7.52 29.93 7.93
N CYS B 122 8.58 30.41 8.58
CA CYS B 122 9.87 30.50 7.93
C CYS B 122 10.50 29.16 7.61
N VAL B 123 10.34 28.18 8.49
CA VAL B 123 10.81 26.82 8.25
C VAL B 123 10.03 26.18 7.09
N GLN B 124 8.72 26.37 7.07
CA GLN B 124 7.90 25.86 5.95
C GLN B 124 8.27 26.50 4.61
N ILE B 125 8.49 27.80 4.60
CA ILE B 125 8.93 28.50 3.38
C ILE B 125 10.29 27.99 2.87
N ALA B 126 11.24 27.81 3.78
CA ALA B 126 12.53 27.22 3.39
C ALA B 126 12.35 25.83 2.77
N GLY B 127 11.50 25.05 3.40
CA GLY B 127 11.18 23.72 2.86
C GLY B 127 10.58 23.75 1.49
N LEU B 128 9.59 24.63 1.28
CA LEU B 128 8.95 24.81 -0.05
C LEU B 128 9.90 25.28 -1.14
N CYS B 129 10.89 26.09 -0.75
CA CYS B 129 11.70 26.81 -1.70
C CYS B 129 13.11 26.24 -1.91
N ARG B 130 13.50 25.20 -1.18
CA ARG B 130 14.84 24.67 -1.39
C ARG B 130 15.07 23.79 -2.64
N ASN B 131 14.05 23.59 -3.45
CA ASN B 131 14.22 23.02 -4.78
C ASN B 131 14.03 24.05 -5.95
N LEU B 132 13.86 25.34 -5.65
CA LEU B 132 13.58 26.30 -6.69
C LEU B 132 14.69 26.39 -7.75
N GLY B 133 15.94 26.16 -7.34
CA GLY B 133 17.06 26.31 -8.19
C GLY B 133 17.40 25.18 -9.16
N HIS B 134 16.64 24.09 -9.14
CA HIS B 134 16.96 22.98 -10.06
C HIS B 134 16.65 23.37 -11.47
N GLY B 135 17.36 22.74 -12.41
CA GLY B 135 17.23 23.01 -13.85
C GLY B 135 16.76 21.78 -14.57
N PRO B 136 16.65 21.87 -15.91
CA PRO B 136 16.10 20.79 -16.71
C PRO B 136 16.74 19.40 -16.32
N PHE B 137 15.88 18.42 -16.10
CA PHE B 137 16.24 17.08 -15.72
C PHE B 137 17.00 16.97 -14.40
N SER B 138 16.76 17.95 -13.51
CA SER B 138 17.31 17.97 -12.17
C SER B 138 18.84 17.72 -12.19
N HIS B 139 19.29 16.56 -11.67
CA HIS B 139 20.74 16.38 -11.44
C HIS B 139 21.57 16.30 -12.68
N MET B 140 20.95 15.99 -13.80
CA MET B 140 21.60 16.15 -15.12
C MET B 140 22.18 17.55 -15.32
N PHE B 141 21.49 18.58 -14.88
CA PHE B 141 21.82 19.97 -15.19
C PHE B 141 23.00 20.51 -14.41
N ASP B 142 22.94 20.38 -13.09
CA ASP B 142 24.08 20.83 -12.25
C ASP B 142 25.11 19.76 -11.99
N GLY B 143 24.79 18.47 -12.15
CA GLY B 143 25.76 17.37 -12.12
C GLY B 143 26.57 17.12 -13.40
N ARG B 144 26.01 17.37 -14.60
CA ARG B 144 26.73 17.08 -15.85
C ARG B 144 26.81 18.27 -16.79
N PHE B 145 25.70 18.99 -17.05
CA PHE B 145 25.69 19.99 -18.15
C PHE B 145 26.53 21.25 -17.81
N ILE B 146 26.19 21.89 -16.72
CA ILE B 146 26.90 23.10 -16.28
C ILE B 146 28.40 22.92 -16.00
N PRO B 147 28.83 21.84 -15.32
CA PRO B 147 30.27 21.55 -15.24
C PRO B 147 30.98 21.42 -16.59
N LEU B 148 30.37 20.80 -17.60
CA LEU B 148 30.98 20.71 -18.92
C LEU B 148 30.88 21.96 -19.78
N ALA B 149 29.80 22.73 -19.65
CA ALA B 149 29.56 23.92 -20.48
C ALA B 149 30.16 25.19 -19.92
N ARG B 150 30.19 25.31 -18.60
CA ARG B 150 30.77 26.48 -17.89
C ARG B 150 31.70 26.01 -16.77
N PRO B 151 32.80 25.28 -17.14
CA PRO B 151 33.75 24.76 -16.13
C PRO B 151 34.38 25.81 -15.20
N GLU B 152 34.58 27.02 -15.72
CA GLU B 152 35.12 28.16 -14.93
C GLU B 152 34.32 28.60 -13.69
N VAL B 153 33.02 28.26 -13.62
CA VAL B 153 32.18 28.74 -12.53
C VAL B 153 31.86 27.60 -11.55
N LYS B 154 31.41 27.91 -10.35
CA LYS B 154 30.90 26.96 -9.38
C LYS B 154 29.41 27.27 -9.15
N TRP B 155 28.54 26.41 -9.68
CA TRP B 155 27.09 26.57 -9.57
C TRP B 155 26.54 25.36 -8.85
N THR B 156 25.71 25.54 -7.85
CA THR B 156 24.98 24.45 -7.19
C THR B 156 23.47 24.74 -7.28
N HIS B 157 22.65 23.71 -7.11
CA HIS B 157 21.19 23.93 -7.07
C HIS B 157 20.78 24.81 -5.88
N GLU B 158 21.53 24.72 -4.78
CA GLU B 158 21.26 25.49 -3.57
C GLU B 158 21.45 26.99 -3.82
N GLN B 159 22.53 27.36 -4.51
CA GLN B 159 22.73 28.76 -4.92
C GLN B 159 21.58 29.26 -5.75
N GLY B 160 21.20 28.46 -6.75
CA GLY B 160 20.02 28.79 -7.58
C GLY B 160 18.76 28.97 -6.81
N SER B 161 18.55 28.15 -5.78
CA SER B 161 17.35 28.23 -4.95
C SER B 161 17.28 29.63 -4.24
N VAL B 162 18.39 30.04 -3.65
CA VAL B 162 18.47 31.35 -3.02
C VAL B 162 18.16 32.51 -3.99
N MET B 163 18.78 32.47 -5.18
CA MET B 163 18.62 33.51 -6.19
C MET B 163 17.18 33.51 -6.71
N MET B 164 16.66 32.33 -7.00
CA MET B 164 15.30 32.19 -7.49
C MET B 164 14.29 32.60 -6.43
N PHE B 165 14.64 32.36 -5.14
CA PHE B 165 13.78 32.80 -4.04
C PHE B 165 13.74 34.33 -3.95
N GLU B 166 14.88 35.00 -4.00
CA GLU B 166 14.92 36.49 -3.99
C GLU B 166 14.09 37.03 -5.18
N HIS B 167 14.31 36.43 -6.35
CA HIS B 167 13.54 36.83 -7.54
C HIS B 167 12.03 36.65 -7.33
N LEU B 168 11.63 35.52 -6.74
CA LEU B 168 10.21 35.22 -6.51
C LEU B 168 9.56 36.25 -5.62
N ILE B 169 10.24 36.62 -4.56
CA ILE B 169 9.78 37.57 -3.58
C ILE B 169 9.62 38.97 -4.15
N ASN B 170 10.65 39.44 -4.85
CA ASN B 170 10.66 40.80 -5.44
C ASN B 170 9.68 40.97 -6.57
N SER B 171 9.60 39.96 -7.43
CA SER B 171 8.68 39.99 -8.58
C SER B 171 7.20 39.90 -8.27
N ASN B 172 6.80 39.42 -7.09
CA ASN B 172 5.40 39.09 -6.81
C ASN B 172 4.82 39.78 -5.56
N GLY B 173 5.47 40.83 -5.07
CA GLY B 173 4.97 41.58 -3.92
C GLY B 173 4.77 40.78 -2.65
N ILE B 174 5.65 39.80 -2.36
CA ILE B 174 5.52 38.94 -1.18
C ILE B 174 5.90 39.63 0.16
N LYS B 175 6.82 40.60 0.18
CA LYS B 175 7.21 41.29 1.45
C LYS B 175 6.02 41.92 2.23
N PRO B 176 5.14 42.69 1.57
CA PRO B 176 3.93 43.16 2.29
C PRO B 176 3.04 42.03 2.84
N VAL B 177 2.93 40.93 2.09
CA VAL B 177 2.18 39.78 2.53
C VAL B 177 2.85 39.04 3.71
N MET B 178 4.16 38.91 3.69
CA MET B 178 4.89 38.45 4.87
C MET B 178 4.61 39.30 6.15
N GLU B 179 4.61 40.61 5.99
CA GLU B 179 4.34 41.55 7.09
C GLU B 179 2.94 41.41 7.59
N GLN B 180 2.00 41.26 6.69
CA GLN B 180 0.61 41.00 7.02
C GLN B 180 0.46 39.84 8.02
N TYR B 181 1.29 38.81 7.89
CA TYR B 181 1.24 37.62 8.75
C TYR B 181 2.30 37.56 9.83
N GLY B 182 2.85 38.71 10.20
CA GLY B 182 3.73 38.79 11.36
C GLY B 182 5.19 38.51 11.12
N LEU B 183 5.61 38.25 9.88
CA LEU B 183 7.02 38.12 9.60
C LEU B 183 7.64 39.52 9.45
N ILE B 184 8.94 39.57 9.72
CA ILE B 184 9.75 40.79 9.63
C ILE B 184 10.80 40.48 8.54
N PRO B 185 10.57 40.92 7.28
CA PRO B 185 11.44 40.58 6.17
C PRO B 185 12.95 40.72 6.33
N GLU B 186 13.45 41.71 7.06
CA GLU B 186 14.90 41.86 7.27
C GLU B 186 15.54 40.57 7.87
N GLU B 187 15.08 40.17 9.07
CA GLU B 187 15.51 38.93 9.72
C GLU B 187 15.09 37.67 8.97
N ASP B 188 13.84 37.60 8.59
CA ASP B 188 13.20 36.37 8.10
C ASP B 188 13.62 35.89 6.70
N ILE B 189 13.80 36.82 5.76
CA ILE B 189 14.39 36.49 4.46
C ILE B 189 15.78 35.97 4.64
N CYS B 190 16.55 36.56 5.55
CA CYS B 190 17.89 36.07 5.85
C CYS B 190 17.83 34.65 6.42
N PHE B 191 16.92 34.44 7.37
CA PHE B 191 16.70 33.12 7.99
C PHE B 191 16.39 32.04 6.96
N ILE B 192 15.48 32.36 6.04
CA ILE B 192 15.09 31.43 5.03
C ILE B 192 16.25 31.05 4.13
N LYS B 193 16.99 32.05 3.66
CA LYS B 193 18.16 31.80 2.77
C LYS B 193 19.23 30.96 3.48
N GLU B 194 19.43 31.23 4.77
CA GLU B 194 20.42 30.49 5.55
C GLU B 194 20.06 29.03 5.72
N GLN B 195 18.76 28.76 5.87
CA GLN B 195 18.26 27.41 5.92
C GLN B 195 18.57 26.62 4.63
N ILE B 196 18.51 27.29 3.48
CA ILE B 196 18.70 26.63 2.18
C ILE B 196 20.21 26.44 1.84
N VAL B 197 21.00 27.49 1.98
CA VAL B 197 22.36 27.45 1.48
C VAL B 197 23.43 27.43 2.61
N GLY B 198 23.01 27.52 3.87
CA GLY B 198 23.90 27.62 5.01
C GLY B 198 24.21 29.10 5.27
N PRO B 199 25.21 29.37 6.13
CA PRO B 199 25.51 30.76 6.50
C PRO B 199 26.17 31.50 5.35
N LEU B 200 25.84 32.78 5.20
CA LEU B 200 26.33 33.66 4.13
C LEU B 200 27.47 34.57 4.72
N LEU B 208 32.33 30.35 17.62
CA LEU B 208 31.60 31.50 17.16
C LEU B 208 30.31 31.06 16.38
N TRP B 209 29.29 31.88 16.44
CA TRP B 209 27.92 31.54 15.92
C TRP B 209 27.73 32.22 14.55
N PRO B 210 27.68 31.43 13.44
CA PRO B 210 27.75 31.96 12.07
C PRO B 210 26.48 32.47 11.40
N TYR B 211 25.33 32.58 12.08
CA TYR B 211 24.06 32.89 11.39
C TYR B 211 23.46 34.18 11.95
N LYS B 212 22.87 35.02 11.08
CA LYS B 212 22.15 36.24 11.45
C LYS B 212 20.61 36.09 11.55
N GLY B 213 20.04 35.07 10.96
CA GLY B 213 18.57 34.96 10.90
C GLY B 213 17.90 34.66 12.23
N ARG B 214 18.51 33.78 12.99
CA ARG B 214 18.06 33.41 14.34
C ARG B 214 19.28 33.15 15.25
N PRO B 215 19.13 33.35 16.58
CA PRO B 215 20.27 33.18 17.49
C PRO B 215 20.57 31.72 17.84
N GLU B 216 21.52 31.49 18.74
CA GLU B 216 21.92 30.11 19.11
C GLU B 216 20.81 29.31 19.85
N ASN B 217 19.89 30.00 20.53
CA ASN B 217 18.83 29.30 21.28
C ASN B 217 17.73 28.71 20.39
N LYS B 218 17.73 29.06 19.08
CA LYS B 218 16.91 28.45 18.05
C LYS B 218 17.80 27.67 17.03
N SER B 219 18.99 27.25 17.42
CA SER B 219 19.91 26.50 16.57
C SER B 219 19.26 25.31 15.86
N PHE B 220 18.43 24.58 16.61
CA PHE B 220 17.73 23.42 16.14
C PHE B 220 16.91 23.63 14.90
N LEU B 221 16.47 24.87 14.64
CA LEU B 221 15.65 25.16 13.46
C LEU B 221 16.39 25.07 12.14
N TYR B 222 17.70 25.25 12.21
CA TYR B 222 18.59 25.04 11.07
C TYR B 222 18.85 23.56 10.72
N GLU B 223 18.35 22.65 11.55
CA GLU B 223 18.51 21.22 11.32
C GLU B 223 17.30 20.56 10.60
N ILE B 224 16.27 21.34 10.27
CA ILE B 224 15.03 20.76 9.75
C ILE B 224 15.02 20.53 8.21
N VAL B 225 15.30 21.59 7.47
CA VAL B 225 15.13 21.58 6.04
C VAL B 225 16.37 21.08 5.33
N SER B 226 17.52 21.61 5.74
CA SER B 226 18.77 21.19 5.14
C SER B 226 19.87 21.15 6.20
N ASN B 227 20.14 19.93 6.66
CA ASN B 227 20.92 19.65 7.87
C ASN B 227 22.35 19.48 7.45
N LYS B 228 23.16 20.50 7.73
CA LYS B 228 24.54 20.49 7.24
C LYS B 228 25.40 19.74 8.23
N ARG B 229 24.91 19.47 9.44
CA ARG B 229 25.70 18.74 10.44
C ARG B 229 25.82 17.26 10.06
N ASN B 230 24.70 16.60 9.74
CA ASN B 230 24.67 15.13 9.46
C ASN B 230 23.79 14.67 8.27
N GLY B 231 23.08 15.58 7.64
CA GLY B 231 22.21 15.21 6.51
C GLY B 231 20.87 14.55 6.82
N ILE B 232 20.45 14.53 8.08
CA ILE B 232 19.17 13.94 8.49
C ILE B 232 18.20 15.11 8.47
N ASP B 233 17.50 15.26 7.35
CA ASP B 233 16.56 16.31 7.14
C ASP B 233 15.31 15.81 6.36
N VAL B 234 14.33 16.70 6.30
CA VAL B 234 13.04 16.36 5.79
C VAL B 234 13.02 16.25 4.29
N ASP B 235 13.98 16.85 3.61
CA ASP B 235 14.10 16.73 2.17
C ASP B 235 14.32 15.26 1.79
N LYS B 236 15.27 14.60 2.46
CA LYS B 236 15.44 13.15 2.30
C LYS B 236 14.19 12.36 2.52
N TRP B 237 13.47 12.71 3.56
CA TRP B 237 12.33 11.89 3.92
C TRP B 237 11.24 11.93 2.87
N ASP B 238 11.03 13.09 2.26
CA ASP B 238 10.03 13.15 1.24
C ASP B 238 10.47 12.36 0.00
N TYR B 239 11.74 12.54 -0.45
CA TYR B 239 12.13 11.84 -1.67
C TYR B 239 12.23 10.30 -1.50
N PHE B 240 12.59 9.80 -0.32
CA PHE B 240 12.53 8.37 -0.09
C PHE B 240 11.13 7.82 -0.38
N ALA B 241 10.13 8.41 0.25
CA ALA B 241 8.75 7.94 0.15
C ALA B 241 8.20 8.16 -1.23
N ARG B 242 8.43 9.34 -1.79
CA ARG B 242 7.87 9.72 -3.08
C ARG B 242 8.58 8.97 -4.21
N ASP B 243 9.91 8.91 -4.20
CA ASP B 243 10.59 8.18 -5.26
C ASP B 243 10.16 6.73 -5.28
N CYS B 244 10.16 6.08 -4.11
CA CYS B 244 9.73 4.66 -4.00
C CYS B 244 8.29 4.37 -4.54
N HIS B 245 7.35 5.22 -4.17
CA HIS B 245 5.99 5.18 -4.67
C HIS B 245 5.91 5.14 -6.20
N HIS B 246 6.73 5.96 -6.84
CA HIS B 246 6.73 6.09 -8.28
C HIS B 246 7.60 5.06 -8.96
N LEU B 247 8.69 4.66 -8.32
CA LEU B 247 9.64 3.76 -8.97
C LEU B 247 9.14 2.33 -8.97
N GLY B 248 8.34 1.97 -7.98
CA GLY B 248 7.98 0.58 -7.72
C GLY B 248 9.04 -0.20 -6.97
N ILE B 249 9.67 0.44 -6.02
CA ILE B 249 10.61 -0.12 -5.04
C ILE B 249 10.06 0.36 -3.71
N GLN B 250 10.17 -0.41 -2.64
CA GLN B 250 9.42 -0.09 -1.45
C GLN B 250 10.36 0.62 -0.40
N ASN B 251 9.75 1.63 0.29
CA ASN B 251 10.52 2.39 1.28
C ASN B 251 10.66 1.69 2.68
N ASN B 252 11.88 1.47 3.11
CA ASN B 252 12.25 0.84 4.37
C ASN B 252 12.25 1.81 5.60
N PHE B 253 12.32 3.13 5.38
CA PHE B 253 12.55 4.08 6.49
C PHE B 253 11.27 4.79 6.98
N ASP B 254 11.02 4.72 8.28
CA ASP B 254 9.87 5.32 8.93
C ASP B 254 10.19 6.75 9.55
N TYR B 255 9.96 7.79 8.76
CA TYR B 255 10.13 9.20 9.20
C TYR B 255 9.17 9.62 10.26
N LYS B 256 7.99 9.06 10.28
CA LYS B 256 7.03 9.43 11.35
C LYS B 256 7.47 8.94 12.70
N ARG B 257 8.09 7.76 12.75
CA ARG B 257 8.63 7.26 14.01
C ARG B 257 9.74 8.18 14.46
N PHE B 258 10.63 8.58 13.55
CA PHE B 258 11.72 9.48 13.91
C PHE B 258 11.17 10.79 14.48
N ILE B 259 10.16 11.38 13.85
CA ILE B 259 9.57 12.62 14.33
C ILE B 259 8.97 12.47 15.70
N LYS B 260 8.22 11.42 15.94
CA LYS B 260 7.70 11.20 17.33
C LYS B 260 8.73 11.09 18.40
N PHE B 261 9.94 10.57 18.10
CA PHE B 261 10.99 10.38 19.06
C PHE B 261 11.94 11.54 19.18
N ALA B 262 11.86 12.53 18.32
CA ALA B 262 12.87 13.60 18.32
C ALA B 262 12.59 14.62 19.39
N ARG B 263 13.66 15.11 20.02
CA ARG B 263 13.66 16.07 21.13
C ARG B 263 14.81 17.07 20.97
N VAL B 264 14.63 18.25 21.52
CA VAL B 264 15.66 19.29 21.56
C VAL B 264 16.33 19.29 22.92
N CYS B 265 17.66 19.23 22.91
CA CYS B 265 18.53 19.19 24.12
C CYS B 265 19.71 20.14 23.93
N GLU B 266 20.37 20.45 25.03
CA GLU B 266 21.61 21.25 25.01
C GLU B 266 22.80 20.42 24.56
N VAL B 267 23.53 20.89 23.56
CA VAL B 267 24.78 20.23 23.11
C VAL B 267 25.77 21.33 22.81
N ASP B 268 26.89 21.36 23.57
CA ASP B 268 27.94 22.40 23.44
C ASP B 268 27.38 23.83 23.40
N ASN B 269 26.48 24.17 24.31
CA ASN B 269 25.83 25.49 24.36
C ASN B 269 25.05 25.97 23.12
N GLU B 270 24.58 25.03 22.33
CA GLU B 270 23.48 25.26 21.33
C GLU B 270 22.33 24.31 21.72
N LEU B 271 21.09 24.72 21.45
CA LEU B 271 19.96 23.79 21.50
C LEU B 271 19.82 23.03 20.14
N ARG B 272 20.11 21.72 20.15
CA ARG B 272 20.00 20.87 18.95
C ARG B 272 18.93 19.77 19.02
N ILE B 273 18.51 19.29 17.85
CA ILE B 273 17.59 18.17 17.76
C ILE B 273 18.34 16.87 18.07
N CYS B 274 17.81 16.06 18.99
CA CYS B 274 18.39 14.78 19.36
C CYS B 274 17.43 13.61 19.09
N ALA B 275 18.00 12.51 18.62
CA ALA B 275 17.26 11.27 18.46
C ALA B 275 17.35 10.39 19.74
N ARG B 276 16.34 9.55 19.92
CA ARG B 276 16.35 8.60 21.04
C ARG B 276 17.40 7.51 20.80
N ASP B 277 18.15 7.19 21.86
CA ASP B 277 19.28 6.28 21.76
C ASP B 277 19.01 5.01 20.94
N LYS B 278 18.00 4.25 21.30
CA LYS B 278 17.83 2.92 20.69
C LYS B 278 17.34 2.93 19.22
N GLU B 279 17.01 4.11 18.68
CA GLU B 279 16.65 4.32 17.31
C GLU B 279 17.90 4.53 16.39
N VAL B 280 19.09 4.38 16.92
CA VAL B 280 20.34 4.61 16.15
C VAL B 280 20.46 3.64 14.99
N GLY B 281 20.07 2.37 15.18
CA GLY B 281 19.92 1.38 14.11
C GLY B 281 19.08 1.82 12.94
N ASN B 282 17.96 2.48 13.18
CA ASN B 282 17.09 2.97 12.12
C ASN B 282 17.81 4.07 11.30
N LEU B 283 18.68 4.83 11.95
CA LEU B 283 19.48 5.87 11.29
C LEU B 283 20.57 5.29 10.37
N TYR B 284 21.31 4.27 10.82
CA TYR B 284 22.21 3.54 9.94
C TYR B 284 21.41 2.97 8.76
N ASP B 285 20.25 2.40 9.07
CA ASP B 285 19.32 1.91 8.04
C ASP B 285 18.90 3.02 7.04
N MET B 286 18.68 4.24 7.52
CA MET B 286 18.28 5.34 6.67
C MET B 286 19.32 5.55 5.55
N PHE B 287 20.61 5.57 5.95
CA PHE B 287 21.68 5.84 5.00
C PHE B 287 21.93 4.63 4.09
N HIS B 288 21.72 3.43 4.62
CA HIS B 288 21.79 2.20 3.81
C HIS B 288 20.79 2.25 2.67
N THR B 289 19.57 2.69 2.99
CA THR B 289 18.50 2.82 2.01
C THR B 289 18.81 3.89 1.00
N ARG B 290 19.31 5.05 1.39
CA ARG B 290 19.79 6.04 0.42
C ARG B 290 20.82 5.45 -0.59
N ASN B 291 21.76 4.69 -0.09
CA ASN B 291 22.68 3.94 -0.91
C ASN B 291 22.04 2.92 -1.84
N SER B 292 21.07 2.18 -1.33
CA SER B 292 20.29 1.19 -2.09
C SER B 292 19.56 1.84 -3.24
N LEU B 293 18.95 2.99 -2.98
CA LEU B 293 18.20 3.70 -4.01
C LEU B 293 19.15 4.29 -5.07
N HIS B 294 20.32 4.79 -4.68
CA HIS B 294 21.32 5.19 -5.64
C HIS B 294 21.77 3.98 -6.53
N ARG B 295 22.01 2.84 -5.94
CA ARG B 295 22.42 1.67 -6.69
C ARG B 295 21.34 1.12 -7.63
N ARG B 296 20.07 1.05 -7.21
CA ARG B 296 19.05 0.43 -8.02
C ARG B 296 18.46 1.38 -9.01
N ALA B 297 18.29 2.66 -8.64
CA ALA B 297 17.55 3.62 -9.45
C ALA B 297 18.36 4.83 -9.86
N TYR B 298 18.85 5.63 -8.92
CA TYR B 298 19.33 6.96 -9.31
C TYR B 298 20.67 6.85 -10.10
N GLN B 299 21.45 5.79 -9.92
CA GLN B 299 22.65 5.57 -10.72
C GLN B 299 22.49 4.39 -11.65
N HIS B 300 21.25 4.07 -12.04
CA HIS B 300 21.03 2.98 -13.00
C HIS B 300 21.86 3.27 -14.27
N LYS B 301 22.54 2.24 -14.75
CA LYS B 301 23.53 2.32 -15.82
C LYS B 301 22.94 2.94 -17.11
N VAL B 302 21.71 2.56 -17.46
CA VAL B 302 21.04 3.13 -18.60
C VAL B 302 20.45 4.52 -18.35
N GLY B 303 19.95 4.76 -17.17
CA GLY B 303 19.47 6.12 -16.80
C GLY B 303 20.57 7.16 -16.93
N ASN B 304 21.74 6.84 -16.43
CA ASN B 304 22.92 7.77 -16.52
C ASN B 304 23.36 7.95 -17.97
N ILE B 305 23.31 6.91 -18.81
CA ILE B 305 23.73 7.07 -20.15
C ILE B 305 22.72 7.90 -20.91
N ILE B 306 21.46 7.76 -20.58
CA ILE B 306 20.43 8.62 -21.19
C ILE B 306 20.64 10.08 -20.78
N ASP B 307 20.87 10.33 -19.50
CA ASP B 307 21.31 11.67 -19.00
C ASP B 307 22.53 12.24 -19.74
N THR B 308 23.49 11.36 -20.07
CA THR B 308 24.71 11.77 -20.74
C THR B 308 24.37 12.13 -22.18
N MET B 309 23.53 11.33 -22.85
CA MET B 309 23.10 11.64 -24.22
C MET B 309 22.35 12.98 -24.29
N ILE B 310 21.47 13.23 -23.34
CA ILE B 310 20.74 14.49 -23.26
C ILE B 310 21.69 15.65 -23.01
N THR B 311 22.70 15.44 -22.17
CA THR B 311 23.71 16.47 -21.93
C THR B 311 24.46 16.79 -23.23
N ASP B 312 24.87 15.78 -24.00
CA ASP B 312 25.53 15.96 -25.27
C ASP B 312 24.69 16.78 -26.22
N ALA B 313 23.39 16.47 -26.31
CA ALA B 313 22.48 17.26 -27.13
C ALA B 313 22.35 18.68 -26.65
N PHE B 314 22.33 18.90 -25.35
CA PHE B 314 22.22 20.26 -24.82
C PHE B 314 23.50 21.05 -25.13
N LEU B 315 24.67 20.40 -25.08
CA LEU B 315 25.92 21.05 -25.50
C LEU B 315 25.91 21.46 -26.98
N LYS B 316 25.46 20.55 -27.84
CA LYS B 316 25.39 20.80 -29.29
C LYS B 316 24.37 21.86 -29.68
N ALA B 317 23.38 22.08 -28.80
CA ALA B 317 22.40 23.12 -29.01
C ALA B 317 22.76 24.48 -28.40
N ASP B 318 23.76 24.50 -27.51
CA ASP B 318 24.01 25.66 -26.63
C ASP B 318 24.31 26.98 -27.36
N ASP B 319 24.97 26.89 -28.50
CA ASP B 319 25.21 28.09 -29.34
C ASP B 319 23.96 28.71 -29.95
N TYR B 320 22.93 27.89 -30.20
CA TYR B 320 21.83 28.27 -31.07
C TYR B 320 20.52 28.61 -30.34
N ILE B 321 20.23 28.07 -29.16
CA ILE B 321 18.96 28.37 -28.50
C ILE B 321 19.04 29.72 -27.79
N GLU B 322 18.02 30.55 -27.95
CA GLU B 322 17.88 31.79 -27.17
C GLU B 322 16.86 31.59 -26.05
N ILE B 323 17.19 32.09 -24.87
CA ILE B 323 16.22 32.22 -23.78
C ILE B 323 16.17 33.70 -23.43
N THR B 324 15.01 34.28 -23.49
CA THR B 324 14.84 35.72 -23.31
C THR B 324 14.73 36.05 -21.82
N GLY B 325 15.58 36.95 -21.34
CA GLY B 325 15.63 37.35 -19.95
C GLY B 325 15.17 38.76 -19.67
N ALA B 326 15.63 39.30 -18.55
CA ALA B 326 15.32 40.65 -18.13
C ALA B 326 15.87 41.70 -19.12
N GLY B 327 15.06 42.74 -19.32
CA GLY B 327 15.35 43.80 -20.28
C GLY B 327 14.98 43.43 -21.71
N GLY B 328 14.81 42.17 -22.05
CA GLY B 328 14.88 41.73 -23.45
C GLY B 328 16.16 41.01 -23.89
N LYS B 329 17.18 40.93 -23.03
CA LYS B 329 18.47 40.32 -23.38
C LYS B 329 18.31 38.86 -23.73
N LYS B 330 19.15 38.34 -24.62
CA LYS B 330 19.15 36.90 -24.95
C LYS B 330 20.27 36.19 -24.18
N TYR B 331 19.91 35.07 -23.55
CA TYR B 331 20.83 34.20 -22.86
C TYR B 331 20.81 32.82 -23.50
N ARG B 332 21.82 32.03 -23.17
CA ARG B 332 21.92 30.67 -23.69
C ARG B 332 21.47 29.68 -22.61
N ILE B 333 21.40 28.39 -22.93
CA ILE B 333 21.05 27.35 -21.94
C ILE B 333 22.07 27.44 -20.82
N SER B 334 23.35 27.45 -21.19
CA SER B 334 24.45 27.58 -20.22
C SER B 334 24.51 28.90 -19.45
N THR B 335 23.92 29.99 -19.96
CA THR B 335 23.98 31.31 -19.31
C THR B 335 22.69 31.80 -18.68
N ALA B 336 21.64 31.03 -18.86
CA ALA B 336 20.36 31.33 -18.21
C ALA B 336 20.50 31.40 -16.71
N ILE B 337 21.46 30.67 -16.11
CA ILE B 337 21.70 30.77 -14.66
C ILE B 337 22.14 32.14 -14.15
N ASP B 338 22.52 33.03 -15.04
CA ASP B 338 22.97 34.37 -14.66
C ASP B 338 21.87 35.42 -14.64
N ASP B 339 20.69 35.07 -15.12
CA ASP B 339 19.49 35.90 -15.05
C ASP B 339 18.27 35.09 -14.67
N MET B 340 17.64 35.46 -13.56
CA MET B 340 16.56 34.66 -12.98
C MET B 340 15.27 34.71 -13.78
N GLU B 341 14.98 35.82 -14.41
CA GLU B 341 13.88 35.89 -15.38
C GLU B 341 14.05 34.88 -16.54
N ALA B 342 15.30 34.68 -17.03
CA ALA B 342 15.58 33.70 -18.03
C ALA B 342 15.51 32.26 -17.49
N TYR B 343 16.01 32.08 -16.28
CA TYR B 343 16.05 30.77 -15.68
C TYR B 343 14.65 30.22 -15.39
N THR B 344 13.73 31.09 -14.91
CA THR B 344 12.30 30.79 -14.84
C THR B 344 11.73 30.03 -16.06
N LYS B 345 12.21 30.39 -17.27
CA LYS B 345 11.78 29.74 -18.49
C LYS B 345 12.64 28.57 -18.96
N LEU B 346 13.60 28.13 -18.14
CA LEU B 346 14.46 27.01 -18.53
C LEU B 346 13.99 25.74 -17.82
N THR B 347 13.33 24.84 -18.57
CA THR B 347 12.75 23.59 -18.01
C THR B 347 12.95 22.40 -18.96
N ASP B 348 12.36 21.26 -18.66
CA ASP B 348 12.44 20.07 -19.53
C ASP B 348 11.94 20.34 -20.95
N ASN B 349 11.09 21.34 -21.11
CA ASN B 349 10.65 21.80 -22.41
C ASN B 349 11.77 21.94 -23.42
N ILE B 350 12.98 22.37 -22.98
CA ILE B 350 14.17 22.42 -23.87
C ILE B 350 14.42 21.12 -24.68
N PHE B 351 14.24 19.98 -24.05
CA PHE B 351 14.38 18.67 -24.68
C PHE B 351 13.49 18.57 -25.93
N LEU B 352 12.23 18.97 -25.82
CA LEU B 352 11.28 18.89 -26.93
C LEU B 352 11.38 20.08 -27.91
N GLU B 353 11.75 21.28 -27.45
CA GLU B 353 12.18 22.32 -28.38
C GLU B 353 13.29 21.81 -29.34
N ILE B 354 14.24 21.07 -28.84
CA ILE B 354 15.29 20.47 -29.65
C ILE B 354 14.75 19.37 -30.55
N LEU B 355 14.11 18.39 -29.97
CA LEU B 355 13.58 17.24 -30.74
C LEU B 355 12.63 17.60 -31.91
N TYR B 356 11.78 18.61 -31.71
CA TYR B 356 10.81 19.04 -32.70
C TYR B 356 11.32 20.11 -33.71
N SER B 357 12.56 20.57 -33.58
CA SER B 357 13.09 21.68 -34.35
C SER B 357 13.39 21.27 -35.80
N THR B 358 13.43 22.23 -36.70
CA THR B 358 13.78 22.01 -38.12
C THR B 358 14.97 22.84 -38.58
N ASP B 359 15.38 23.84 -37.79
CA ASP B 359 16.64 24.57 -37.99
C ASP B 359 17.78 23.57 -38.31
N PRO B 360 18.48 23.73 -39.45
CA PRO B 360 19.64 22.83 -39.67
C PRO B 360 20.82 23.02 -38.68
N LYS B 361 20.89 24.18 -38.02
CA LYS B 361 21.88 24.42 -36.96
C LYS B 361 21.69 23.53 -35.74
N LEU B 362 20.47 23.02 -35.55
CA LEU B 362 20.15 22.05 -34.49
C LEU B 362 20.20 20.55 -34.91
N LYS B 363 20.68 20.25 -36.09
CA LYS B 363 20.63 18.88 -36.60
C LYS B 363 21.38 17.89 -35.73
N ASP B 364 22.53 18.28 -35.19
CA ASP B 364 23.39 17.32 -34.50
C ASP B 364 22.77 16.98 -33.15
N ALA B 365 22.28 18.02 -32.46
CA ALA B 365 21.54 17.87 -31.22
C ALA B 365 20.26 17.07 -31.40
N ARG B 366 19.48 17.42 -32.40
CA ARG B 366 18.24 16.74 -32.71
C ARG B 366 18.44 15.26 -33.01
N GLU B 367 19.49 14.91 -33.75
CA GLU B 367 19.75 13.49 -34.08
C GLU B 367 20.10 12.63 -32.87
N ILE B 368 20.79 13.21 -31.90
CA ILE B 368 21.09 12.52 -30.68
C ILE B 368 19.76 12.22 -29.94
N LEU B 369 18.89 13.26 -29.80
CA LEU B 369 17.62 13.04 -29.15
C LEU B 369 16.75 12.00 -29.87
N LYS B 370 16.84 11.97 -31.21
CA LYS B 370 16.15 10.98 -31.98
C LYS B 370 16.63 9.54 -31.69
N GLN B 371 17.92 9.38 -31.46
CA GLN B 371 18.48 8.07 -31.17
C GLN B 371 18.00 7.54 -29.80
N ILE B 372 17.73 8.44 -28.86
CA ILE B 372 17.08 8.06 -27.61
C ILE B 372 15.66 7.51 -27.84
N GLU B 373 14.87 8.16 -28.68
CA GLU B 373 13.51 7.68 -29.02
C GLU B 373 13.52 6.32 -29.68
N TYR B 374 14.45 6.09 -30.60
CA TYR B 374 14.59 4.76 -31.21
C TYR B 374 15.31 3.71 -30.34
N ARG B 375 15.79 4.11 -29.17
CA ARG B 375 16.53 3.23 -28.24
C ARG B 375 17.84 2.70 -28.81
N ASN B 376 18.47 3.50 -29.66
CA ASN B 376 19.80 3.21 -30.17
C ASN B 376 20.74 4.00 -29.25
N LEU B 377 20.98 3.44 -28.06
CA LEU B 377 21.74 4.10 -27.04
C LEU B 377 23.19 3.70 -27.07
N PHE B 378 24.05 4.56 -26.53
CA PHE B 378 25.44 4.15 -26.21
C PHE B 378 25.34 2.91 -25.32
N LYS B 379 26.24 1.97 -25.51
CA LYS B 379 26.09 0.65 -24.94
C LYS B 379 27.03 0.47 -23.79
N TYR B 380 26.52 -0.16 -22.71
CA TYR B 380 27.23 -0.47 -21.51
C TYR B 380 28.17 -1.64 -21.79
N VAL B 381 29.44 -1.45 -21.41
CA VAL B 381 30.47 -2.45 -21.51
C VAL B 381 30.65 -3.18 -20.19
N GLY B 382 30.73 -2.44 -19.08
CA GLY B 382 31.00 -2.98 -17.75
C GLY B 382 31.31 -1.99 -16.64
N GLU B 383 31.51 -2.53 -15.45
CA GLU B 383 31.67 -1.75 -14.22
C GLU B 383 32.82 -2.34 -13.46
N THR B 384 33.61 -1.46 -12.84
CA THR B 384 34.68 -1.85 -11.98
C THR B 384 34.82 -0.79 -10.89
N GLN B 385 35.72 -1.07 -9.94
CA GLN B 385 36.05 -0.12 -8.86
C GLN B 385 37.57 -0.04 -8.68
N PRO B 386 38.07 1.08 -8.13
CA PRO B 386 39.49 1.09 -7.71
C PRO B 386 39.76 0.15 -6.44
N THR B 387 40.94 0.22 -5.91
CA THR B 387 41.54 -0.79 -5.02
C THR B 387 42.61 -0.09 -4.18
N GLY B 388 42.83 -0.64 -2.98
CA GLY B 388 43.72 0.01 -1.99
C GLY B 388 43.20 1.40 -1.69
N GLN B 389 44.02 2.42 -1.98
CA GLN B 389 43.53 3.80 -1.98
C GLN B 389 43.99 4.56 -3.21
N ILE B 390 43.79 3.91 -4.37
CA ILE B 390 43.59 4.65 -5.67
C ILE B 390 42.31 5.46 -5.41
N LYS B 391 42.36 6.79 -5.56
CA LYS B 391 41.21 7.62 -5.48
C LYS B 391 41.19 8.51 -6.71
N ILE B 392 40.24 8.33 -7.61
CA ILE B 392 40.24 8.99 -8.95
C ILE B 392 39.65 10.39 -8.84
N LYS B 393 40.45 11.38 -9.27
CA LYS B 393 40.15 12.79 -8.92
C LYS B 393 39.45 13.43 -10.13
N ARG B 394 38.68 14.50 -9.89
CA ARG B 394 37.94 15.19 -10.97
C ARG B 394 38.85 15.69 -12.16
N GLU B 395 40.02 16.18 -11.82
CA GLU B 395 41.12 16.48 -12.75
C GLU B 395 41.57 15.37 -13.71
N ASP B 396 41.35 14.12 -13.33
CA ASP B 396 41.66 12.95 -14.18
C ASP B 396 40.49 12.34 -15.00
N TYR B 397 39.32 12.94 -14.98
CA TYR B 397 38.14 12.34 -15.66
C TYR B 397 38.34 12.31 -17.16
N GLU B 398 38.82 13.42 -17.74
CA GLU B 398 39.05 13.51 -19.19
C GLU B 398 40.06 12.45 -19.70
N SER B 399 41.02 12.09 -18.85
CA SER B 399 42.06 11.17 -19.21
C SER B 399 41.64 9.71 -19.40
N LEU B 400 40.51 9.35 -18.77
CA LEU B 400 40.12 7.94 -18.65
C LEU B 400 39.71 7.22 -19.98
N PRO B 401 38.92 7.90 -20.85
CA PRO B 401 38.63 7.27 -22.14
C PRO B 401 39.88 7.05 -22.98
N LYS B 402 40.82 8.02 -22.92
CA LYS B 402 42.14 7.86 -23.52
C LYS B 402 42.90 6.68 -22.95
N GLU B 403 42.87 6.48 -21.64
CA GLU B 403 43.51 5.29 -21.05
C GLU B 403 42.91 3.95 -21.53
N VAL B 404 41.61 3.91 -21.74
CA VAL B 404 40.95 2.65 -22.15
C VAL B 404 41.31 2.32 -23.62
N ALA B 405 41.35 3.33 -24.48
CA ALA B 405 41.70 3.11 -25.88
C ALA B 405 43.16 2.70 -26.11
N SER B 406 44.01 3.08 -25.17
CA SER B 406 45.43 2.70 -25.13
C SER B 406 45.74 1.28 -24.63
N ALA B 407 44.78 0.59 -24.01
CA ALA B 407 45.07 -0.77 -23.54
C ALA B 407 45.33 -1.71 -24.73
N LYS B 408 46.17 -2.69 -24.53
CA LYS B 408 46.66 -3.56 -25.64
C LYS B 408 46.34 -4.97 -25.22
N PRO B 409 45.07 -5.38 -25.39
CA PRO B 409 44.71 -6.75 -25.03
C PRO B 409 45.32 -7.74 -26.00
N LYS B 410 45.85 -8.84 -25.48
CA LYS B 410 46.59 -9.80 -26.34
C LYS B 410 45.62 -10.80 -27.00
N VAL B 411 44.94 -10.31 -28.02
CA VAL B 411 43.82 -10.98 -28.65
C VAL B 411 43.64 -10.44 -30.08
N LEU B 412 43.10 -11.28 -30.93
CA LEU B 412 42.90 -10.85 -32.34
C LEU B 412 41.64 -9.98 -32.44
N LEU B 413 41.76 -8.73 -32.90
CA LEU B 413 40.63 -7.81 -33.01
C LEU B 413 40.33 -7.39 -34.44
N ASP B 414 39.12 -7.71 -34.89
CA ASP B 414 38.62 -7.31 -36.23
C ASP B 414 38.47 -5.79 -36.44
N VAL B 415 38.22 -5.03 -35.38
CA VAL B 415 38.14 -3.56 -35.43
C VAL B 415 38.91 -2.95 -34.26
N LYS B 416 39.23 -1.67 -34.40
CA LYS B 416 40.01 -0.91 -33.44
C LYS B 416 39.20 0.30 -33.01
N LEU B 417 39.30 0.66 -31.78
CA LEU B 417 38.52 1.74 -31.21
C LEU B 417 39.48 2.75 -30.67
N LYS B 418 39.02 4.02 -30.59
CA LYS B 418 39.83 5.12 -30.06
C LYS B 418 39.02 5.88 -29.02
N ALA B 419 39.72 6.78 -28.32
CA ALA B 419 39.18 7.57 -27.19
C ALA B 419 37.76 8.05 -27.36
N GLU B 420 37.45 8.60 -28.52
CA GLU B 420 36.17 9.23 -28.80
C GLU B 420 35.00 8.21 -28.79
N ASP B 421 35.33 6.90 -28.93
CA ASP B 421 34.33 5.83 -28.85
C ASP B 421 33.99 5.35 -27.44
N PHE B 422 34.64 5.90 -26.41
CA PHE B 422 34.46 5.48 -25.02
C PHE B 422 33.93 6.58 -24.14
N ILE B 423 32.98 6.22 -23.27
CA ILE B 423 32.56 7.07 -22.16
C ILE B 423 32.95 6.38 -20.85
N VAL B 424 33.54 7.14 -19.93
CA VAL B 424 33.88 6.63 -18.61
C VAL B 424 33.20 7.49 -17.57
N ASP B 425 32.39 6.91 -16.72
CA ASP B 425 31.56 7.63 -15.75
C ASP B 425 32.12 7.19 -14.39
N VAL B 426 32.41 8.16 -13.54
CA VAL B 426 32.92 7.91 -12.20
C VAL B 426 31.85 8.37 -11.22
N ILE B 427 31.36 7.46 -10.38
CA ILE B 427 30.37 7.78 -9.36
C ILE B 427 30.94 7.65 -7.98
N ASN B 428 30.87 8.72 -7.22
CA ASN B 428 31.17 8.75 -5.78
C ASN B 428 29.91 8.35 -4.94
N MET B 429 29.94 7.15 -4.38
CA MET B 429 28.89 6.65 -3.47
C MET B 429 29.35 6.85 -2.02
N ASP B 430 28.56 7.55 -1.23
CA ASP B 430 28.90 7.71 0.20
C ASP B 430 27.66 7.91 1.07
N TYR B 431 27.86 8.11 2.36
CA TYR B 431 26.81 8.41 3.33
C TYR B 431 26.61 9.93 3.56
N GLY B 432 26.94 10.74 2.55
CA GLY B 432 26.65 12.17 2.51
C GLY B 432 27.67 13.08 3.09
N MET B 433 28.75 12.52 3.60
CA MET B 433 29.82 13.26 4.33
C MET B 433 31.18 12.69 3.94
N GLN B 434 31.43 12.60 2.64
CA GLN B 434 32.57 11.90 2.03
C GLN B 434 33.03 10.68 2.83
N GLU B 435 34.22 10.71 3.45
N GLU B 435 34.22 10.64 3.43
CA GLU B 435 34.76 9.52 4.13
CA GLU B 435 34.67 9.36 4.08
C GLU B 435 34.11 9.21 5.52
C GLU B 435 34.10 9.19 5.51
N LYS B 436 33.44 10.22 6.06
CA LYS B 436 32.98 10.18 7.45
C LYS B 436 31.66 9.44 7.64
N ASN B 437 31.48 8.99 8.88
CA ASN B 437 30.26 8.34 9.36
C ASN B 437 29.33 9.42 9.89
N PRO B 438 28.25 9.70 9.17
CA PRO B 438 27.37 10.76 9.66
C PRO B 438 26.77 10.51 11.06
N ILE B 439 26.66 9.25 11.50
CA ILE B 439 26.04 9.00 12.81
C ILE B 439 26.94 9.40 13.97
N ASP B 440 28.26 9.54 13.74
CA ASP B 440 29.14 10.19 14.68
C ASP B 440 28.85 11.65 14.92
N HIS B 441 28.05 12.27 14.10
CA HIS B 441 27.66 13.67 14.25
C HIS B 441 26.19 13.88 14.68
N VAL B 442 25.60 12.83 15.26
CA VAL B 442 24.22 12.85 15.74
C VAL B 442 24.24 12.84 17.25
N SER B 443 23.41 13.64 17.85
CA SER B 443 23.23 13.66 19.29
C SER B 443 21.97 12.84 19.66
N PHE B 444 22.10 12.10 20.76
CA PHE B 444 21.02 11.25 21.27
C PHE B 444 20.57 11.58 22.69
N TYR B 445 19.40 11.09 23.09
CA TYR B 445 18.97 11.09 24.50
C TYR B 445 18.49 9.70 24.91
N CYS B 446 18.51 9.43 26.20
N CYS B 446 18.52 9.42 26.20
CA CYS B 446 18.11 8.18 26.82
CA CYS B 446 18.07 8.15 26.78
C CYS B 446 16.79 8.38 27.54
C CYS B 446 16.80 8.37 27.56
N LYS B 447 16.04 7.31 27.78
CA LYS B 447 14.68 7.45 28.37
C LYS B 447 14.70 7.89 29.85
N THR B 448 15.69 7.43 30.55
CA THR B 448 15.94 7.78 31.94
C THR B 448 16.24 9.28 32.24
N ALA B 449 16.83 9.99 31.27
CA ALA B 449 17.17 11.42 31.40
C ALA B 449 17.07 12.11 30.03
N PRO B 450 15.82 12.46 29.65
CA PRO B 450 15.56 12.96 28.31
C PRO B 450 16.21 14.27 27.93
N ASN B 451 16.52 15.12 28.90
CA ASN B 451 17.26 16.38 28.61
C ASN B 451 18.77 16.27 28.51
N ARG B 452 19.32 15.07 28.61
CA ARG B 452 20.78 14.90 28.63
C ARG B 452 21.26 14.28 27.31
N ALA B 453 21.88 15.10 26.46
CA ALA B 453 22.46 14.65 25.19
C ALA B 453 23.64 13.74 25.37
N ILE B 454 23.75 12.68 24.57
CA ILE B 454 24.91 11.79 24.57
C ILE B 454 25.31 11.40 23.16
N ARG B 455 26.46 10.75 23.06
CA ARG B 455 27.02 10.27 21.81
C ARG B 455 27.04 8.75 21.85
N ILE B 456 27.00 8.15 20.67
CA ILE B 456 27.02 6.73 20.45
C ILE B 456 27.98 6.45 19.28
N THR B 457 28.80 5.43 19.41
CA THR B 457 29.84 5.09 18.45
C THR B 457 29.45 3.80 17.76
N LYS B 458 30.07 3.56 16.63
CA LYS B 458 29.69 2.45 15.76
C LYS B 458 29.74 1.05 16.47
N ASN B 459 30.68 0.87 17.38
CA ASN B 459 30.81 -0.41 18.11
C ASN B 459 29.79 -0.60 19.22
N GLN B 460 29.14 0.49 19.63
CA GLN B 460 28.01 0.45 20.54
C GLN B 460 26.70 0.02 19.85
N VAL B 461 26.73 -0.20 18.53
CA VAL B 461 25.53 -0.51 17.78
C VAL B 461 25.62 -1.92 17.21
N SER B 462 26.60 -2.16 16.37
CA SER B 462 26.71 -3.43 15.65
C SER B 462 28.06 -3.57 14.98
N GLN B 463 28.51 -4.82 14.90
CA GLN B 463 29.69 -5.26 14.11
C GLN B 463 29.34 -5.49 12.64
N LEU B 464 28.04 -5.56 12.30
CA LEU B 464 27.57 -5.89 10.94
C LEU B 464 27.41 -4.65 10.06
N LEU B 465 27.86 -3.48 10.54
CA LEU B 465 27.69 -2.22 9.80
C LEU B 465 28.81 -2.07 8.78
N PRO B 466 28.65 -1.19 7.80
CA PRO B 466 29.78 -0.87 6.87
C PRO B 466 31.08 -0.40 7.55
N GLU B 467 32.23 -0.95 7.18
CA GLU B 467 33.49 -0.50 7.83
C GLU B 467 34.25 0.45 6.92
N LYS B 468 33.56 1.27 6.20
CA LYS B 468 34.01 2.24 5.20
C LYS B 468 32.70 2.85 4.76
N PHE B 469 32.68 4.17 4.61
CA PHE B 469 31.52 4.95 4.26
C PHE B 469 31.61 5.70 2.91
N ALA B 470 32.70 5.49 2.13
CA ALA B 470 32.75 6.01 0.76
C ALA B 470 33.46 5.08 -0.20
N GLU B 471 33.05 5.10 -1.45
CA GLU B 471 33.64 4.27 -2.50
C GLU B 471 33.36 4.88 -3.88
N GLN B 472 34.06 4.40 -4.89
CA GLN B 472 33.87 4.87 -6.26
C GLN B 472 33.47 3.72 -7.19
N LEU B 473 32.54 3.98 -8.08
CA LEU B 473 32.15 3.07 -9.15
C LEU B 473 32.58 3.66 -10.49
N ILE B 474 33.13 2.82 -11.34
CA ILE B 474 33.57 3.22 -12.67
C ILE B 474 32.79 2.40 -13.73
N ARG B 475 31.96 3.05 -14.53
CA ARG B 475 31.20 2.41 -15.59
C ARG B 475 31.74 2.87 -16.94
N VAL B 476 31.85 1.96 -17.88
CA VAL B 476 32.40 2.23 -19.18
C VAL B 476 31.39 1.85 -20.25
N TYR B 477 31.24 2.77 -21.20
CA TYR B 477 30.30 2.61 -22.31
C TYR B 477 31.04 2.79 -23.64
N CYS B 478 30.50 2.15 -24.71
CA CYS B 478 31.01 2.29 -26.07
C CYS B 478 29.97 2.99 -26.97
N LYS B 479 30.41 4.02 -27.69
CA LYS B 479 29.56 4.74 -28.64
C LYS B 479 29.23 3.99 -29.95
N LYS B 480 30.02 2.99 -30.29
CA LYS B 480 29.82 2.14 -31.45
C LYS B 480 29.18 0.84 -31.03
N VAL B 481 28.08 0.48 -31.67
CA VAL B 481 27.14 -0.52 -31.12
C VAL B 481 27.05 -1.88 -31.83
N ASP B 482 27.72 -2.06 -32.96
CA ASP B 482 27.65 -3.34 -33.68
C ASP B 482 28.41 -4.49 -32.95
N ARG B 483 28.18 -5.73 -33.39
CA ARG B 483 28.71 -6.92 -32.71
C ARG B 483 30.26 -6.90 -32.57
N LYS B 484 30.98 -6.47 -33.61
CA LYS B 484 32.49 -6.51 -33.56
C LYS B 484 33.08 -5.45 -32.63
N SER B 485 32.49 -4.27 -32.63
CA SER B 485 32.91 -3.16 -31.77
C SER B 485 32.69 -3.45 -30.30
N LEU B 486 31.57 -4.08 -29.99
CA LEU B 486 31.27 -4.43 -28.59
C LEU B 486 32.25 -5.48 -28.10
N TYR B 487 32.52 -6.50 -28.91
CA TYR B 487 33.54 -7.51 -28.60
C TYR B 487 34.89 -6.82 -28.34
N ALA B 488 35.27 -5.87 -29.19
CA ALA B 488 36.51 -5.15 -28.97
C ALA B 488 36.48 -4.37 -27.67
N ALA B 489 35.46 -3.55 -27.49
CA ALA B 489 35.28 -2.72 -26.27
C ALA B 489 35.49 -3.49 -24.94
N ARG B 490 34.99 -4.71 -24.90
CA ARG B 490 35.10 -5.55 -23.69
C ARG B 490 36.52 -6.03 -23.43
N GLN B 491 37.25 -6.31 -24.51
CA GLN B 491 38.67 -6.66 -24.40
C GLN B 491 39.49 -5.48 -23.88
N TYR B 492 39.31 -4.29 -24.45
CA TYR B 492 39.99 -3.08 -23.99
C TYR B 492 39.72 -2.80 -22.52
N PHE B 493 38.45 -2.86 -22.17
CA PHE B 493 38.00 -2.55 -20.80
C PHE B 493 38.59 -3.52 -19.76
N VAL B 494 38.47 -4.83 -19.99
CA VAL B 494 39.03 -5.82 -19.07
C VAL B 494 40.52 -5.70 -18.96
N GLN B 495 41.19 -5.46 -20.08
CA GLN B 495 42.63 -5.23 -20.06
C GLN B 495 42.97 -3.96 -19.25
N TRP B 496 42.18 -2.92 -19.42
CA TRP B 496 42.41 -1.69 -18.70
C TRP B 496 42.25 -1.88 -17.19
N CYS B 497 41.24 -2.66 -16.77
CA CYS B 497 41.02 -2.96 -15.36
C CYS B 497 42.25 -3.71 -14.79
N ALA B 498 42.71 -4.72 -15.53
CA ALA B 498 43.94 -5.43 -15.22
C ALA B 498 45.19 -4.48 -15.11
N ASP B 499 45.39 -3.66 -16.13
CA ASP B 499 46.54 -2.72 -16.16
C ASP B 499 46.51 -1.77 -14.96
N ARG B 500 45.32 -1.32 -14.54
CA ARG B 500 45.21 -0.36 -13.47
C ARG B 500 44.97 -0.93 -12.08
N ASN B 501 44.86 -2.23 -11.93
CA ASN B 501 44.56 -2.90 -10.64
C ASN B 501 43.22 -2.53 -10.01
N PHE B 502 42.22 -2.41 -10.89
CA PHE B 502 40.84 -2.33 -10.50
C PHE B 502 40.27 -3.73 -10.28
N THR B 503 39.09 -3.78 -9.69
CA THR B 503 38.48 -5.07 -9.40
C THR B 503 38.13 -5.80 -10.69
N LYS B 504 38.08 -7.12 -10.62
CA LYS B 504 37.65 -7.94 -11.74
C LYS B 504 36.17 -7.72 -11.98
N PRO B 505 35.79 -7.31 -13.21
CA PRO B 505 34.35 -7.24 -13.52
C PRO B 505 33.64 -8.56 -13.22
N GLN B 506 32.38 -8.46 -12.86
CA GLN B 506 31.57 -9.64 -12.48
C GLN B 506 31.49 -10.65 -13.64
N ASP B 507 31.36 -10.13 -14.84
CA ASP B 507 31.28 -10.92 -16.07
C ASP B 507 32.63 -11.18 -16.80
N GLY B 508 33.73 -10.72 -16.23
CA GLY B 508 35.06 -10.76 -16.81
C GLY B 508 35.41 -12.02 -17.56
N ASP B 509 35.09 -13.14 -16.94
CA ASP B 509 35.43 -14.48 -17.50
C ASP B 509 34.58 -14.87 -18.71
N VAL B 510 33.38 -14.33 -18.84
CA VAL B 510 32.55 -14.64 -20.02
C VAL B 510 32.83 -13.70 -21.22
N ILE B 511 32.96 -12.39 -20.93
CA ILE B 511 33.14 -11.38 -21.96
C ILE B 511 34.58 -11.31 -22.54
N ALA B 512 35.55 -11.84 -21.83
CA ALA B 512 36.95 -11.78 -22.11
C ALA B 512 37.70 -12.97 -21.47
N PRO B 513 37.39 -14.22 -21.90
CA PRO B 513 38.08 -15.41 -21.34
C PRO B 513 39.61 -15.40 -21.58
N LEU B 514 40.06 -14.78 -22.69
CA LEU B 514 41.48 -14.75 -22.98
C LEU B 514 42.29 -13.74 -22.15
N ILE B 515 41.64 -12.69 -21.61
CA ILE B 515 42.33 -11.65 -20.82
C ILE B 515 42.38 -11.94 -19.30
N THR B 516 41.38 -12.58 -18.69
CA THR B 516 41.35 -12.71 -17.21
C THR B 516 42.41 -13.67 -16.56
N PRO B 517 42.87 -14.72 -17.27
CA PRO B 517 43.96 -15.56 -16.73
C PRO B 517 45.33 -14.88 -16.54
N GLN B 518 45.63 -13.79 -17.27
CA GLN B 518 46.92 -13.07 -17.11
C GLN B 518 47.05 -12.48 -15.66
N LYS B 519 45.94 -11.98 -15.13
CA LYS B 519 45.98 -11.25 -13.87
C LYS B 519 46.04 -12.22 -12.67
N LYS B 520 46.80 -11.83 -11.69
CA LYS B 520 47.40 -12.76 -10.69
C LYS B 520 46.37 -13.06 -9.64
N GLU B 521 45.65 -12.03 -9.20
CA GLU B 521 44.61 -12.19 -8.14
C GLU B 521 43.39 -13.01 -8.68
N TRP B 522 42.99 -12.71 -9.91
CA TRP B 522 41.67 -13.06 -10.48
C TRP B 522 41.55 -14.58 -10.87
N ASN B 523 42.68 -15.30 -10.97
CA ASN B 523 42.79 -16.70 -11.42
C ASN B 523 42.41 -16.76 -12.89
N THR C 38 15.86 -12.66 -25.41
CA THR C 38 14.49 -12.55 -25.96
C THR C 38 13.64 -11.47 -25.20
N MET C 39 13.07 -11.76 -24.03
CA MET C 39 12.12 -10.79 -23.32
C MET C 39 12.75 -9.59 -22.57
N LYS C 40 12.34 -8.34 -22.81
CA LYS C 40 12.60 -7.29 -21.80
C LYS C 40 11.68 -7.30 -20.59
N VAL C 41 12.24 -6.91 -19.45
CA VAL C 41 11.52 -6.73 -18.21
C VAL C 41 11.49 -5.23 -17.86
N ILE C 42 10.32 -4.72 -17.54
CA ILE C 42 10.09 -3.35 -17.10
C ILE C 42 9.41 -3.36 -15.72
N ASN C 43 9.82 -2.49 -14.82
CA ASN C 43 9.22 -2.31 -13.51
C ASN C 43 8.23 -1.17 -13.53
N ASP C 44 6.97 -1.55 -13.29
CA ASP C 44 5.83 -0.62 -13.25
C ASP C 44 5.34 -0.62 -11.81
N PRO C 45 5.20 0.59 -11.19
CA PRO C 45 4.71 0.63 -9.83
C PRO C 45 3.32 0.03 -9.62
N ILE C 46 2.47 -0.03 -10.65
CA ILE C 46 1.18 -0.65 -10.56
C ILE C 46 1.21 -2.18 -10.70
N HIS C 47 1.89 -2.68 -11.70
CA HIS C 47 1.85 -4.09 -12.03
C HIS C 47 3.04 -4.94 -11.63
N GLY C 48 4.09 -4.34 -11.13
CA GLY C 48 5.31 -5.09 -10.84
C GLY C 48 6.17 -5.26 -12.08
N HIS C 49 6.89 -6.37 -12.12
CA HIS C 49 7.79 -6.67 -13.25
C HIS C 49 7.01 -7.33 -14.38
N ILE C 50 6.86 -6.60 -15.49
CA ILE C 50 6.09 -6.94 -16.65
C ILE C 50 7.09 -7.43 -17.72
N GLU C 51 6.78 -8.53 -18.39
CA GLU C 51 7.61 -9.08 -19.49
C GLU C 51 7.08 -8.55 -20.84
N LEU C 52 7.96 -8.08 -21.72
CA LEU C 52 7.59 -7.65 -23.06
C LEU C 52 8.33 -8.44 -24.17
N HIS C 53 7.53 -9.05 -25.04
CA HIS C 53 7.96 -9.71 -26.26
C HIS C 53 8.75 -8.76 -27.18
N PRO C 54 9.77 -9.23 -27.90
CA PRO C 54 10.59 -8.28 -28.66
C PRO C 54 9.87 -7.52 -29.77
N LEU C 55 8.76 -8.04 -30.29
CA LEU C 55 7.91 -7.33 -31.23
C LEU C 55 7.27 -6.13 -30.59
N LEU C 56 6.76 -6.30 -29.36
CA LEU C 56 6.22 -5.18 -28.57
C LEU C 56 7.27 -4.11 -28.28
N VAL C 57 8.52 -4.54 -28.04
CA VAL C 57 9.62 -3.59 -27.82
C VAL C 57 9.84 -2.73 -29.07
N ARG C 58 9.88 -3.38 -30.21
CA ARG C 58 9.99 -2.70 -31.51
C ARG C 58 8.88 -1.69 -31.78
N ILE C 59 7.64 -2.04 -31.45
CA ILE C 59 6.54 -1.07 -31.50
C ILE C 59 6.75 0.10 -30.52
N ILE C 60 7.17 -0.21 -29.30
CA ILE C 60 7.34 0.79 -28.25
C ILE C 60 8.48 1.79 -28.54
N ASP C 61 9.54 1.31 -29.19
CA ASP C 61 10.70 2.17 -29.44
C ASP C 61 10.61 2.84 -30.81
N THR C 62 9.56 3.65 -30.95
CA THR C 62 9.33 4.48 -32.16
C THR C 62 8.90 5.86 -31.67
N PRO C 63 9.09 6.89 -32.48
CA PRO C 63 8.65 8.24 -32.03
C PRO C 63 7.15 8.35 -31.77
N GLN C 64 6.37 7.52 -32.46
CA GLN C 64 4.93 7.54 -32.40
C GLN C 64 4.43 7.07 -31.05
N PHE C 65 5.11 6.07 -30.47
CA PHE C 65 4.75 5.57 -29.17
C PHE C 65 5.35 6.41 -28.07
N GLN C 66 6.60 6.82 -28.25
CA GLN C 66 7.33 7.57 -27.21
C GLN C 66 6.75 8.95 -26.94
N ARG C 67 6.11 9.52 -27.95
CA ARG C 67 5.21 10.66 -27.83
C ARG C 67 4.31 10.65 -26.64
N LEU C 68 3.79 9.47 -26.28
CA LEU C 68 2.89 9.33 -25.13
C LEU C 68 3.48 9.70 -23.77
N ARG C 69 4.81 9.75 -23.67
CA ARG C 69 5.48 10.28 -22.48
C ARG C 69 5.20 11.75 -22.22
N TYR C 70 4.72 12.48 -23.20
CA TYR C 70 4.56 13.93 -23.01
C TYR C 70 3.09 14.36 -23.10
N ILE C 71 2.21 13.42 -22.78
CA ILE C 71 0.78 13.61 -22.69
C ILE C 71 0.26 13.16 -21.34
N LYS C 72 -0.10 14.13 -20.47
CA LYS C 72 -0.60 13.80 -19.13
C LYS C 72 -1.94 13.05 -19.25
N GLN C 73 -2.07 11.96 -18.55
CA GLN C 73 -3.28 11.13 -18.48
C GLN C 73 -4.51 11.92 -18.09
N LEU C 74 -4.39 12.75 -17.07
CA LEU C 74 -5.48 13.46 -16.48
C LEU C 74 -5.59 14.93 -16.87
N GLY C 75 -4.73 15.38 -17.81
CA GLY C 75 -4.75 16.76 -18.27
C GLY C 75 -4.67 17.80 -17.18
N GLY C 76 -5.71 18.64 -17.08
CA GLY C 76 -5.72 19.70 -16.07
C GLY C 76 -5.89 19.22 -14.64
N GLY C 77 -6.27 17.96 -14.45
CA GLY C 77 -6.27 17.35 -13.14
C GLY C 77 -4.97 17.43 -12.38
N TYR C 78 -3.83 17.45 -13.06
CA TYR C 78 -2.51 17.62 -12.41
C TYR C 78 -2.42 18.95 -11.70
N TYR C 79 -3.17 19.94 -12.17
CA TYR C 79 -3.21 21.25 -11.53
C TYR C 79 -4.11 21.33 -10.30
N VAL C 80 -4.80 20.21 -9.97
CA VAL C 80 -5.59 20.11 -8.75
C VAL C 80 -5.09 19.01 -7.79
N PHE C 81 -4.65 17.90 -8.39
CA PHE C 81 -4.08 16.76 -7.67
C PHE C 81 -2.60 16.68 -8.04
N PRO C 82 -1.70 17.16 -7.18
CA PRO C 82 -0.29 17.22 -7.58
C PRO C 82 0.43 15.85 -7.75
N GLY C 83 -0.18 14.78 -7.25
CA GLY C 83 0.36 13.47 -7.54
C GLY C 83 0.11 12.97 -8.95
N ALA C 84 -0.86 13.59 -9.66
CA ALA C 84 -1.27 13.13 -10.99
C ALA C 84 -0.36 13.60 -12.13
N SER C 85 0.90 13.25 -12.01
CA SER C 85 1.94 13.59 -12.98
C SER C 85 2.00 12.52 -14.13
N HIS C 86 1.33 11.39 -13.95
CA HIS C 86 1.42 10.30 -14.92
C HIS C 86 0.92 10.64 -16.34
N ASN C 87 1.63 10.07 -17.31
CA ASN C 87 1.45 10.25 -18.69
C ASN C 87 0.86 8.98 -19.36
N ARG C 88 0.38 9.16 -20.59
CA ARG C 88 -0.28 8.07 -21.34
C ARG C 88 0.62 6.89 -21.64
N PHE C 89 1.89 7.11 -21.74
CA PHE C 89 2.89 6.06 -22.04
C PHE C 89 2.82 4.87 -21.07
N GLU C 90 2.96 5.15 -19.78
CA GLU C 90 2.94 4.10 -18.77
C GLU C 90 1.54 3.44 -18.68
N HIS C 91 0.47 4.20 -18.91
CA HIS C 91 -0.87 3.60 -18.92
C HIS C 91 -0.96 2.58 -20.08
N SER C 92 -0.43 2.94 -21.26
CA SER C 92 -0.41 2.06 -22.40
C SER C 92 0.33 0.72 -22.15
N LEU C 93 1.45 0.79 -21.50
CA LEU C 93 2.20 -0.42 -21.12
C LEU C 93 1.37 -1.32 -20.25
N GLY C 94 0.62 -0.73 -19.33
CA GLY C 94 -0.24 -1.46 -18.43
C GLY C 94 -1.45 -2.09 -19.12
N VAL C 95 -2.02 -1.39 -20.09
CA VAL C 95 -3.14 -1.94 -20.87
C VAL C 95 -2.69 -3.13 -21.70
N GLY C 96 -1.52 -2.99 -22.31
CA GLY C 96 -0.89 -4.13 -23.04
C GLY C 96 -0.60 -5.31 -22.14
N TYR C 97 -0.05 -5.05 -20.97
CA TYR C 97 0.23 -6.14 -20.01
C TYR C 97 -1.06 -6.84 -19.59
N LEU C 98 -2.07 -6.09 -19.18
CA LEU C 98 -3.32 -6.71 -18.72
C LEU C 98 -4.06 -7.49 -19.82
N ALA C 99 -4.03 -6.96 -21.05
CA ALA C 99 -4.57 -7.67 -22.19
C ALA C 99 -3.97 -9.03 -22.36
N GLY C 100 -2.64 -9.09 -22.24
CA GLY C 100 -1.94 -10.35 -22.20
C GLY C 100 -2.29 -11.29 -21.06
N CYS C 101 -2.48 -10.73 -19.86
CA CYS C 101 -2.87 -11.53 -18.70
C CYS C 101 -4.19 -12.24 -18.93
N LEU C 102 -5.16 -11.50 -19.46
CA LEU C 102 -6.50 -12.06 -19.58
C LEU C 102 -6.52 -13.11 -20.69
N VAL C 103 -5.92 -12.79 -21.86
CA VAL C 103 -5.88 -13.75 -22.93
C VAL C 103 -5.13 -15.01 -22.54
N HIS C 104 -3.99 -14.89 -21.83
CA HIS C 104 -3.27 -16.09 -21.33
C HIS C 104 -4.11 -16.93 -20.37
N ALA C 105 -4.78 -16.30 -19.42
CA ALA C 105 -5.60 -16.98 -18.44
C ALA C 105 -6.73 -17.83 -19.09
N LEU C 106 -7.37 -17.28 -20.11
CA LEU C 106 -8.42 -17.98 -20.84
C LEU C 106 -7.89 -19.23 -21.57
N GLY C 107 -6.67 -19.11 -22.13
CA GLY C 107 -6.01 -20.17 -22.88
C GLY C 107 -5.54 -21.29 -21.99
N GLU C 108 -4.92 -20.97 -20.87
CA GLU C 108 -4.50 -21.97 -19.91
C GLU C 108 -5.65 -22.82 -19.37
N LYS C 109 -6.77 -22.18 -19.06
CA LYS C 109 -7.93 -22.84 -18.48
C LYS C 109 -8.78 -23.57 -19.52
N GLN C 110 -8.86 -23.08 -20.76
CA GLN C 110 -9.67 -23.68 -21.80
C GLN C 110 -8.86 -23.89 -23.13
N PRO C 111 -8.00 -24.93 -23.15
CA PRO C 111 -7.20 -25.23 -24.36
C PRO C 111 -8.02 -25.48 -25.61
N GLU C 112 -9.27 -25.93 -25.44
CA GLU C 112 -10.15 -26.19 -26.57
C GLU C 112 -10.47 -24.92 -27.41
N LEU C 113 -10.20 -23.73 -26.87
CA LEU C 113 -10.42 -22.50 -27.62
C LEU C 113 -9.35 -22.26 -28.70
N GLN C 114 -8.23 -23.00 -28.67
CA GLN C 114 -7.17 -22.95 -29.69
C GLN C 114 -6.53 -21.57 -29.77
N ILE C 115 -6.30 -20.90 -28.63
CA ILE C 115 -5.72 -19.59 -28.64
C ILE C 115 -4.24 -19.78 -28.96
N SER C 116 -3.77 -19.16 -30.05
CA SER C 116 -2.36 -19.27 -30.48
C SER C 116 -1.50 -18.11 -29.97
N GLU C 117 -0.19 -18.27 -30.00
CA GLU C 117 0.77 -17.16 -29.77
C GLU C 117 0.40 -15.94 -30.63
N ARG C 118 0.03 -16.21 -31.86
CA ARG C 118 -0.42 -15.14 -32.77
C ARG C 118 -1.53 -14.26 -32.24
N ASP C 119 -2.56 -14.92 -31.71
CA ASP C 119 -3.70 -14.26 -31.08
C ASP C 119 -3.22 -13.44 -29.87
N VAL C 120 -2.35 -14.06 -29.06
CA VAL C 120 -1.86 -13.42 -27.87
C VAL C 120 -1.17 -12.12 -28.24
N LEU C 121 -0.25 -12.19 -29.19
CA LEU C 121 0.46 -11.00 -29.59
C LEU C 121 -0.39 -9.93 -30.23
N CYS C 122 -1.38 -10.31 -31.02
CA CYS C 122 -2.31 -9.33 -31.56
C CYS C 122 -3.17 -8.60 -30.51
N VAL C 123 -3.57 -9.33 -29.47
CA VAL C 123 -4.31 -8.73 -28.36
C VAL C 123 -3.40 -7.79 -27.58
N GLN C 124 -2.16 -8.19 -27.32
CA GLN C 124 -1.24 -7.25 -26.60
C GLN C 124 -0.94 -6.00 -27.44
N ILE C 125 -0.73 -6.16 -28.74
CA ILE C 125 -0.46 -5.00 -29.61
C ILE C 125 -1.63 -4.00 -29.58
N ALA C 126 -2.84 -4.54 -29.63
CA ALA C 126 -3.99 -3.66 -29.56
C ALA C 126 -4.08 -2.92 -28.24
N GLY C 127 -3.81 -3.62 -27.17
CA GLY C 127 -3.77 -3.03 -25.84
C GLY C 127 -2.74 -1.93 -25.72
N LEU C 128 -1.53 -2.16 -26.25
CA LEU C 128 -0.47 -1.13 -26.21
C LEU C 128 -0.76 0.15 -26.98
N CYS C 129 -1.48 0.01 -28.08
CA CYS C 129 -1.62 1.08 -29.06
C CYS C 129 -3.00 1.75 -29.05
N ARG C 130 -3.90 1.36 -28.15
CA ARG C 130 -5.20 2.03 -28.10
C ARG C 130 -5.24 3.42 -27.49
N ASN C 131 -4.13 3.91 -26.99
CA ASN C 131 -4.01 5.30 -26.54
C ASN C 131 -3.13 6.16 -27.48
N LEU C 132 -2.74 5.65 -28.64
CA LEU C 132 -1.86 6.43 -29.54
C LEU C 132 -2.49 7.70 -30.03
N GLY C 133 -3.80 7.71 -30.19
CA GLY C 133 -4.52 8.85 -30.72
C GLY C 133 -4.75 10.04 -29.82
N HIS C 134 -4.45 9.92 -28.54
CA HIS C 134 -4.74 11.02 -27.61
C HIS C 134 -3.87 12.22 -27.90
N GLY C 135 -4.44 13.41 -27.63
CA GLY C 135 -3.74 14.66 -27.84
C GLY C 135 -3.35 15.38 -26.61
N PRO C 136 -2.76 16.59 -26.74
CA PRO C 136 -2.33 17.39 -25.58
C PRO C 136 -3.36 17.40 -24.45
N PHE C 137 -2.93 17.08 -23.24
CA PHE C 137 -3.80 17.05 -22.05
C PHE C 137 -5.00 16.08 -22.20
N SER C 138 -4.83 15.05 -23.02
CA SER C 138 -5.79 13.96 -23.20
C SER C 138 -7.20 14.47 -23.42
N HIS C 139 -8.12 14.34 -22.48
CA HIS C 139 -9.53 14.64 -22.74
C HIS C 139 -9.85 16.07 -22.98
N MET C 140 -9.00 16.97 -22.56
CA MET C 140 -9.08 18.38 -22.98
C MET C 140 -9.14 18.52 -24.49
N PHE C 141 -8.33 17.75 -25.22
CA PHE C 141 -8.15 17.91 -26.63
C PHE C 141 -9.29 17.27 -27.42
N ASP C 142 -9.53 15.99 -27.18
CA ASP C 142 -10.61 15.28 -27.86
C ASP C 142 -12.02 15.67 -27.38
N GLY C 143 -12.09 16.27 -26.21
CA GLY C 143 -13.37 16.63 -25.52
C GLY C 143 -13.79 18.09 -25.53
N ARG C 144 -12.83 19.04 -25.52
CA ARG C 144 -13.15 20.47 -25.58
C ARG C 144 -12.62 21.12 -26.86
N PHE C 145 -11.34 20.96 -27.17
CA PHE C 145 -10.69 21.74 -28.23
C PHE C 145 -11.13 21.36 -29.65
N ILE C 146 -10.97 20.10 -30.01
CA ILE C 146 -11.37 19.63 -31.33
C ILE C 146 -12.89 19.81 -31.63
N PRO C 147 -13.81 19.55 -30.69
CA PRO C 147 -15.21 19.91 -30.90
C PRO C 147 -15.44 21.38 -31.26
N LEU C 148 -14.77 22.30 -30.58
CA LEU C 148 -14.93 23.73 -30.82
C LEU C 148 -14.19 24.25 -32.05
N ALA C 149 -13.03 23.68 -32.35
CA ALA C 149 -12.19 24.10 -33.49
C ALA C 149 -12.53 23.40 -34.79
N ARG C 150 -12.94 22.15 -34.72
CA ARG C 150 -13.33 21.35 -35.90
C ARG C 150 -14.70 20.68 -35.72
N PRO C 151 -15.77 21.46 -35.48
CA PRO C 151 -17.12 20.89 -35.28
C PRO C 151 -17.64 20.02 -36.44
N GLU C 152 -17.22 20.33 -37.68
CA GLU C 152 -17.56 19.55 -38.86
C GLU C 152 -16.91 18.16 -38.97
N VAL C 153 -15.76 17.87 -38.36
CA VAL C 153 -15.18 16.52 -38.39
C VAL C 153 -15.73 15.75 -37.20
N LYS C 154 -15.74 14.43 -37.28
CA LYS C 154 -16.37 13.60 -36.21
C LYS C 154 -15.32 12.80 -35.42
N TRP C 155 -14.43 13.50 -34.69
CA TRP C 155 -13.12 12.96 -34.29
C TRP C 155 -13.18 12.30 -32.93
N THR C 156 -12.52 11.15 -32.81
CA THR C 156 -12.36 10.45 -31.53
C THR C 156 -10.92 10.02 -31.34
N HIS C 157 -10.52 9.78 -30.11
CA HIS C 157 -9.18 9.27 -29.81
C HIS C 157 -9.01 7.85 -30.44
N GLU C 158 -10.10 7.09 -30.54
CA GLU C 158 -10.14 5.82 -31.21
C GLU C 158 -9.68 5.89 -32.67
N GLN C 159 -10.28 6.83 -33.44
CA GLN C 159 -9.91 6.98 -34.84
C GLN C 159 -8.44 7.41 -34.93
N GLY C 160 -8.03 8.37 -34.08
CA GLY C 160 -6.65 8.76 -34.02
C GLY C 160 -5.66 7.62 -33.73
N SER C 161 -6.06 6.69 -32.87
CA SER C 161 -5.17 5.59 -32.52
C SER C 161 -4.94 4.69 -33.75
N VAL C 162 -5.98 4.38 -34.48
CA VAL C 162 -5.89 3.60 -35.69
C VAL C 162 -4.98 4.28 -36.74
N MET C 163 -5.18 5.58 -36.98
CA MET C 163 -4.38 6.33 -37.94
C MET C 163 -2.90 6.36 -37.52
N MET C 164 -2.68 6.63 -36.23
CA MET C 164 -1.35 6.71 -35.68
C MET C 164 -0.67 5.34 -35.66
N PHE C 165 -1.47 4.29 -35.48
CA PHE C 165 -0.95 2.90 -35.55
C PHE C 165 -0.47 2.54 -36.95
N GLU C 166 -1.25 2.89 -37.97
CA GLU C 166 -0.89 2.66 -39.40
C GLU C 166 0.40 3.42 -39.69
N HIS C 167 0.45 4.70 -39.36
CA HIS C 167 1.67 5.50 -39.52
C HIS C 167 2.86 4.85 -38.79
N LEU C 168 2.65 4.39 -37.55
CA LEU C 168 3.72 3.74 -36.78
C LEU C 168 4.29 2.53 -37.50
N ILE C 169 3.43 1.70 -38.03
CA ILE C 169 3.80 0.47 -38.71
C ILE C 169 4.58 0.73 -40.00
N ASN C 170 4.11 1.67 -40.81
CA ASN C 170 4.68 1.97 -42.15
C ASN C 170 5.96 2.77 -42.03
N SER C 171 6.03 3.75 -41.13
CA SER C 171 7.26 4.51 -40.86
C SER C 171 8.44 3.72 -40.24
N ASN C 172 8.21 2.56 -39.67
CA ASN C 172 9.24 1.88 -38.87
C ASN C 172 9.53 0.44 -39.28
N GLY C 173 9.06 0.00 -40.44
CA GLY C 173 9.34 -1.38 -40.90
C GLY C 173 8.88 -2.49 -39.98
N ILE C 174 7.72 -2.33 -39.33
CA ILE C 174 7.18 -3.32 -38.41
C ILE C 174 6.57 -4.58 -39.12
N LYS C 175 6.01 -4.47 -40.33
CA LYS C 175 5.43 -5.63 -41.05
C LYS C 175 6.40 -6.84 -41.20
N PRO C 176 7.65 -6.63 -41.65
CA PRO C 176 8.63 -7.75 -41.63
C PRO C 176 8.92 -8.32 -40.24
N VAL C 177 8.94 -7.49 -39.22
CA VAL C 177 9.13 -7.96 -37.83
C VAL C 177 7.92 -8.76 -37.32
N MET C 178 6.72 -8.34 -37.67
CA MET C 178 5.53 -9.18 -37.44
C MET C 178 5.64 -10.58 -38.10
N GLU C 179 6.09 -10.60 -39.36
CA GLU C 179 6.28 -11.85 -40.12
C GLU C 179 7.29 -12.75 -39.45
N GLN C 180 8.37 -12.15 -38.96
CA GLN C 180 9.40 -12.86 -38.22
C GLN C 180 8.82 -13.73 -37.12
N TYR C 181 7.78 -13.23 -36.43
CA TYR C 181 7.21 -13.91 -35.27
C TYR C 181 5.86 -14.55 -35.53
N GLY C 182 5.57 -14.82 -36.80
CA GLY C 182 4.43 -15.62 -37.18
C GLY C 182 3.11 -14.93 -37.31
N LEU C 183 3.09 -13.60 -37.29
CA LEU C 183 1.88 -12.89 -37.64
C LEU C 183 1.72 -12.85 -39.15
N ILE C 184 0.48 -12.63 -39.58
CA ILE C 184 0.15 -12.40 -41.00
C ILE C 184 -0.37 -10.97 -41.07
N PRO C 185 0.47 -10.00 -41.49
CA PRO C 185 0.08 -8.61 -41.53
C PRO C 185 -1.27 -8.23 -42.13
N GLU C 186 -1.73 -8.91 -43.17
CA GLU C 186 -3.01 -8.54 -43.81
C GLU C 186 -4.19 -8.78 -42.85
N GLU C 187 -4.37 -10.05 -42.42
CA GLU C 187 -5.35 -10.43 -41.37
C GLU C 187 -5.15 -9.70 -40.03
N ASP C 188 -3.91 -9.75 -39.53
CA ASP C 188 -3.61 -9.32 -38.16
C ASP C 188 -3.65 -7.79 -37.91
N ILE C 189 -3.19 -6.99 -38.86
CA ILE C 189 -3.35 -5.53 -38.78
C ILE C 189 -4.82 -5.19 -38.77
N CYS C 190 -5.63 -5.89 -39.56
CA CYS C 190 -7.08 -5.66 -39.56
C CYS C 190 -7.64 -5.99 -38.16
N PHE C 191 -7.22 -7.13 -37.61
CA PHE C 191 -7.64 -7.54 -36.28
C PHE C 191 -7.30 -6.50 -35.18
N ILE C 192 -6.07 -6.03 -35.20
CA ILE C 192 -5.64 -5.01 -34.28
C ILE C 192 -6.47 -3.74 -34.38
N LYS C 193 -6.69 -3.26 -35.59
CA LYS C 193 -7.49 -2.03 -35.80
C LYS C 193 -8.94 -2.22 -35.33
N GLU C 194 -9.49 -3.39 -35.58
CA GLU C 194 -10.86 -3.68 -35.17
C GLU C 194 -11.02 -3.73 -33.68
N GLN C 195 -10.00 -4.24 -32.97
CA GLN C 195 -9.99 -4.18 -31.53
C GLN C 195 -10.01 -2.77 -30.99
N ILE C 196 -9.35 -1.85 -31.67
CA ILE C 196 -9.28 -0.45 -31.23
C ILE C 196 -10.56 0.34 -31.54
N VAL C 197 -11.02 0.28 -32.76
CA VAL C 197 -12.12 1.18 -33.20
C VAL C 197 -13.43 0.45 -33.48
N GLY C 198 -13.43 -0.88 -33.46
CA GLY C 198 -14.61 -1.70 -33.81
C GLY C 198 -14.56 -2.03 -35.26
N PRO C 199 -15.64 -2.58 -35.83
CA PRO C 199 -15.71 -2.93 -37.27
C PRO C 199 -15.41 -1.74 -38.17
N LEU C 200 -14.65 -1.98 -39.24
CA LEU C 200 -14.23 -0.97 -40.20
C LEU C 200 -15.20 -0.74 -41.38
N GLU C 201 -16.34 -1.45 -41.47
CA GLU C 201 -17.24 -1.41 -42.66
C GLU C 201 -18.07 -0.12 -42.74
N LEU C 208 -25.55 -11.34 -38.99
CA LEU C 208 -24.39 -10.86 -39.73
C LEU C 208 -23.21 -10.77 -38.74
N TRP C 209 -22.06 -11.38 -39.07
CA TRP C 209 -20.80 -11.25 -38.30
C TRP C 209 -19.96 -10.14 -38.93
N PRO C 210 -19.82 -8.97 -38.24
CA PRO C 210 -19.26 -7.75 -38.85
C PRO C 210 -17.72 -7.59 -38.89
N TYR C 211 -16.98 -8.58 -38.41
CA TYR C 211 -15.53 -8.43 -38.24
C TYR C 211 -14.82 -9.36 -39.26
N LYS C 212 -13.71 -8.88 -39.81
CA LYS C 212 -12.86 -9.63 -40.75
C LYS C 212 -11.56 -10.19 -40.16
N GLY C 213 -11.10 -9.63 -39.05
CA GLY C 213 -9.80 -10.02 -38.50
C GLY C 213 -9.78 -11.43 -37.94
N ARG C 214 -10.87 -11.83 -37.31
CA ARG C 214 -11.02 -13.18 -36.76
C ARG C 214 -12.46 -13.65 -36.87
N PRO C 215 -12.68 -14.97 -36.91
CA PRO C 215 -14.08 -15.46 -37.07
C PRO C 215 -14.87 -15.48 -35.78
N GLU C 216 -16.11 -15.92 -35.85
CA GLU C 216 -17.01 -15.97 -34.67
C GLU C 216 -16.53 -16.87 -33.53
N ASN C 217 -15.72 -17.89 -33.85
CA ASN C 217 -15.14 -18.76 -32.84
C ASN C 217 -13.98 -18.11 -32.08
N LYS C 218 -13.63 -16.86 -32.39
CA LYS C 218 -12.71 -16.04 -31.60
C LYS C 218 -13.37 -14.75 -31.15
N SER C 219 -14.70 -14.70 -31.12
CA SER C 219 -15.45 -13.50 -30.70
C SER C 219 -14.95 -12.89 -29.38
N PHE C 220 -14.68 -13.77 -28.43
CA PHE C 220 -14.19 -13.41 -27.12
C PHE C 220 -12.94 -12.58 -27.10
N LEU C 221 -12.10 -12.65 -28.14
CA LEU C 221 -10.88 -11.84 -28.23
C LEU C 221 -11.12 -10.36 -28.36
N TYR C 222 -12.28 -10.00 -28.93
CA TYR C 222 -12.70 -8.62 -29.11
C TYR C 222 -13.29 -7.97 -27.86
N GLU C 223 -13.45 -8.73 -26.78
CA GLU C 223 -13.97 -8.19 -25.51
C GLU C 223 -12.85 -7.78 -24.53
N ILE C 224 -11.58 -7.93 -24.91
CA ILE C 224 -10.47 -7.75 -24.00
C ILE C 224 -9.99 -6.27 -23.88
N VAL C 225 -9.68 -5.65 -25.00
CA VAL C 225 -8.99 -4.38 -25.03
C VAL C 225 -9.97 -3.22 -25.00
N SER C 226 -10.98 -3.30 -25.83
CA SER C 226 -11.98 -2.28 -25.89
C SER C 226 -13.34 -2.93 -26.21
N ASN C 227 -14.11 -3.14 -25.15
CA ASN C 227 -15.30 -3.99 -25.14
C ASN C 227 -16.49 -3.14 -25.48
N LYS C 228 -16.98 -3.30 -26.69
CA LYS C 228 -18.09 -2.47 -27.18
C LYS C 228 -19.40 -3.10 -26.73
N ARG C 229 -19.41 -4.31 -26.21
CA ARG C 229 -20.65 -4.92 -25.74
C ARG C 229 -21.12 -4.25 -24.43
N ASN C 230 -20.22 -4.15 -23.44
CA ASN C 230 -20.58 -3.64 -22.11
C ASN C 230 -19.56 -2.72 -21.42
N GLY C 231 -18.43 -2.46 -22.06
CA GLY C 231 -17.38 -1.63 -21.46
C GLY C 231 -16.50 -2.25 -20.36
N ILE C 232 -16.60 -3.56 -20.14
CA ILE C 232 -15.77 -4.23 -19.17
C ILE C 232 -14.52 -4.72 -19.88
N ASP C 233 -13.46 -3.93 -19.77
CA ASP C 233 -12.22 -4.20 -20.47
C ASP C 233 -10.99 -3.81 -19.64
N VAL C 234 -9.82 -4.24 -20.12
CA VAL C 234 -8.59 -4.08 -19.39
C VAL C 234 -8.10 -2.64 -19.34
N ASP C 235 -8.55 -1.83 -20.26
CA ASP C 235 -8.21 -0.42 -20.27
C ASP C 235 -8.73 0.25 -19.00
N LYS C 236 -9.99 0.02 -18.67
CA LYS C 236 -10.55 0.51 -17.37
C LYS C 236 -9.74 0.07 -16.20
N TRP C 237 -9.34 -1.19 -16.22
CA TRP C 237 -8.71 -1.77 -15.06
C TRP C 237 -7.37 -1.11 -14.78
N ASP C 238 -6.61 -0.79 -15.84
CA ASP C 238 -5.36 -0.15 -15.62
C ASP C 238 -5.56 1.25 -15.06
N TYR C 239 -6.46 2.03 -15.68
CA TYR C 239 -6.62 3.43 -15.22
C TYR C 239 -7.22 3.56 -13.83
N PHE C 240 -8.11 2.66 -13.43
CA PHE C 240 -8.56 2.62 -12.03
C PHE C 240 -7.38 2.54 -11.08
N ALA C 241 -6.52 1.55 -11.29
CA ALA C 241 -5.40 1.29 -10.38
C ALA C 241 -4.38 2.37 -10.48
N ARG C 242 -4.04 2.81 -11.69
CA ARG C 242 -2.99 3.79 -11.88
C ARG C 242 -3.44 5.19 -11.45
N ASP C 243 -4.63 5.63 -11.90
CA ASP C 243 -5.11 6.92 -11.49
C ASP C 243 -5.18 7.06 -9.98
N CYS C 244 -5.73 6.04 -9.31
CA CYS C 244 -5.79 6.03 -7.83
C CYS C 244 -4.44 6.14 -7.12
N HIS C 245 -3.46 5.35 -7.54
CA HIS C 245 -2.09 5.43 -7.02
C HIS C 245 -1.54 6.86 -7.05
N HIS C 246 -1.82 7.57 -8.14
CA HIS C 246 -1.32 8.89 -8.33
C HIS C 246 -2.17 9.98 -7.72
N LEU C 247 -3.46 9.79 -7.72
CA LEU C 247 -4.38 10.82 -7.20
C LEU C 247 -4.40 10.90 -5.68
N GLY C 248 -4.12 9.79 -5.02
CA GLY C 248 -4.27 9.68 -3.57
C GLY C 248 -5.70 9.38 -3.14
N ILE C 249 -6.41 8.57 -3.92
CA ILE C 249 -7.73 8.03 -3.68
C ILE C 249 -7.55 6.55 -3.91
N GLN C 250 -8.23 5.68 -3.23
CA GLN C 250 -7.96 4.29 -3.28
C GLN C 250 -9.02 3.51 -4.14
N ASN C 251 -8.49 2.52 -4.88
CA ASN C 251 -9.35 1.73 -5.81
C ASN C 251 -10.09 0.55 -5.10
N ASN C 252 -11.40 0.55 -5.13
CA ASN C 252 -12.25 -0.54 -4.62
C ASN C 252 -12.29 -1.85 -5.54
N PHE C 253 -11.92 -1.76 -6.81
CA PHE C 253 -12.12 -2.86 -7.75
C PHE C 253 -10.94 -3.84 -7.92
N ASP C 254 -11.20 -5.14 -7.85
CA ASP C 254 -10.19 -6.20 -8.00
C ASP C 254 -10.26 -6.96 -9.36
N TYR C 255 -9.46 -6.50 -10.32
CA TYR C 255 -9.40 -7.10 -11.68
C TYR C 255 -8.75 -8.45 -11.71
N LYS C 256 -7.83 -8.72 -10.80
CA LYS C 256 -7.22 -10.02 -10.77
C LYS C 256 -8.24 -11.12 -10.39
N ARG C 257 -9.16 -10.78 -9.45
CA ARG C 257 -10.19 -11.68 -9.11
C ARG C 257 -11.09 -11.94 -10.33
N PHE C 258 -11.46 -10.89 -11.03
CA PHE C 258 -12.23 -11.02 -12.24
C PHE C 258 -11.60 -11.98 -13.27
N ILE C 259 -10.31 -11.81 -13.55
CA ILE C 259 -9.59 -12.66 -14.49
C ILE C 259 -9.61 -14.10 -14.03
N LYS C 260 -9.39 -14.38 -12.75
CA LYS C 260 -9.50 -15.74 -12.27
C LYS C 260 -10.83 -16.45 -12.54
N PHE C 261 -11.94 -15.70 -12.45
CA PHE C 261 -13.26 -16.26 -12.61
C PHE C 261 -13.77 -16.18 -14.06
N ALA C 262 -13.02 -15.57 -14.99
CA ALA C 262 -13.49 -15.46 -16.35
C ALA C 262 -13.37 -16.75 -17.15
N ARG C 263 -14.40 -17.03 -17.95
CA ARG C 263 -14.50 -18.20 -18.79
C ARG C 263 -15.13 -17.84 -20.15
N VAL C 264 -14.82 -18.61 -21.19
CA VAL C 264 -15.49 -18.51 -22.46
C VAL C 264 -16.60 -19.53 -22.58
N CYS C 265 -17.80 -19.08 -22.94
CA CYS C 265 -18.99 -19.91 -23.17
C CYS C 265 -19.70 -19.51 -24.45
N GLU C 266 -20.48 -20.43 -25.02
CA GLU C 266 -21.32 -20.16 -26.17
C GLU C 266 -22.53 -19.27 -25.83
N VAL C 267 -22.71 -18.20 -26.59
CA VAL C 267 -23.87 -17.33 -26.52
C VAL C 267 -24.22 -17.00 -27.96
N ASP C 268 -25.42 -17.39 -28.42
CA ASP C 268 -25.92 -17.13 -29.80
C ASP C 268 -24.89 -17.45 -30.90
N ASN C 269 -24.34 -18.65 -30.91
CA ASN C 269 -23.33 -19.03 -31.96
C ASN C 269 -22.01 -18.22 -32.00
N GLU C 270 -21.71 -17.60 -30.86
CA GLU C 270 -20.49 -16.84 -30.60
C GLU C 270 -19.85 -17.37 -29.33
N LEU C 271 -18.53 -17.49 -29.29
CA LEU C 271 -17.81 -17.82 -28.06
C LEU C 271 -17.46 -16.52 -27.35
N ARG C 272 -18.15 -16.18 -26.24
CA ARG C 272 -17.92 -14.92 -25.47
C ARG C 272 -17.36 -15.14 -24.07
N ILE C 273 -16.75 -14.09 -23.52
CA ILE C 273 -16.27 -14.11 -22.15
C ILE C 273 -17.45 -14.01 -21.19
N CYS C 274 -17.52 -14.92 -20.23
CA CYS C 274 -18.57 -14.95 -19.18
C CYS C 274 -17.98 -14.81 -17.80
N ALA C 275 -18.66 -14.01 -16.99
CA ALA C 275 -18.30 -13.86 -15.56
C ALA C 275 -19.09 -14.89 -14.73
N ARG C 276 -18.53 -15.22 -13.55
CA ARG C 276 -19.23 -16.10 -12.63
C ARG C 276 -20.39 -15.37 -12.02
N ASP C 277 -21.54 -16.07 -11.92
CA ASP C 277 -22.77 -15.51 -11.43
C ASP C 277 -22.64 -14.61 -10.20
N LYS C 278 -22.04 -15.09 -9.13
CA LYS C 278 -21.98 -14.32 -7.91
C LYS C 278 -20.93 -13.19 -7.91
N GLU C 279 -20.20 -13.00 -9.01
CA GLU C 279 -19.39 -11.83 -9.23
C GLU C 279 -20.14 -10.60 -9.74
N VAL C 280 -21.43 -10.77 -10.05
CA VAL C 280 -22.27 -9.65 -10.53
C VAL C 280 -22.25 -8.38 -9.69
N GLY C 281 -22.27 -8.52 -8.39
CA GLY C 281 -22.13 -7.42 -7.42
C GLY C 281 -20.87 -6.63 -7.56
N ASN C 282 -19.74 -7.32 -7.85
CA ASN C 282 -18.47 -6.67 -8.09
C ASN C 282 -18.53 -5.86 -9.35
N LEU C 283 -19.31 -6.33 -10.32
CA LEU C 283 -19.48 -5.63 -11.63
C LEU C 283 -20.29 -4.32 -11.49
N TYR C 284 -21.41 -4.34 -10.77
CA TYR C 284 -22.12 -3.10 -10.43
C TYR C 284 -21.15 -2.16 -9.67
N ASP C 285 -20.40 -2.70 -8.72
CA ASP C 285 -19.38 -1.94 -7.99
C ASP C 285 -18.30 -1.32 -8.92
N MET C 286 -17.90 -2.05 -9.95
CA MET C 286 -16.94 -1.53 -10.92
C MET C 286 -17.43 -0.21 -11.54
N PHE C 287 -18.69 -0.20 -11.95
CA PHE C 287 -19.25 0.99 -12.60
C PHE C 287 -19.51 2.12 -11.60
N HIS C 288 -19.87 1.75 -10.35
CA HIS C 288 -20.02 2.72 -9.27
C HIS C 288 -18.69 3.44 -9.04
N THR C 289 -17.60 2.69 -9.04
CA THR C 289 -16.27 3.23 -8.85
C THR C 289 -15.88 4.16 -10.01
N ARG C 290 -16.12 3.75 -11.25
CA ARG C 290 -15.89 4.64 -12.39
C ARG C 290 -16.64 6.00 -12.22
N ASN C 291 -17.91 5.96 -11.80
CA ASN C 291 -18.66 7.16 -11.59
C ASN C 291 -18.11 8.01 -10.43
N SER C 292 -17.68 7.34 -9.37
CA SER C 292 -17.14 7.98 -8.21
C SER C 292 -15.87 8.73 -8.52
N LEU C 293 -15.01 8.13 -9.34
CA LEU C 293 -13.78 8.77 -9.77
C LEU C 293 -14.04 9.99 -10.67
N HIS C 294 -15.05 9.93 -11.54
CA HIS C 294 -15.44 11.07 -12.30
C HIS C 294 -15.93 12.21 -11.34
N ARG C 295 -16.72 11.88 -10.34
CA ARG C 295 -17.16 12.89 -9.40
C ARG C 295 -16.04 13.51 -8.54
N ARG C 296 -15.09 12.73 -8.06
CA ARG C 296 -14.05 13.26 -7.21
C ARG C 296 -12.91 13.92 -7.95
N ALA C 297 -12.49 13.34 -9.07
CA ALA C 297 -11.24 13.72 -9.75
C ALA C 297 -11.48 14.18 -11.22
N TYR C 298 -11.99 13.33 -12.09
CA TYR C 298 -11.86 13.59 -13.49
C TYR C 298 -12.79 14.77 -13.93
N GLN C 299 -13.90 14.99 -13.21
CA GLN C 299 -14.77 16.11 -13.43
C GLN C 299 -14.69 17.13 -12.30
N HIS C 300 -13.56 17.21 -11.63
CA HIS C 300 -13.37 18.23 -10.60
C HIS C 300 -13.65 19.61 -11.15
N LYS C 301 -14.38 20.42 -10.42
CA LYS C 301 -14.86 21.76 -10.90
C LYS C 301 -13.69 22.67 -11.32
N VAL C 302 -12.60 22.64 -10.56
CA VAL C 302 -11.43 23.46 -10.88
C VAL C 302 -10.58 22.81 -11.98
N GLY C 303 -10.43 21.48 -11.94
CA GLY C 303 -9.75 20.79 -13.01
C GLY C 303 -10.39 21.05 -14.37
N ASN C 304 -11.70 21.01 -14.45
CA ASN C 304 -12.43 21.33 -15.69
C ASN C 304 -12.23 22.78 -16.14
N ILE C 305 -12.20 23.72 -15.20
CA ILE C 305 -12.09 25.09 -15.59
C ILE C 305 -10.69 25.36 -16.07
N ILE C 306 -9.70 24.67 -15.47
CA ILE C 306 -8.32 24.80 -15.96
C ILE C 306 -8.20 24.23 -17.37
N ASP C 307 -8.81 23.07 -17.63
CA ASP C 307 -8.92 22.52 -18.98
C ASP C 307 -9.58 23.53 -19.99
N THR C 308 -10.59 24.24 -19.53
CA THR C 308 -11.31 25.20 -20.35
C THR C 308 -10.43 26.40 -20.64
N MET C 309 -9.71 26.89 -19.65
CA MET C 309 -8.78 28.02 -19.88
C MET C 309 -7.66 27.65 -20.87
N ILE C 310 -7.12 26.45 -20.75
CA ILE C 310 -6.10 25.98 -21.68
C ILE C 310 -6.68 25.85 -23.11
N THR C 311 -7.91 25.35 -23.23
CA THR C 311 -8.57 25.27 -24.49
C THR C 311 -8.72 26.69 -25.13
N ASP C 312 -9.11 27.67 -24.31
CA ASP C 312 -9.23 29.06 -24.76
C ASP C 312 -7.92 29.57 -25.29
N ALA C 313 -6.84 29.32 -24.56
CA ALA C 313 -5.51 29.72 -25.01
C ALA C 313 -5.12 29.01 -26.32
N PHE C 314 -5.46 27.75 -26.45
CA PHE C 314 -5.13 27.02 -27.68
C PHE C 314 -5.94 27.57 -28.89
N LEU C 315 -7.18 27.98 -28.68
CA LEU C 315 -7.97 28.61 -29.75
C LEU C 315 -7.40 29.95 -30.17
N LYS C 316 -7.00 30.77 -29.21
CA LYS C 316 -6.38 32.07 -29.50
C LYS C 316 -5.01 31.98 -30.18
N ALA C 317 -4.35 30.85 -29.99
CA ALA C 317 -3.04 30.57 -30.58
C ALA C 317 -3.08 29.84 -31.92
N ASP C 318 -4.24 29.31 -32.30
CA ASP C 318 -4.33 28.33 -33.41
C ASP C 318 -3.93 28.92 -34.78
N ASP C 319 -4.16 30.22 -34.97
CA ASP C 319 -3.68 30.93 -36.14
C ASP C 319 -2.15 31.01 -36.26
N TYR C 320 -1.44 31.02 -35.13
CA TYR C 320 -0.06 31.44 -35.10
C TYR C 320 0.98 30.36 -34.81
N ILE C 321 0.61 29.25 -34.18
CA ILE C 321 1.56 28.16 -33.88
C ILE C 321 1.67 27.32 -35.14
N GLU C 322 2.89 26.96 -35.52
CA GLU C 322 3.13 26.08 -36.69
C GLU C 322 3.75 24.76 -36.27
N ILE C 323 3.24 23.68 -36.83
CA ILE C 323 3.71 22.33 -36.54
C ILE C 323 4.12 21.71 -37.85
N THR C 324 5.35 21.25 -37.92
CA THR C 324 5.91 20.76 -39.18
C THR C 324 5.62 19.29 -39.37
N GLY C 325 4.99 18.95 -40.49
CA GLY C 325 4.65 17.57 -40.82
C GLY C 325 5.37 17.05 -42.04
N ALA C 326 4.67 16.21 -42.84
CA ALA C 326 5.29 15.55 -43.97
C ALA C 326 5.72 16.53 -45.06
N GLY C 327 6.90 16.27 -45.65
CA GLY C 327 7.51 17.14 -46.66
C GLY C 327 7.67 18.59 -46.24
N GLY C 328 7.81 18.87 -44.93
CA GLY C 328 8.00 20.25 -44.45
C GLY C 328 6.79 21.19 -44.47
N LYS C 329 5.61 20.70 -44.93
CA LYS C 329 4.36 21.47 -44.84
C LYS C 329 3.99 21.74 -43.37
N LYS C 330 3.33 22.86 -43.16
CA LYS C 330 3.02 23.40 -41.86
C LYS C 330 1.55 23.23 -41.53
N TYR C 331 1.27 22.96 -40.27
CA TYR C 331 -0.08 22.69 -39.77
C TYR C 331 -0.30 23.50 -38.56
N ARG C 332 -1.58 23.60 -38.20
CA ARG C 332 -1.98 24.29 -36.97
C ARG C 332 -2.36 23.23 -35.94
N ILE C 333 -2.55 23.69 -34.70
CA ILE C 333 -2.93 22.80 -33.57
C ILE C 333 -4.20 22.05 -34.01
N SER C 334 -5.13 22.82 -34.63
CA SER C 334 -6.42 22.29 -35.03
C SER C 334 -6.37 21.38 -36.23
N THR C 335 -5.33 21.46 -37.08
CA THR C 335 -5.20 20.63 -38.28
C THR C 335 -4.14 19.54 -38.19
N ALA C 336 -3.40 19.50 -37.09
CA ALA C 336 -2.41 18.46 -36.92
C ALA C 336 -3.00 17.04 -37.01
N ILE C 337 -4.28 16.87 -36.68
CA ILE C 337 -4.95 15.58 -36.83
C ILE C 337 -5.07 15.05 -38.27
N ASP C 338 -4.78 15.90 -39.25
CA ASP C 338 -4.90 15.50 -40.68
C ASP C 338 -3.62 14.91 -41.25
N ASP C 339 -2.50 15.07 -40.54
CA ASP C 339 -1.22 14.49 -40.92
C ASP C 339 -0.49 13.96 -39.69
N MET C 340 -0.11 12.69 -39.78
CA MET C 340 0.33 11.96 -38.59
C MET C 340 1.76 12.27 -38.22
N GLU C 341 2.64 12.60 -39.16
CA GLU C 341 3.92 13.21 -38.82
C GLU C 341 3.82 14.50 -38.00
N ALA C 342 2.82 15.34 -38.30
CA ALA C 342 2.59 16.54 -37.48
C ALA C 342 1.98 16.19 -36.14
N TYR C 343 1.06 15.23 -36.13
CA TYR C 343 0.39 14.87 -34.89
C TYR C 343 1.38 14.27 -33.89
N THR C 344 2.36 13.52 -34.42
CA THR C 344 3.47 12.97 -33.63
C THR C 344 4.17 14.03 -32.78
N LYS C 345 4.29 15.24 -33.29
CA LYS C 345 4.84 16.37 -32.54
C LYS C 345 3.84 17.24 -31.80
N LEU C 346 2.60 16.82 -31.72
CA LEU C 346 1.57 17.60 -31.02
C LEU C 346 1.36 16.99 -29.61
N THR C 347 2.00 17.60 -28.62
CA THR C 347 2.00 17.13 -27.24
C THR C 347 1.78 18.27 -26.25
N ASP C 348 1.91 18.00 -24.97
CA ASP C 348 1.77 19.02 -23.91
C ASP C 348 2.71 20.19 -24.07
N ASN C 349 3.82 19.96 -24.75
CA ASN C 349 4.78 21.01 -25.03
C ASN C 349 4.17 22.26 -25.64
N ILE C 350 3.06 22.13 -26.39
CA ILE C 350 2.30 23.30 -26.91
C ILE C 350 1.98 24.33 -25.80
N PHE C 351 1.53 23.86 -24.64
CA PHE C 351 1.29 24.71 -23.50
C PHE C 351 2.50 25.61 -23.19
N LEU C 352 3.69 25.01 -23.13
CA LEU C 352 4.90 25.79 -22.78
C LEU C 352 5.49 26.61 -23.94
N GLU C 353 5.35 26.14 -25.15
CA GLU C 353 5.69 26.96 -26.31
C GLU C 353 4.91 28.27 -26.31
N ILE C 354 3.62 28.26 -25.92
CA ILE C 354 2.81 29.44 -25.80
C ILE C 354 3.17 30.25 -24.58
N LEU C 355 3.28 29.64 -23.42
CA LEU C 355 3.66 30.40 -22.20
C LEU C 355 5.00 31.18 -22.30
N TYR C 356 5.99 30.55 -22.94
CA TYR C 356 7.31 31.09 -23.12
C TYR C 356 7.49 31.97 -24.38
N SER C 357 6.52 32.03 -25.27
CA SER C 357 6.61 32.85 -26.49
C SER C 357 6.79 34.34 -26.19
N THR C 358 7.42 35.03 -27.13
CA THR C 358 7.60 36.52 -27.06
C THR C 358 6.92 37.26 -28.23
N ASP C 359 6.55 36.50 -29.28
CA ASP C 359 5.70 36.97 -30.37
C ASP C 359 4.49 37.74 -29.81
N PRO C 360 4.30 38.99 -30.23
CA PRO C 360 3.10 39.70 -29.76
C PRO C 360 1.77 39.16 -30.34
N LYS C 361 1.81 38.40 -31.43
CA LYS C 361 0.60 37.75 -31.97
C LYS C 361 0.02 36.70 -31.04
N LEU C 362 0.84 36.16 -30.14
CA LEU C 362 0.41 35.21 -29.10
C LEU C 362 0.14 35.86 -27.72
N LYS C 363 0.02 37.17 -27.65
CA LYS C 363 -0.09 37.86 -26.35
C LYS C 363 -1.35 37.42 -25.64
N ASP C 364 -2.45 37.30 -26.37
CA ASP C 364 -3.73 36.98 -25.78
C ASP C 364 -3.78 35.53 -25.25
N ALA C 365 -3.23 34.60 -26.02
CA ALA C 365 -3.08 33.19 -25.61
C ALA C 365 -2.16 33.07 -24.38
N ARG C 366 -1.00 33.70 -24.46
CA ARG C 366 -0.02 33.70 -23.39
C ARG C 366 -0.59 34.30 -22.10
N GLU C 367 -1.39 35.38 -22.18
CA GLU C 367 -1.98 35.98 -20.98
C GLU C 367 -2.93 35.06 -20.21
N ILE C 368 -3.68 34.25 -20.93
CA ILE C 368 -4.56 33.31 -20.30
C ILE C 368 -3.73 32.24 -19.55
N LEU C 369 -2.71 31.67 -20.21
CA LEU C 369 -1.84 30.70 -19.52
C LEU C 369 -1.13 31.32 -18.30
N LYS C 370 -0.79 32.62 -18.39
CA LYS C 370 -0.21 33.32 -17.25
C LYS C 370 -1.18 33.42 -16.05
N GLN C 371 -2.46 33.67 -16.34
CA GLN C 371 -3.47 33.71 -15.32
C GLN C 371 -3.65 32.35 -14.61
N ILE C 372 -3.44 31.25 -15.33
CA ILE C 372 -3.40 29.94 -14.73
C ILE C 372 -2.23 29.81 -13.72
N GLU C 373 -1.03 30.25 -14.09
CA GLU C 373 0.12 30.22 -13.17
C GLU C 373 -0.08 31.06 -11.92
N TYR C 374 -0.68 32.24 -12.05
CA TYR C 374 -1.03 33.06 -10.86
C TYR C 374 -2.27 32.61 -10.10
N ARG C 375 -2.98 31.61 -10.59
CA ARG C 375 -4.25 31.13 -10.00
C ARG C 375 -5.36 32.18 -9.99
N ASN C 376 -5.36 33.08 -10.98
CA ASN C 376 -6.50 33.95 -11.23
C ASN C 376 -7.34 33.23 -12.29
N LEU C 377 -8.14 32.29 -11.83
CA LEU C 377 -8.95 31.45 -12.67
C LEU C 377 -10.40 31.99 -12.73
N PHE C 378 -11.09 31.63 -13.80
CA PHE C 378 -12.54 31.84 -13.89
C PHE C 378 -13.16 31.16 -12.66
N LYS C 379 -14.17 31.80 -12.08
CA LYS C 379 -14.61 31.43 -10.74
C LYS C 379 -15.90 30.65 -10.78
N TYR C 380 -15.97 29.61 -9.97
CA TYR C 380 -17.11 28.69 -9.88
C TYR C 380 -18.26 29.39 -9.16
N VAL C 381 -19.42 29.34 -9.79
CA VAL C 381 -20.65 29.93 -9.26
C VAL C 381 -21.51 28.84 -8.61
N GLY C 382 -21.69 27.70 -9.30
CA GLY C 382 -22.49 26.60 -8.78
C GLY C 382 -22.82 25.46 -9.74
N GLU C 383 -23.54 24.48 -9.21
CA GLU C 383 -23.87 23.24 -9.87
C GLU C 383 -25.37 23.03 -9.72
N THR C 384 -26.00 22.56 -10.77
CA THR C 384 -27.38 22.15 -10.75
C THR C 384 -27.58 20.97 -11.66
N GLN C 385 -28.79 20.42 -11.63
CA GLN C 385 -29.23 19.36 -12.54
C GLN C 385 -30.63 19.58 -13.07
N PRO C 386 -30.94 19.08 -14.27
CA PRO C 386 -32.37 19.13 -14.70
C PRO C 386 -33.30 18.13 -13.95
N THR C 387 -34.57 18.43 -13.90
CA THR C 387 -35.70 17.60 -13.38
C THR C 387 -36.33 16.80 -14.54
N GLY C 388 -36.96 15.68 -14.22
CA GLY C 388 -37.89 15.00 -15.14
C GLY C 388 -37.27 14.45 -16.42
N GLN C 389 -38.05 14.44 -17.48
CA GLN C 389 -37.65 13.97 -18.81
C GLN C 389 -36.63 14.88 -19.52
N ILE C 390 -36.52 16.16 -19.10
CA ILE C 390 -35.62 17.17 -19.72
C ILE C 390 -34.16 16.70 -19.80
N LYS C 391 -33.68 16.49 -21.02
CA LYS C 391 -32.29 16.17 -21.26
C LYS C 391 -31.77 17.30 -22.18
N ILE C 392 -30.70 17.95 -21.81
CA ILE C 392 -30.09 19.05 -22.55
C ILE C 392 -29.14 18.52 -23.64
N LYS C 393 -29.32 18.95 -24.89
CA LYS C 393 -28.64 18.38 -26.05
C LYS C 393 -27.40 19.23 -26.40
N ARG C 394 -26.52 18.63 -27.18
CA ARG C 394 -25.25 19.25 -27.63
C ARG C 394 -25.45 20.62 -28.38
N GLU C 395 -26.51 20.76 -29.16
CA GLU C 395 -26.82 22.00 -29.91
C GLU C 395 -27.49 23.13 -29.07
N ASP C 396 -28.02 22.79 -27.93
CA ASP C 396 -28.40 23.78 -26.92
C ASP C 396 -27.18 24.44 -26.22
N TYR C 397 -25.96 23.86 -26.27
CA TYR C 397 -24.88 24.31 -25.35
C TYR C 397 -24.57 25.77 -25.53
N GLU C 398 -24.39 26.22 -26.78
CA GLU C 398 -24.08 27.62 -27.08
C GLU C 398 -25.11 28.63 -26.54
N SER C 399 -26.35 28.23 -26.49
CA SER C 399 -27.42 29.12 -26.05
C SER C 399 -27.49 29.32 -24.52
N LEU C 400 -26.74 28.51 -23.74
CA LEU C 400 -26.89 28.50 -22.30
C LEU C 400 -26.37 29.72 -21.54
N PRO C 401 -25.17 30.23 -21.86
CA PRO C 401 -24.72 31.47 -21.23
C PRO C 401 -25.68 32.63 -21.53
N LYS C 402 -26.18 32.70 -22.78
CA LYS C 402 -27.31 33.57 -23.12
C LYS C 402 -28.51 33.50 -22.14
N GLU C 403 -29.00 32.29 -21.84
CA GLU C 403 -30.12 32.12 -20.96
C GLU C 403 -29.82 32.52 -19.51
N VAL C 404 -28.56 32.38 -19.06
CA VAL C 404 -28.21 32.79 -17.69
C VAL C 404 -28.21 34.32 -17.60
N ALA C 405 -27.69 34.97 -18.64
CA ALA C 405 -27.62 36.41 -18.69
C ALA C 405 -29.01 37.12 -18.71
N SER C 406 -29.95 36.43 -19.35
CA SER C 406 -31.34 36.84 -19.50
C SER C 406 -32.25 36.58 -18.30
N ALA C 407 -31.79 35.91 -17.27
CA ALA C 407 -32.58 35.82 -16.03
C ALA C 407 -32.76 37.21 -15.40
N LYS C 408 -33.87 37.43 -14.70
CA LYS C 408 -34.15 38.76 -14.10
C LYS C 408 -34.28 38.54 -12.61
N PRO C 409 -33.13 38.45 -11.91
CA PRO C 409 -33.17 38.33 -10.47
C PRO C 409 -33.58 39.64 -9.84
N LYS C 410 -34.61 39.67 -8.98
CA LYS C 410 -35.05 40.91 -8.36
C LYS C 410 -34.34 41.10 -7.03
N VAL C 411 -33.14 41.70 -7.11
CA VAL C 411 -32.35 42.17 -5.97
C VAL C 411 -31.69 43.50 -6.37
N LEU C 412 -31.21 44.28 -5.41
CA LEU C 412 -30.18 45.29 -5.69
C LEU C 412 -28.87 44.60 -6.20
N LEU C 413 -28.56 44.91 -7.47
CA LEU C 413 -27.27 44.53 -8.07
C LEU C 413 -26.42 45.77 -8.38
N ASP C 414 -25.23 45.83 -7.82
CA ASP C 414 -24.26 46.89 -8.17
C ASP C 414 -23.63 46.73 -9.56
N VAL C 415 -23.75 45.58 -10.25
CA VAL C 415 -23.29 45.45 -11.64
C VAL C 415 -24.28 44.67 -12.49
N LYS C 416 -24.11 44.75 -13.80
CA LYS C 416 -24.83 43.94 -14.77
C LYS C 416 -23.80 43.19 -15.60
N LEU C 417 -23.93 41.88 -15.71
CA LEU C 417 -23.01 41.05 -16.49
C LEU C 417 -23.77 40.61 -17.76
N LYS C 418 -23.01 40.30 -18.81
CA LYS C 418 -23.59 39.74 -20.03
C LYS C 418 -22.95 38.43 -20.41
N ALA C 419 -23.69 37.65 -21.21
CA ALA C 419 -23.37 36.31 -21.65
C ALA C 419 -21.96 35.89 -21.90
N GLU C 420 -21.14 36.77 -22.44
CA GLU C 420 -19.71 36.48 -22.60
C GLU C 420 -18.97 36.24 -21.25
N ASP C 421 -19.59 36.72 -20.17
CA ASP C 421 -19.06 36.58 -18.80
C ASP C 421 -19.37 35.24 -18.11
N PHE C 422 -20.08 34.35 -18.79
CA PHE C 422 -20.55 33.09 -18.22
C PHE C 422 -20.02 31.91 -18.99
N ILE C 423 -19.46 30.93 -18.26
CA ILE C 423 -19.24 29.61 -18.84
C ILE C 423 -20.29 28.63 -18.23
N VAL C 424 -20.90 27.83 -19.09
CA VAL C 424 -21.79 26.77 -18.66
C VAL C 424 -21.23 25.46 -19.16
N ASP C 425 -20.99 24.51 -18.28
CA ASP C 425 -20.36 23.24 -18.64
C ASP C 425 -21.43 22.18 -18.38
N VAL C 426 -21.72 21.36 -19.37
CA VAL C 426 -22.74 20.34 -19.29
C VAL C 426 -22.06 18.97 -19.30
N ILE C 427 -22.17 18.21 -18.22
CA ILE C 427 -21.47 16.95 -18.05
C ILE C 427 -22.43 15.80 -17.99
N ASN C 428 -22.22 14.84 -18.89
CA ASN C 428 -23.01 13.61 -18.99
C ASN C 428 -22.36 12.50 -18.18
N MET C 429 -22.97 12.10 -17.08
CA MET C 429 -22.46 11.06 -16.17
C MET C 429 -23.30 9.81 -16.39
N ASP C 430 -22.70 8.67 -16.69
CA ASP C 430 -23.44 7.44 -16.90
C ASP C 430 -22.55 6.18 -16.67
N TYR C 431 -23.12 4.99 -16.91
CA TYR C 431 -22.43 3.73 -16.78
C TYR C 431 -21.85 3.19 -18.11
N GLY C 432 -21.59 4.10 -19.05
CA GLY C 432 -20.83 3.83 -20.27
C GLY C 432 -21.70 3.49 -21.44
N MET C 433 -23.02 3.45 -21.26
CA MET C 433 -23.96 2.98 -22.28
C MET C 433 -25.20 3.89 -22.31
N GLN C 434 -25.00 5.19 -22.22
CA GLN C 434 -26.08 6.18 -22.26
C GLN C 434 -27.06 5.81 -21.10
N GLU C 435 -28.34 5.61 -21.41
N GLU C 435 -28.35 5.65 -21.39
CA GLU C 435 -29.36 5.35 -20.40
CA GLU C 435 -29.35 5.37 -20.35
C GLU C 435 -29.38 3.87 -19.93
C GLU C 435 -29.40 3.88 -19.94
N LYS C 436 -28.64 2.99 -20.61
CA LYS C 436 -28.73 1.57 -20.39
C LYS C 436 -27.91 1.08 -19.20
N ASN C 437 -28.33 -0.07 -18.66
CA ASN C 437 -27.63 -0.81 -17.60
C ASN C 437 -26.67 -1.76 -18.30
N PRO C 438 -25.36 -1.48 -18.22
CA PRO C 438 -24.45 -2.39 -18.90
C PRO C 438 -24.44 -3.83 -18.40
N ILE C 439 -24.88 -4.10 -17.17
CA ILE C 439 -24.91 -5.49 -16.68
C ILE C 439 -25.98 -6.37 -17.34
N ASP C 440 -26.96 -5.75 -17.97
CA ASP C 440 -27.86 -6.44 -18.90
C ASP C 440 -27.18 -7.00 -20.14
N HIS C 441 -25.97 -6.55 -20.43
CA HIS C 441 -25.20 -7.04 -21.59
C HIS C 441 -23.99 -7.88 -21.21
N VAL C 442 -24.03 -8.44 -19.98
CA VAL C 442 -22.99 -9.36 -19.49
C VAL C 442 -23.57 -10.76 -19.46
N SER C 443 -22.79 -11.73 -19.88
CA SER C 443 -23.14 -13.13 -19.77
C SER C 443 -22.44 -13.76 -18.56
N PHE C 444 -23.18 -14.61 -17.88
CA PHE C 444 -22.70 -15.30 -16.66
C PHE C 444 -22.76 -16.81 -16.76
N TYR C 445 -21.96 -17.47 -15.95
CA TYR C 445 -22.03 -18.92 -15.75
C TYR C 445 -22.19 -19.23 -14.26
N CYS C 446 -22.77 -20.39 -13.98
N CYS C 446 -22.67 -20.43 -14.00
CA CYS C 446 -23.03 -20.88 -12.62
CA CYS C 446 -22.96 -20.92 -12.67
C CYS C 446 -22.05 -22.05 -12.37
C CYS C 446 -22.02 -22.08 -12.39
N LYS C 447 -21.74 -22.31 -11.10
CA LYS C 447 -20.76 -23.34 -10.72
C LYS C 447 -21.15 -24.77 -11.08
N THR C 448 -22.43 -25.07 -11.05
CA THR C 448 -22.92 -26.40 -11.41
C THR C 448 -22.85 -26.77 -12.90
N ALA C 449 -22.79 -25.78 -13.81
CA ALA C 449 -22.69 -26.02 -15.27
C ALA C 449 -21.87 -24.88 -15.90
N PRO C 450 -20.54 -24.97 -15.77
CA PRO C 450 -19.70 -23.85 -16.22
C PRO C 450 -19.71 -23.56 -17.73
N ASN C 451 -20.23 -24.43 -18.56
CA ASN C 451 -20.42 -24.16 -19.99
C ASN C 451 -21.74 -23.50 -20.41
N ARG C 452 -22.69 -23.35 -19.48
CA ARG C 452 -23.98 -22.81 -19.80
C ARG C 452 -24.13 -21.32 -19.41
N ALA C 453 -24.18 -20.45 -20.41
CA ALA C 453 -24.38 -19.03 -20.21
C ALA C 453 -25.78 -18.69 -19.72
N ILE C 454 -25.89 -17.72 -18.84
CA ILE C 454 -27.14 -17.18 -18.34
C ILE C 454 -27.09 -15.68 -18.24
N ARG C 455 -28.25 -15.10 -17.99
CA ARG C 455 -28.40 -13.66 -17.77
C ARG C 455 -28.90 -13.49 -16.35
N ILE C 456 -28.60 -12.32 -15.78
CA ILE C 456 -29.06 -11.91 -14.45
C ILE C 456 -29.62 -10.49 -14.56
N THR C 457 -30.79 -10.27 -13.97
CA THR C 457 -31.50 -8.99 -14.05
C THR C 457 -31.16 -8.18 -12.80
N LYS C 458 -31.41 -6.87 -12.86
CA LYS C 458 -31.12 -5.99 -11.73
C LYS C 458 -31.83 -6.46 -10.39
N ASN C 459 -33.06 -6.94 -10.53
CA ASN C 459 -33.85 -7.38 -9.39
C ASN C 459 -33.44 -8.70 -8.78
N GLN C 460 -32.65 -9.51 -9.50
CA GLN C 460 -32.03 -10.70 -8.91
C GLN C 460 -30.79 -10.37 -8.09
N VAL C 461 -30.38 -9.13 -7.97
CA VAL C 461 -29.11 -8.78 -7.33
C VAL C 461 -29.39 -7.99 -6.03
N SER C 462 -30.01 -6.84 -6.14
CA SER C 462 -30.24 -5.97 -5.00
C SER C 462 -31.19 -4.82 -5.36
N GLN C 463 -31.99 -4.41 -4.38
CA GLN C 463 -32.85 -3.24 -4.43
C GLN C 463 -32.10 -1.94 -4.06
N LEU C 464 -30.87 -2.03 -3.60
CA LEU C 464 -30.06 -0.86 -3.22
C LEU C 464 -29.22 -0.32 -4.39
N LEU C 465 -29.50 -0.80 -5.59
CA LEU C 465 -28.73 -0.38 -6.80
C LEU C 465 -29.42 0.85 -7.36
N PRO C 466 -28.73 1.58 -8.26
CA PRO C 466 -29.37 2.71 -8.97
C PRO C 466 -30.67 2.37 -9.77
N GLU C 467 -31.63 3.27 -9.74
CA GLU C 467 -32.85 3.09 -10.56
C GLU C 467 -32.68 3.72 -11.96
N LYS C 468 -31.79 4.70 -12.08
CA LYS C 468 -31.35 5.26 -13.35
C LYS C 468 -29.85 5.04 -13.52
N PHE C 469 -29.39 5.05 -14.75
CA PHE C 469 -28.01 4.88 -15.13
C PHE C 469 -27.34 6.03 -15.90
N ALA C 470 -28.04 7.16 -16.03
CA ALA C 470 -27.50 8.37 -16.66
C ALA C 470 -28.09 9.64 -16.04
N GLU C 471 -27.32 10.71 -16.03
CA GLU C 471 -27.76 12.02 -15.54
C GLU C 471 -26.82 13.12 -16.07
N GLN C 472 -27.24 14.37 -15.92
CA GLN C 472 -26.45 15.52 -16.33
C GLN C 472 -26.17 16.47 -15.19
N LEU C 473 -24.94 16.91 -15.08
CA LEU C 473 -24.52 18.00 -14.20
C LEU C 473 -24.29 19.25 -15.00
N ILE C 474 -24.72 20.38 -14.47
CA ILE C 474 -24.52 21.69 -15.07
C ILE C 474 -23.70 22.53 -14.07
N ARG C 475 -22.52 22.97 -14.49
CA ARG C 475 -21.70 23.90 -13.72
C ARG C 475 -21.65 25.23 -14.42
N VAL C 476 -21.75 26.31 -13.65
CA VAL C 476 -21.67 27.64 -14.14
C VAL C 476 -20.47 28.37 -13.49
N TYR C 477 -19.66 29.04 -14.31
CA TYR C 477 -18.54 29.83 -13.87
C TYR C 477 -18.68 31.29 -14.39
N CYS C 478 -18.00 32.21 -13.69
CA CYS C 478 -17.95 33.64 -14.09
C CYS C 478 -16.55 34.05 -14.47
N LYS C 479 -16.37 34.60 -15.69
CA LYS C 479 -15.06 35.15 -16.13
C LYS C 479 -14.66 36.47 -15.42
N LYS C 480 -15.65 37.17 -14.81
CA LYS C 480 -15.40 38.34 -14.03
C LYS C 480 -15.35 37.94 -12.54
N VAL C 481 -14.29 38.34 -11.86
CA VAL C 481 -13.91 37.73 -10.57
C VAL C 481 -14.07 38.60 -9.31
N ASP C 482 -14.36 39.87 -9.47
CA ASP C 482 -14.46 40.82 -8.36
C ASP C 482 -15.63 40.55 -7.43
N ARG C 483 -15.53 41.00 -6.16
CA ARG C 483 -16.54 40.82 -5.09
C ARG C 483 -18.02 40.95 -5.62
N LYS C 484 -18.27 42.07 -6.29
CA LYS C 484 -19.57 42.45 -6.79
C LYS C 484 -20.01 41.71 -8.04
N SER C 485 -19.08 41.21 -8.86
CA SER C 485 -19.47 40.41 -10.04
C SER C 485 -19.96 39.05 -9.61
N LEU C 486 -19.26 38.42 -8.68
CA LEU C 486 -19.63 37.11 -8.17
C LEU C 486 -21.00 37.13 -7.50
N TYR C 487 -21.24 38.18 -6.68
CA TYR C 487 -22.57 38.33 -6.06
C TYR C 487 -23.65 38.41 -7.12
N ALA C 488 -23.43 39.15 -8.19
CA ALA C 488 -24.38 39.19 -9.29
C ALA C 488 -24.51 37.84 -9.96
N ALA C 489 -23.38 37.26 -10.32
CA ALA C 489 -23.31 35.94 -10.96
C ALA C 489 -24.11 34.87 -10.22
N ARG C 490 -24.00 34.85 -8.88
CA ARG C 490 -24.81 33.95 -8.08
C ARG C 490 -26.32 34.12 -8.17
N GLN C 491 -26.74 35.38 -8.27
CA GLN C 491 -28.12 35.75 -8.38
C GLN C 491 -28.65 35.35 -9.75
N TYR C 492 -27.92 35.64 -10.83
CA TYR C 492 -28.32 35.19 -12.16
C TYR C 492 -28.51 33.66 -12.23
N PHE C 493 -27.50 32.98 -11.70
CA PHE C 493 -27.50 31.53 -11.63
C PHE C 493 -28.71 30.88 -10.93
N VAL C 494 -28.91 31.28 -9.70
CA VAL C 494 -29.98 30.73 -8.85
C VAL C 494 -31.34 31.07 -9.44
N GLN C 495 -31.47 32.27 -10.00
CA GLN C 495 -32.72 32.64 -10.70
C GLN C 495 -32.91 31.78 -11.96
N TRP C 496 -31.84 31.55 -12.71
CA TRP C 496 -31.93 30.72 -13.89
C TRP C 496 -32.36 29.28 -13.55
N CYS C 497 -31.83 28.73 -12.44
CA CYS C 497 -32.19 27.39 -12.00
C CYS C 497 -33.68 27.31 -11.68
N ALA C 498 -34.18 28.29 -10.92
CA ALA C 498 -35.57 28.41 -10.59
C ALA C 498 -36.43 28.56 -11.87
N ASP C 499 -36.05 29.46 -12.78
CA ASP C 499 -36.72 29.66 -14.08
C ASP C 499 -36.87 28.33 -14.85
N ARG C 500 -35.81 27.55 -14.91
CA ARG C 500 -35.81 26.32 -15.72
C ARG C 500 -36.21 25.05 -14.99
N ASN C 501 -36.61 25.17 -13.73
CA ASN C 501 -37.01 24.01 -12.88
C ASN C 501 -35.89 22.99 -12.66
N PHE C 502 -34.64 23.45 -12.64
CA PHE C 502 -33.51 22.68 -12.26
C PHE C 502 -33.47 22.55 -10.73
N THR C 503 -32.64 21.64 -10.28
CA THR C 503 -32.54 21.39 -8.86
C THR C 503 -31.95 22.64 -8.13
N LYS C 504 -32.23 22.70 -6.86
CA LYS C 504 -31.72 23.74 -5.97
C LYS C 504 -30.26 23.57 -5.73
N PRO C 505 -29.45 24.59 -6.04
CA PRO C 505 -28.03 24.49 -5.63
C PRO C 505 -27.86 24.18 -4.13
N GLN C 506 -26.88 23.36 -3.81
CA GLN C 506 -26.67 22.88 -2.45
C GLN C 506 -26.52 24.00 -1.42
N ASP C 507 -25.77 25.02 -1.82
CA ASP C 507 -25.58 26.25 -1.00
C ASP C 507 -26.56 27.39 -1.38
N GLY C 508 -27.65 27.04 -2.10
CA GLY C 508 -28.58 27.98 -2.66
C GLY C 508 -29.04 29.03 -1.69
N ASP C 509 -29.35 28.61 -0.45
CA ASP C 509 -29.91 29.52 0.58
C ASP C 509 -28.94 30.54 1.16
N VAL C 510 -27.65 30.26 1.04
CA VAL C 510 -26.58 31.14 1.52
C VAL C 510 -26.05 32.11 0.44
N ILE C 511 -25.92 31.65 -0.81
CA ILE C 511 -25.40 32.49 -1.89
C ILE C 511 -26.43 33.47 -2.49
N ALA C 512 -27.71 33.22 -2.24
CA ALA C 512 -28.83 34.00 -2.73
C ALA C 512 -30.03 33.89 -1.78
N PRO C 513 -29.92 34.41 -0.53
CA PRO C 513 -31.02 34.34 0.45
C PRO C 513 -32.37 34.95 -0.05
N LEU C 514 -32.29 35.94 -0.94
CA LEU C 514 -33.44 36.62 -1.44
C LEU C 514 -34.11 35.92 -2.62
N ILE C 515 -33.38 35.08 -3.35
CA ILE C 515 -33.92 34.37 -4.54
C ILE C 515 -34.62 33.03 -4.27
N THR C 516 -34.26 32.33 -3.19
CA THR C 516 -34.73 30.94 -2.94
C THR C 516 -36.13 30.74 -2.31
N PRO C 517 -36.66 31.75 -1.57
CA PRO C 517 -38.10 31.68 -1.21
C PRO C 517 -39.12 31.83 -2.37
N GLN C 518 -38.82 32.58 -3.42
CA GLN C 518 -39.76 32.73 -4.58
C GLN C 518 -40.06 31.43 -5.30
N LYS C 519 -39.32 30.33 -5.03
CA LYS C 519 -39.50 29.06 -5.72
C LYS C 519 -40.14 28.01 -4.80
N LYS C 520 -41.39 27.64 -5.10
CA LYS C 520 -42.17 26.78 -4.22
C LYS C 520 -41.76 25.33 -4.31
N GLU C 521 -41.35 24.88 -5.49
CA GLU C 521 -40.80 23.53 -5.70
C GLU C 521 -39.53 23.18 -4.88
N TRP C 522 -38.94 24.15 -4.17
CA TRP C 522 -37.82 23.95 -3.23
C TRP C 522 -38.22 23.99 -1.73
N ASN C 523 -39.42 23.52 -1.44
CA ASN C 523 -40.05 23.30 -0.07
C ASN C 523 -41.35 24.09 -0.01
N THR D 38 -13.03 -28.45 -9.22
CA THR D 38 -11.64 -28.84 -8.92
C THR D 38 -10.88 -27.64 -8.29
N MET D 39 -10.41 -26.64 -9.09
CA MET D 39 -9.48 -25.56 -8.53
C MET D 39 -10.13 -24.54 -7.56
N LYS D 40 -9.78 -24.64 -6.29
CA LYS D 40 -10.26 -23.71 -5.26
C LYS D 40 -9.48 -22.38 -5.24
N VAL D 41 -10.17 -21.24 -5.09
CA VAL D 41 -9.56 -19.92 -5.00
C VAL D 41 -9.62 -19.38 -3.55
N ILE D 42 -8.53 -18.87 -3.06
CA ILE D 42 -8.34 -18.27 -1.76
C ILE D 42 -7.82 -16.82 -1.91
N ASN D 43 -8.35 -15.90 -1.13
CA ASN D 43 -7.90 -14.49 -1.15
C ASN D 43 -7.03 -14.26 0.07
N ASP D 44 -5.79 -13.94 -0.21
CA ASP D 44 -4.75 -13.63 0.78
C ASP D 44 -4.35 -12.18 0.60
N PRO D 45 -4.34 -11.37 1.67
CA PRO D 45 -3.91 -9.97 1.56
C PRO D 45 -2.48 -9.76 1.04
N ILE D 46 -1.57 -10.74 1.18
CA ILE D 46 -0.24 -10.60 0.65
C ILE D 46 -0.14 -10.94 -0.84
N HIS D 47 -0.71 -12.07 -1.24
CA HIS D 47 -0.56 -12.59 -2.57
C HIS D 47 -1.71 -12.42 -3.52
N GLY D 48 -2.83 -11.93 -3.06
CA GLY D 48 -4.07 -11.87 -3.89
C GLY D 48 -4.79 -13.23 -3.94
N HIS D 49 -5.38 -13.48 -5.09
CA HIS D 49 -6.13 -14.71 -5.32
C HIS D 49 -5.21 -15.86 -5.77
N ILE D 50 -5.05 -16.84 -4.90
CA ILE D 50 -4.21 -18.00 -5.02
C ILE D 50 -5.13 -19.17 -5.40
N GLU D 51 -4.72 -19.97 -6.36
CA GLU D 51 -5.42 -21.16 -6.82
C GLU D 51 -4.83 -22.38 -6.12
N LEU D 52 -5.66 -23.25 -5.59
CA LEU D 52 -5.18 -24.50 -4.96
C LEU D 52 -5.71 -25.73 -5.70
N HIS D 53 -4.79 -26.63 -6.05
CA HIS D 53 -5.13 -27.91 -6.68
C HIS D 53 -5.92 -28.77 -5.66
N PRO D 54 -6.86 -29.62 -6.11
CA PRO D 54 -7.67 -30.32 -5.12
C PRO D 54 -6.92 -31.25 -4.16
N LEU D 55 -5.74 -31.76 -4.54
CA LEU D 55 -4.90 -32.55 -3.61
C LEU D 55 -4.42 -31.69 -2.45
N LEU D 56 -3.99 -30.45 -2.75
CA LEU D 56 -3.61 -29.50 -1.72
C LEU D 56 -4.75 -29.15 -0.75
N VAL D 57 -5.95 -29.04 -1.30
CA VAL D 57 -7.15 -28.77 -0.49
C VAL D 57 -7.38 -29.90 0.52
N ARG D 58 -7.25 -31.13 0.04
CA ARG D 58 -7.36 -32.33 0.88
C ARG D 58 -6.32 -32.34 2.02
N ILE D 59 -5.06 -32.01 1.74
CA ILE D 59 -4.03 -31.89 2.76
C ILE D 59 -4.37 -30.76 3.77
N ILE D 60 -4.86 -29.62 3.27
CA ILE D 60 -5.22 -28.48 4.09
C ILE D 60 -6.39 -28.73 5.03
N ASP D 61 -7.35 -29.51 4.58
CA ASP D 61 -8.56 -29.79 5.33
C ASP D 61 -8.45 -31.01 6.22
N THR D 62 -7.45 -30.97 7.09
CA THR D 62 -7.16 -32.00 8.09
C THR D 62 -6.88 -31.32 9.45
N PRO D 63 -7.11 -31.99 10.56
CA PRO D 63 -6.78 -31.41 11.85
C PRO D 63 -5.34 -30.99 12.04
N GLN D 64 -4.45 -31.71 11.38
CA GLN D 64 -3.01 -31.50 11.47
C GLN D 64 -2.61 -30.21 10.83
N PHE D 65 -3.26 -29.84 9.73
CA PHE D 65 -2.94 -28.57 9.06
C PHE D 65 -3.72 -27.43 9.74
N GLN D 66 -4.98 -27.69 10.05
CA GLN D 66 -5.85 -26.64 10.61
C GLN D 66 -5.41 -26.12 11.99
N ARG D 67 -4.75 -26.97 12.73
CA ARG D 67 -4.00 -26.64 13.93
C ARG D 67 -3.17 -25.38 13.84
N LEU D 68 -2.56 -25.14 12.68
CA LEU D 68 -1.73 -23.96 12.48
C LEU D 68 -2.47 -22.61 12.59
N ARG D 69 -3.78 -22.62 12.51
CA ARG D 69 -4.61 -21.43 12.82
C ARG D 69 -4.48 -20.95 14.26
N TYR D 70 -3.96 -21.79 15.15
CA TYR D 70 -3.92 -21.46 16.55
C TYR D 70 -2.52 -21.35 17.09
N ILE D 71 -1.58 -21.03 16.21
CA ILE D 71 -0.21 -20.74 16.54
C ILE D 71 0.24 -19.43 15.95
N LYS D 72 0.44 -18.40 16.77
CA LYS D 72 0.91 -17.12 16.31
C LYS D 72 2.29 -17.23 15.68
N GLN D 73 2.44 -16.65 14.48
CA GLN D 73 3.74 -16.59 13.77
C GLN D 73 4.83 -15.98 14.61
N LEU D 74 4.55 -14.86 15.28
CA LEU D 74 5.59 -14.11 15.96
C LEU D 74 5.62 -14.30 17.46
N GLY D 75 4.80 -15.26 17.97
CA GLY D 75 4.69 -15.55 19.40
C GLY D 75 4.38 -14.29 20.21
N GLY D 76 5.26 -13.96 21.14
CA GLY D 76 5.10 -12.82 22.01
C GLY D 76 5.30 -11.48 21.39
N GLY D 77 5.76 -11.42 20.14
CA GLY D 77 5.77 -10.19 19.38
C GLY D 77 4.40 -9.52 19.27
N TYR D 78 3.29 -10.31 19.29
CA TYR D 78 1.96 -9.76 19.31
C TYR D 78 1.71 -8.89 20.53
N TYR D 79 2.40 -9.17 21.62
CA TYR D 79 2.28 -8.39 22.83
C TYR D 79 3.02 -7.05 22.80
N VAL D 80 3.73 -6.77 21.67
CA VAL D 80 4.40 -5.51 21.46
C VAL D 80 3.93 -4.78 20.21
N PHE D 81 3.67 -5.56 19.17
CA PHE D 81 3.19 -5.08 17.86
C PHE D 81 1.79 -5.61 17.70
N PRO D 82 0.79 -4.77 17.98
CA PRO D 82 -0.58 -5.31 18.05
C PRO D 82 -1.19 -5.77 16.71
N GLY D 83 -0.60 -5.41 15.62
CA GLY D 83 -1.00 -5.90 14.32
C GLY D 83 -0.52 -7.29 14.02
N ALA D 84 0.50 -7.79 14.73
CA ALA D 84 1.02 -9.12 14.55
C ALA D 84 0.13 -10.27 15.14
N SER D 85 -1.11 -10.31 14.69
CA SER D 85 -2.07 -11.31 15.11
C SER D 85 -1.99 -12.57 14.19
N HIS D 86 -1.22 -12.50 13.10
CA HIS D 86 -1.16 -13.58 12.13
C HIS D 86 -0.60 -14.91 12.69
N ASN D 87 -1.20 -15.99 12.20
CA ASN D 87 -0.91 -17.33 12.57
C ASN D 87 -0.14 -18.10 11.47
N ARG D 88 0.47 -19.22 11.88
CA ARG D 88 1.30 -20.03 10.96
C ARG D 88 0.51 -20.58 9.75
N PHE D 89 -0.82 -20.75 9.92
CA PHE D 89 -1.66 -21.26 8.86
C PHE D 89 -1.56 -20.46 7.53
N GLU D 90 -1.82 -19.16 7.64
CA GLU D 90 -1.80 -18.29 6.49
C GLU D 90 -0.35 -18.16 5.91
N HIS D 91 0.65 -18.21 6.78
CA HIS D 91 2.03 -18.20 6.29
C HIS D 91 2.29 -19.46 5.43
N SER D 92 1.79 -20.61 5.90
CA SER D 92 1.92 -21.88 5.17
C SER D 92 1.32 -21.86 3.77
N LEU D 93 0.14 -21.30 3.66
CA LEU D 93 -0.50 -21.15 2.34
C LEU D 93 0.35 -20.34 1.42
N GLY D 94 0.96 -19.28 1.95
CA GLY D 94 1.81 -18.40 1.19
C GLY D 94 3.11 -19.03 0.73
N VAL D 95 3.70 -19.85 1.57
CA VAL D 95 4.93 -20.57 1.22
C VAL D 95 4.64 -21.59 0.10
N GLY D 96 3.55 -22.33 0.24
CA GLY D 96 3.07 -23.22 -0.81
C GLY D 96 2.79 -22.52 -2.13
N TYR D 97 2.15 -21.36 -2.07
CA TYR D 97 1.86 -20.62 -3.28
C TYR D 97 3.17 -20.17 -3.93
N LEU D 98 4.07 -19.54 -3.16
CA LEU D 98 5.29 -19.08 -3.73
C LEU D 98 6.22 -20.20 -4.28
N ALA D 99 6.23 -21.34 -3.64
CA ALA D 99 6.93 -22.51 -4.17
C ALA D 99 6.46 -22.90 -5.54
N GLY D 100 5.14 -22.89 -5.72
CA GLY D 100 4.56 -23.11 -7.04
C GLY D 100 4.92 -22.03 -8.10
N CYS D 101 4.98 -20.76 -7.67
CA CYS D 101 5.39 -19.68 -8.55
C CYS D 101 6.77 -19.91 -9.08
N LEU D 102 7.68 -20.28 -8.19
CA LEU D 102 9.08 -20.40 -8.59
C LEU D 102 9.25 -21.62 -9.50
N VAL D 103 8.72 -22.77 -9.08
CA VAL D 103 8.83 -23.96 -9.92
C VAL D 103 8.16 -23.78 -11.29
N HIS D 104 7.02 -23.13 -11.35
CA HIS D 104 6.35 -22.84 -12.65
C HIS D 104 7.15 -21.93 -13.55
N ALA D 105 7.68 -20.83 -13.02
CA ALA D 105 8.47 -19.88 -13.79
C ALA D 105 9.71 -20.56 -14.43
N LEU D 106 10.36 -21.46 -13.69
CA LEU D 106 11.49 -22.20 -14.19
C LEU D 106 11.09 -23.14 -15.35
N GLY D 107 9.91 -23.74 -15.28
CA GLY D 107 9.37 -24.66 -16.31
C GLY D 107 8.99 -23.94 -17.56
N GLU D 108 8.27 -22.82 -17.44
CA GLU D 108 7.92 -21.99 -18.59
C GLU D 108 9.15 -21.52 -19.34
N LYS D 109 10.17 -21.04 -18.63
CA LYS D 109 11.38 -20.45 -19.26
C LYS D 109 12.31 -21.52 -19.83
N GLN D 110 12.39 -22.70 -19.21
CA GLN D 110 13.32 -23.76 -19.59
C GLN D 110 12.60 -25.13 -19.67
N PRO D 111 11.83 -25.37 -20.78
CA PRO D 111 11.16 -26.65 -20.98
C PRO D 111 12.10 -27.86 -20.97
N GLU D 112 13.36 -27.63 -21.36
CA GLU D 112 14.37 -28.67 -21.38
C GLU D 112 14.65 -29.30 -20.00
N LEU D 113 14.26 -28.63 -18.91
CA LEU D 113 14.42 -29.21 -17.57
C LEU D 113 13.48 -30.37 -17.27
N GLN D 114 12.40 -30.51 -18.06
CA GLN D 114 11.43 -31.61 -17.94
C GLN D 114 10.76 -31.64 -16.57
N ILE D 115 10.37 -30.47 -16.07
CA ILE D 115 9.67 -30.36 -14.81
C ILE D 115 8.26 -30.87 -15.10
N SER D 116 7.81 -31.87 -14.36
CA SER D 116 6.47 -32.46 -14.56
C SER D 116 5.42 -31.84 -13.63
N GLU D 117 4.14 -32.02 -13.97
CA GLU D 117 3.01 -31.73 -13.04
C GLU D 117 3.25 -32.36 -11.68
N ARG D 118 3.73 -33.59 -11.67
CA ARG D 118 4.14 -34.24 -10.43
C ARG D 118 5.11 -33.44 -9.56
N ASP D 119 6.17 -32.95 -10.20
CA ASP D 119 7.19 -32.16 -9.50
C ASP D 119 6.60 -30.89 -8.88
N VAL D 120 5.77 -30.21 -9.63
CA VAL D 120 5.12 -29.01 -9.18
C VAL D 120 4.32 -29.30 -7.89
N LEU D 121 3.51 -30.34 -7.94
CA LEU D 121 2.76 -30.72 -6.77
C LEU D 121 3.51 -31.06 -5.53
N CYS D 122 4.60 -31.79 -5.70
CA CYS D 122 5.44 -32.16 -4.52
C CYS D 122 6.16 -30.95 -3.97
N VAL D 123 6.56 -30.00 -4.81
CA VAL D 123 7.18 -28.77 -4.32
C VAL D 123 6.16 -27.92 -3.55
N GLN D 124 4.97 -27.78 -4.09
CA GLN D 124 3.88 -27.06 -3.37
C GLN D 124 3.52 -27.72 -2.05
N ILE D 125 3.47 -29.02 -2.01
CA ILE D 125 3.15 -29.76 -0.78
C ILE D 125 4.22 -29.56 0.29
N ALA D 126 5.50 -29.64 -0.13
CA ALA D 126 6.58 -29.35 0.79
C ALA D 126 6.49 -27.91 1.31
N GLY D 127 6.19 -26.99 0.42
CA GLY D 127 6.00 -25.60 0.84
C GLY D 127 4.88 -25.41 1.85
N LEU D 128 3.74 -26.07 1.64
CA LEU D 128 2.62 -26.03 2.58
C LEU D 128 2.92 -26.63 3.95
N CYS D 129 3.74 -27.66 3.97
CA CYS D 129 3.83 -28.50 5.20
C CYS D 129 5.10 -28.30 6.01
N ARG D 130 6.01 -27.43 5.56
CA ARG D 130 7.20 -27.15 6.36
C ARG D 130 6.99 -26.27 7.60
N ASN D 131 5.76 -25.82 7.87
CA ASN D 131 5.45 -25.27 9.17
C ASN D 131 4.61 -26.17 10.13
N LEU D 132 4.37 -27.41 9.76
CA LEU D 132 3.49 -28.25 10.59
C LEU D 132 4.05 -28.51 11.97
N GLY D 133 5.38 -28.45 12.14
CA GLY D 133 6.03 -28.85 13.34
C GLY D 133 6.17 -27.77 14.38
N HIS D 134 5.73 -26.56 14.08
CA HIS D 134 5.82 -25.49 15.07
C HIS D 134 4.86 -25.74 16.22
N GLY D 135 5.28 -25.27 17.40
CA GLY D 135 4.50 -25.46 18.64
C GLY D 135 4.01 -24.13 19.16
N PRO D 136 3.35 -24.11 20.30
CA PRO D 136 2.76 -22.90 20.84
C PRO D 136 3.70 -21.70 20.81
N PHE D 137 3.25 -20.57 20.30
CA PHE D 137 4.03 -19.33 20.16
C PHE D 137 5.32 -19.51 19.33
N SER D 138 5.27 -20.47 18.39
CA SER D 138 6.30 -20.65 17.39
C SER D 138 7.71 -20.73 18.04
N HIS D 139 8.58 -19.74 17.82
CA HIS D 139 9.98 -19.86 18.23
C HIS D 139 10.22 -19.86 19.72
N MET D 140 9.26 -19.37 20.48
CA MET D 140 9.25 -19.59 21.92
C MET D 140 9.41 -21.07 22.30
N PHE D 141 8.72 -21.95 21.57
CA PHE D 141 8.64 -23.36 21.90
C PHE D 141 9.86 -24.18 21.52
N ASP D 142 10.32 -24.16 20.28
CA ASP D 142 11.60 -24.85 19.96
C ASP D 142 12.87 -24.13 20.49
N GLY D 143 12.80 -22.80 20.62
CA GLY D 143 13.92 -21.98 21.03
C GLY D 143 14.16 -21.77 22.54
N ARG D 144 13.12 -21.77 23.36
CA ARG D 144 13.28 -21.57 24.81
C ARG D 144 12.74 -22.75 25.60
N PHE D 145 11.52 -23.21 25.32
CA PHE D 145 10.84 -24.13 26.21
C PHE D 145 11.41 -25.56 26.16
N ILE D 146 11.47 -26.14 24.98
CA ILE D 146 11.96 -27.51 24.83
C ILE D 146 13.41 -27.74 25.31
N PRO D 147 14.35 -26.89 24.92
CA PRO D 147 15.69 -26.86 25.58
C PRO D 147 15.67 -26.85 27.11
N LEU D 148 14.82 -26.05 27.76
CA LEU D 148 14.81 -26.00 29.24
C LEU D 148 14.07 -27.19 29.89
N ALA D 149 13.02 -27.68 29.22
CA ALA D 149 12.18 -28.75 29.79
C ALA D 149 12.71 -30.17 29.53
N ARG D 150 13.25 -30.35 28.31
CA ARG D 150 13.74 -31.63 27.84
C ARG D 150 15.21 -31.43 27.26
N PRO D 151 16.15 -31.03 28.15
CA PRO D 151 17.50 -30.69 27.74
C PRO D 151 18.28 -31.80 27.04
N GLU D 152 18.00 -33.07 27.38
CA GLU D 152 18.72 -34.21 26.78
C GLU D 152 18.41 -34.43 25.28
N VAL D 153 17.14 -34.29 24.86
CA VAL D 153 16.79 -34.54 23.47
C VAL D 153 16.98 -33.27 22.69
N LYS D 154 17.39 -33.40 21.43
CA LYS D 154 17.46 -32.27 20.47
C LYS D 154 16.27 -32.47 19.47
N TRP D 155 15.45 -31.43 19.44
CA TRP D 155 14.20 -31.32 18.72
C TRP D 155 14.26 -30.07 17.87
N THR D 156 13.72 -30.12 16.67
CA THR D 156 13.55 -28.91 15.83
C THR D 156 12.16 -28.88 15.24
N HIS D 157 11.71 -27.73 14.81
CA HIS D 157 10.43 -27.63 14.10
C HIS D 157 10.56 -28.36 12.74
N GLU D 158 11.75 -28.46 12.16
CA GLU D 158 11.97 -29.23 10.93
C GLU D 158 11.65 -30.70 11.13
N GLN D 159 12.23 -31.31 12.19
CA GLN D 159 11.89 -32.71 12.52
C GLN D 159 10.38 -32.86 12.78
N GLY D 160 9.84 -31.93 13.56
CA GLY D 160 8.42 -31.91 13.83
C GLY D 160 7.52 -31.90 12.59
N SER D 161 7.92 -31.12 11.58
CA SER D 161 7.14 -31.04 10.37
C SER D 161 7.08 -32.38 9.62
N VAL D 162 8.20 -33.05 9.53
CA VAL D 162 8.27 -34.35 8.90
C VAL D 162 7.37 -35.39 9.62
N MET D 163 7.48 -35.43 10.95
CA MET D 163 6.69 -36.37 11.77
C MET D 163 5.18 -36.05 11.66
N MET D 164 4.85 -34.76 11.73
CA MET D 164 3.49 -34.33 11.65
C MET D 164 2.92 -34.55 10.25
N PHE D 165 3.78 -34.41 9.23
CA PHE D 165 3.37 -34.70 7.84
C PHE D 165 3.04 -36.18 7.62
N GLU D 166 3.89 -37.07 8.14
CA GLU D 166 3.63 -38.52 8.09
C GLU D 166 2.29 -38.80 8.80
N HIS D 167 2.10 -38.27 9.99
CA HIS D 167 0.84 -38.43 10.71
C HIS D 167 -0.37 -37.91 9.89
N LEU D 168 -0.24 -36.75 9.27
CA LEU D 168 -1.29 -36.17 8.43
C LEU D 168 -1.70 -37.11 7.29
N ILE D 169 -0.72 -37.66 6.62
CA ILE D 169 -0.94 -38.54 5.46
C ILE D 169 -1.62 -39.86 5.86
N ASN D 170 -1.11 -40.48 6.94
CA ASN D 170 -1.62 -41.77 7.39
C ASN D 170 -3.00 -41.67 7.99
N SER D 171 -3.23 -40.64 8.83
CA SER D 171 -4.52 -40.43 9.47
C SER D 171 -5.67 -40.08 8.58
N ASN D 172 -5.42 -39.57 7.35
CA ASN D 172 -6.51 -38.91 6.57
C ASN D 172 -6.62 -39.46 5.15
N GLY D 173 -6.06 -40.66 4.89
CA GLY D 173 -6.19 -41.28 3.58
C GLY D 173 -5.69 -40.48 2.39
N ILE D 174 -4.60 -39.74 2.55
CA ILE D 174 -3.99 -38.95 1.49
C ILE D 174 -3.20 -39.81 0.45
N LYS D 175 -2.55 -40.95 0.84
CA LYS D 175 -1.81 -41.75 -0.17
C LYS D 175 -2.65 -42.19 -1.42
N PRO D 176 -3.88 -42.73 -1.20
CA PRO D 176 -4.76 -42.99 -2.36
C PRO D 176 -5.13 -41.77 -3.20
N VAL D 177 -5.31 -40.62 -2.54
CA VAL D 177 -5.62 -39.36 -3.24
C VAL D 177 -4.43 -38.87 -4.04
N MET D 178 -3.21 -38.99 -3.51
CA MET D 178 -2.00 -38.79 -4.30
C MET D 178 -1.96 -39.61 -5.62
N GLU D 179 -2.27 -40.91 -5.54
CA GLU D 179 -2.29 -41.78 -6.71
C GLU D 179 -3.29 -41.31 -7.75
N GLN D 180 -4.45 -40.88 -7.29
CA GLN D 180 -5.49 -40.34 -8.14
C GLN D 180 -4.98 -39.23 -9.07
N TYR D 181 -4.06 -38.40 -8.59
CA TYR D 181 -3.49 -37.29 -9.40
C TYR D 181 -2.06 -37.56 -9.90
N GLY D 182 -1.71 -38.85 -10.01
CA GLY D 182 -0.47 -39.30 -10.63
C GLY D 182 0.79 -39.05 -9.84
N LEU D 183 0.69 -38.88 -8.53
CA LEU D 183 1.91 -38.98 -7.70
C LEU D 183 2.12 -40.45 -7.41
N ILE D 184 3.37 -40.78 -7.12
CA ILE D 184 3.81 -42.12 -6.75
C ILE D 184 4.18 -42.05 -5.25
N PRO D 185 3.27 -42.45 -4.37
CA PRO D 185 3.46 -42.18 -2.92
C PRO D 185 4.86 -42.48 -2.33
N GLU D 186 5.43 -43.61 -2.68
CA GLU D 186 6.67 -44.09 -2.10
C GLU D 186 7.84 -43.12 -2.39
N GLU D 187 8.05 -42.79 -3.65
CA GLU D 187 9.06 -41.80 -4.11
C GLU D 187 8.76 -40.38 -3.59
N ASP D 188 7.54 -39.93 -3.83
CA ASP D 188 7.14 -38.53 -3.65
C ASP D 188 7.03 -38.06 -2.17
N ILE D 189 6.59 -38.94 -1.30
CA ILE D 189 6.61 -38.71 0.13
C ILE D 189 8.02 -38.56 0.60
N CYS D 190 8.94 -39.33 0.09
CA CYS D 190 10.36 -39.19 0.47
C CYS D 190 10.86 -37.83 -0.03
N PHE D 191 10.53 -37.49 -1.28
CA PHE D 191 10.90 -36.18 -1.85
C PHE D 191 10.41 -34.98 -0.99
N ILE D 192 9.14 -35.03 -0.58
CA ILE D 192 8.59 -34.00 0.22
C ILE D 192 9.30 -33.86 1.57
N LYS D 193 9.54 -34.96 2.26
CA LYS D 193 10.25 -34.95 3.55
C LYS D 193 11.68 -34.43 3.38
N GLU D 194 12.34 -34.79 2.31
CA GLU D 194 13.73 -34.34 2.06
C GLU D 194 13.81 -32.85 1.82
N GLN D 195 12.79 -32.32 1.14
CA GLN D 195 12.69 -30.90 0.97
C GLN D 195 12.55 -30.14 2.29
N ILE D 196 11.86 -30.75 3.26
CA ILE D 196 11.64 -30.10 4.56
C ILE D 196 12.83 -30.20 5.51
N VAL D 197 13.37 -31.38 5.67
CA VAL D 197 14.43 -31.60 6.68
C VAL D 197 15.82 -31.82 6.08
N GLY D 198 15.92 -31.96 4.76
CA GLY D 198 17.18 -32.32 4.10
C GLY D 198 17.26 -33.81 3.98
N PRO D 199 18.46 -34.34 3.65
CA PRO D 199 18.68 -35.79 3.53
C PRO D 199 18.35 -36.53 4.83
N LEU D 200 17.79 -37.72 4.71
CA LEU D 200 17.30 -38.52 5.83
C LEU D 200 18.30 -39.47 6.52
N GLU D 201 19.35 -39.97 5.84
CA GLU D 201 20.21 -41.11 6.30
C GLU D 201 20.88 -40.98 7.67
N LEU D 208 29.31 -37.41 -3.55
CA LEU D 208 28.26 -38.16 -2.84
C LEU D 208 26.92 -37.42 -3.11
N TRP D 209 25.90 -38.05 -3.76
CA TRP D 209 24.59 -37.43 -3.97
C TRP D 209 23.57 -38.02 -2.96
N PRO D 210 23.22 -37.26 -1.90
CA PRO D 210 22.51 -37.81 -0.73
C PRO D 210 20.96 -37.99 -0.82
N TYR D 211 20.35 -37.53 -1.89
CA TYR D 211 18.89 -37.49 -1.98
C TYR D 211 18.39 -38.73 -2.75
N LYS D 212 17.33 -39.34 -2.23
CA LYS D 212 16.67 -40.50 -2.89
C LYS D 212 15.33 -40.12 -3.57
N GLY D 213 14.71 -39.04 -3.16
CA GLY D 213 13.43 -38.60 -3.71
C GLY D 213 13.53 -38.18 -5.17
N ARG D 214 14.64 -37.54 -5.56
CA ARG D 214 14.84 -37.18 -6.95
C ARG D 214 16.33 -37.26 -7.34
N PRO D 215 16.61 -37.48 -8.64
CA PRO D 215 18.01 -37.52 -9.11
C PRO D 215 18.71 -36.17 -9.17
N GLU D 216 19.97 -36.18 -9.56
CA GLU D 216 20.75 -34.92 -9.65
C GLU D 216 20.34 -33.99 -10.80
N ASN D 217 19.65 -34.51 -11.82
CA ASN D 217 19.17 -33.66 -12.94
C ASN D 217 17.95 -32.80 -12.52
N LYS D 218 17.42 -32.99 -11.30
CA LYS D 218 16.39 -32.15 -10.72
C LYS D 218 16.82 -31.54 -9.35
N SER D 219 18.12 -31.40 -9.13
CA SER D 219 18.64 -30.84 -7.86
C SER D 219 18.09 -29.47 -7.52
N PHE D 220 17.91 -28.64 -8.53
CA PHE D 220 17.34 -27.29 -8.39
C PHE D 220 16.01 -27.26 -7.62
N LEU D 221 15.28 -28.38 -7.61
CA LEU D 221 14.01 -28.46 -6.88
C LEU D 221 14.15 -28.41 -5.38
N TYR D 222 15.32 -28.78 -4.89
CA TYR D 222 15.66 -28.75 -3.46
C TYR D 222 16.03 -27.40 -2.90
N GLU D 223 16.18 -26.42 -3.79
CA GLU D 223 16.60 -25.06 -3.37
C GLU D 223 15.39 -24.11 -3.26
N ILE D 224 14.17 -24.59 -3.48
CA ILE D 224 12.99 -23.75 -3.51
C ILE D 224 12.36 -23.48 -2.13
N VAL D 225 12.08 -24.55 -1.38
CA VAL D 225 11.29 -24.48 -0.17
C VAL D 225 12.14 -24.20 1.04
N SER D 226 13.26 -24.91 1.15
CA SER D 226 14.13 -24.86 2.27
C SER D 226 15.55 -25.10 1.80
N ASN D 227 16.25 -24.00 1.52
CA ASN D 227 17.52 -23.97 0.80
C ASN D 227 18.66 -24.15 1.77
N LYS D 228 19.24 -25.33 1.78
CA LYS D 228 20.30 -25.64 2.78
C LYS D 228 21.63 -25.08 2.29
N ARG D 229 21.73 -24.70 1.02
CA ARG D 229 22.99 -24.23 0.48
C ARG D 229 23.26 -22.79 0.95
N ASN D 230 22.27 -21.89 0.82
CA ASN D 230 22.45 -20.47 1.10
C ASN D 230 21.29 -19.77 1.82
N GLY D 231 20.21 -20.49 2.10
CA GLY D 231 19.02 -19.91 2.72
C GLY D 231 18.14 -18.96 1.90
N ILE D 232 18.35 -18.87 0.57
CA ILE D 232 17.51 -18.08 -0.29
C ILE D 232 16.39 -18.97 -0.77
N ASP D 233 15.23 -18.86 -0.09
CA ASP D 233 14.08 -19.68 -0.38
C ASP D 233 12.78 -18.93 -0.17
N VAL D 234 11.69 -19.58 -0.59
CA VAL D 234 10.40 -18.95 -0.63
C VAL D 234 9.79 -18.81 0.74
N ASP D 235 10.24 -19.57 1.71
CA ASP D 235 9.77 -19.41 3.10
C ASP D 235 10.10 -17.99 3.60
N LYS D 236 11.35 -17.58 3.44
CA LYS D 236 11.75 -16.20 3.76
C LYS D 236 10.92 -15.15 3.01
N TRP D 237 10.66 -15.40 1.75
CA TRP D 237 9.99 -14.42 0.99
C TRP D 237 8.55 -14.15 1.50
N ASP D 238 7.86 -15.20 1.91
CA ASP D 238 6.54 -15.00 2.42
C ASP D 238 6.57 -14.26 3.73
N TYR D 239 7.46 -14.69 4.67
CA TYR D 239 7.45 -14.03 5.98
C TYR D 239 7.94 -12.58 5.96
N PHE D 240 8.87 -12.23 5.07
CA PHE D 240 9.21 -10.82 4.90
C PHE D 240 7.96 -10.00 4.64
N ALA D 241 7.26 -10.36 3.56
CA ALA D 241 6.09 -9.60 3.08
C ALA D 241 4.94 -9.65 4.11
N ARG D 242 4.70 -10.82 4.68
CA ARG D 242 3.58 -11.00 5.63
C ARG D 242 3.87 -10.38 6.97
N ASP D 243 5.06 -10.62 7.53
CA ASP D 243 5.37 -10.03 8.81
C ASP D 243 5.29 -8.50 8.75
N CYS D 244 5.89 -7.92 7.71
CA CYS D 244 5.88 -6.49 7.53
C CYS D 244 4.47 -5.85 7.40
N HIS D 245 3.61 -6.46 6.60
CA HIS D 245 2.18 -6.09 6.53
C HIS D 245 1.51 -5.96 7.88
N HIS D 246 1.79 -6.92 8.74
CA HIS D 246 1.18 -6.98 10.04
C HIS D 246 1.88 -6.14 11.09
N LEU D 247 3.17 -6.01 11.00
CA LEU D 247 3.94 -5.31 12.03
C LEU D 247 3.85 -3.79 11.88
N GLY D 248 3.57 -3.31 10.67
CA GLY D 248 3.64 -1.91 10.36
C GLY D 248 5.06 -1.38 10.09
N ILE D 249 5.87 -2.17 9.45
CA ILE D 249 7.25 -1.94 9.07
C ILE D 249 7.28 -2.34 7.62
N GLN D 250 7.90 -1.55 6.79
CA GLN D 250 7.91 -1.85 5.35
C GLN D 250 9.26 -2.56 4.96
N ASN D 251 9.18 -3.55 4.07
CA ASN D 251 10.48 -4.30 3.67
C ASN D 251 10.79 -3.99 2.17
N ASN D 252 12.03 -3.68 1.84
CA ASN D 252 12.39 -3.39 0.45
C ASN D 252 12.92 -4.59 -0.34
N PHE D 253 12.63 -5.84 0.02
CA PHE D 253 13.03 -6.97 -0.86
C PHE D 253 11.93 -7.36 -1.88
N ASP D 254 12.31 -7.33 -3.17
CA ASP D 254 11.40 -7.71 -4.24
C ASP D 254 11.60 -9.18 -4.72
N TYR D 255 10.80 -10.13 -4.20
CA TYR D 255 10.89 -11.54 -4.58
C TYR D 255 10.37 -11.82 -5.97
N LYS D 256 9.42 -11.04 -6.43
CA LYS D 256 8.94 -11.23 -7.78
C LYS D 256 10.03 -10.87 -8.81
N ARG D 257 10.86 -9.86 -8.54
CA ARG D 257 11.97 -9.58 -9.40
C ARG D 257 12.95 -10.77 -9.42
N PHE D 258 13.28 -11.29 -8.24
CA PHE D 258 14.19 -12.39 -8.15
C PHE D 258 13.70 -13.60 -8.97
N ILE D 259 12.44 -13.99 -8.81
CA ILE D 259 11.83 -15.05 -9.57
C ILE D 259 11.91 -14.81 -11.08
N LYS D 260 11.67 -13.61 -11.55
CA LYS D 260 11.85 -13.31 -12.98
C LYS D 260 13.25 -13.57 -13.52
N PHE D 261 14.28 -13.26 -12.74
CA PHE D 261 15.68 -13.38 -13.20
C PHE D 261 16.28 -14.77 -12.96
N ALA D 262 15.49 -15.70 -12.36
CA ALA D 262 16.05 -16.95 -11.97
C ALA D 262 16.14 -17.91 -13.14
N ARG D 263 17.26 -18.66 -13.19
CA ARG D 263 17.58 -19.62 -14.23
C ARG D 263 18.23 -20.87 -13.63
N VAL D 264 18.08 -22.01 -14.30
CA VAL D 264 18.83 -23.21 -13.88
C VAL D 264 20.04 -23.36 -14.80
N CYS D 265 21.20 -23.61 -14.19
CA CYS D 265 22.46 -23.90 -14.89
C CYS D 265 23.17 -25.11 -14.28
N GLU D 266 24.15 -25.64 -15.00
CA GLU D 266 25.09 -26.64 -14.48
C GLU D 266 26.10 -26.02 -13.50
N VAL D 267 26.21 -26.60 -12.31
CA VAL D 267 27.33 -26.35 -11.41
C VAL D 267 27.70 -27.70 -10.83
N ASP D 268 28.94 -28.18 -11.11
CA ASP D 268 29.48 -29.45 -10.56
C ASP D 268 28.57 -30.64 -10.84
N ASN D 269 28.21 -30.90 -12.09
CA ASN D 269 27.39 -32.13 -12.45
C ASN D 269 25.96 -32.15 -11.85
N GLU D 270 25.49 -30.98 -11.39
CA GLU D 270 24.24 -30.76 -10.72
C GLU D 270 23.61 -29.57 -11.44
N LEU D 271 22.32 -29.65 -11.67
CA LEU D 271 21.50 -28.49 -12.04
C LEU D 271 21.16 -27.67 -10.77
N ARG D 272 21.62 -26.43 -10.69
CA ARG D 272 21.23 -25.49 -9.63
C ARG D 272 20.53 -24.26 -10.14
N ILE D 273 19.76 -23.60 -9.29
CA ILE D 273 19.19 -22.27 -9.58
C ILE D 273 20.30 -21.24 -9.53
N CYS D 274 20.40 -20.42 -10.56
CA CYS D 274 21.34 -19.29 -10.62
C CYS D 274 20.62 -17.93 -10.69
N ALA D 275 21.16 -16.96 -9.98
CA ALA D 275 20.71 -15.58 -10.06
C ALA D 275 21.48 -14.78 -11.13
N ARG D 276 20.89 -13.71 -11.64
CA ARG D 276 21.56 -12.87 -12.60
C ARG D 276 22.64 -12.06 -11.89
N ASP D 277 23.80 -11.94 -12.51
CA ASP D 277 24.94 -11.29 -11.93
C ASP D 277 24.65 -9.95 -11.28
N LYS D 278 24.04 -9.03 -12.01
CA LYS D 278 23.80 -7.70 -11.46
C LYS D 278 22.72 -7.66 -10.32
N GLU D 279 22.03 -8.77 -10.07
CA GLU D 279 21.11 -8.87 -8.94
C GLU D 279 21.79 -9.15 -7.57
N VAL D 280 23.11 -9.33 -7.58
CA VAL D 280 23.88 -9.62 -6.38
C VAL D 280 23.68 -8.62 -5.22
N GLY D 281 23.63 -7.32 -5.54
CA GLY D 281 23.29 -6.29 -4.56
C GLY D 281 21.97 -6.50 -3.83
N ASN D 282 20.94 -6.95 -4.55
CA ASN D 282 19.62 -7.21 -3.98
C ASN D 282 19.68 -8.38 -3.03
N LEU D 283 20.56 -9.35 -3.31
CA LEU D 283 20.74 -10.50 -2.39
C LEU D 283 21.42 -10.13 -1.06
N TYR D 284 22.48 -9.29 -1.09
CA TYR D 284 23.06 -8.75 0.13
C TYR D 284 21.98 -7.95 0.86
N ASP D 285 21.20 -7.14 0.11
CA ASP D 285 20.05 -6.43 0.71
C ASP D 285 19.01 -7.36 1.35
N MET D 286 18.78 -8.52 0.76
CA MET D 286 17.81 -9.49 1.32
C MET D 286 18.20 -9.86 2.75
N PHE D 287 19.48 -10.16 2.94
CA PHE D 287 20.00 -10.56 4.26
C PHE D 287 20.07 -9.38 5.22
N HIS D 288 20.34 -8.20 4.71
CA HIS D 288 20.29 -6.97 5.51
C HIS D 288 18.89 -6.77 6.08
N THR D 289 17.89 -6.97 5.25
CA THR D 289 16.50 -6.84 5.67
C THR D 289 16.13 -7.89 6.74
N ARG D 290 16.54 -9.13 6.55
CA ARG D 290 16.33 -10.13 7.58
C ARG D 290 16.93 -9.73 8.94
N ASN D 291 18.16 -9.24 8.92
CA ASN D 291 18.82 -8.75 10.13
C ASN D 291 18.08 -7.55 10.75
N SER D 292 17.63 -6.62 9.91
CA SER D 292 16.85 -5.49 10.33
C SER D 292 15.58 -5.88 11.02
N LEU D 293 14.90 -6.88 10.49
CA LEU D 293 13.65 -7.37 11.08
C LEU D 293 13.86 -8.05 12.42
N HIS D 294 14.93 -8.81 12.55
CA HIS D 294 15.31 -9.37 13.84
C HIS D 294 15.63 -8.22 14.84
N ARG D 295 16.40 -7.21 14.43
CA ARG D 295 16.65 -6.08 15.30
C ARG D 295 15.41 -5.29 15.74
N ARG D 296 14.49 -4.97 14.84
CA ARG D 296 13.36 -4.15 15.20
C ARG D 296 12.19 -4.88 15.80
N ALA D 297 11.94 -6.10 15.36
CA ALA D 297 10.75 -6.86 15.76
C ALA D 297 11.06 -8.22 16.41
N TYR D 298 11.74 -9.13 15.74
CA TYR D 298 11.71 -10.50 16.19
C TYR D 298 12.51 -10.70 17.48
N GLN D 299 13.53 -9.85 17.72
CA GLN D 299 14.27 -9.84 18.96
C GLN D 299 14.02 -8.60 19.77
N HIS D 300 12.84 -7.99 19.64
CA HIS D 300 12.51 -6.82 20.44
C HIS D 300 12.69 -7.20 21.91
N LYS D 301 13.32 -6.31 22.68
CA LYS D 301 13.73 -6.56 24.06
C LYS D 301 12.52 -6.96 24.96
N VAL D 302 11.38 -6.33 24.77
CA VAL D 302 10.18 -6.66 25.53
C VAL D 302 9.45 -7.89 24.99
N GLY D 303 9.41 -8.03 23.68
CA GLY D 303 8.84 -9.24 23.06
C GLY D 303 9.55 -10.50 23.56
N ASN D 304 10.87 -10.46 23.65
CA ASN D 304 11.65 -11.56 24.18
C ASN D 304 11.38 -11.87 25.65
N ILE D 305 11.19 -10.84 26.46
CA ILE D 305 11.00 -11.05 27.85
C ILE D 305 9.60 -11.60 28.05
N ILE D 306 8.65 -11.23 27.22
CA ILE D 306 7.31 -11.80 27.30
C ILE D 306 7.36 -13.29 26.89
N ASP D 307 8.06 -13.63 25.82
CA ASP D 307 8.37 -15.02 25.49
C ASP D 307 9.01 -15.82 26.66
N THR D 308 9.90 -15.15 27.41
CA THR D 308 10.58 -15.76 28.51
C THR D 308 9.61 -16.00 29.68
N MET D 309 8.74 -15.00 29.95
CA MET D 309 7.73 -15.16 31.01
C MET D 309 6.74 -16.30 30.68
N ILE D 310 6.31 -16.41 29.44
CA ILE D 310 5.46 -17.50 29.02
C ILE D 310 6.14 -18.84 29.13
N THR D 311 7.43 -18.90 28.82
CA THR D 311 8.19 -20.11 28.98
C THR D 311 8.19 -20.54 30.47
N ASP D 312 8.49 -19.57 31.36
CA ASP D 312 8.48 -19.81 32.79
C ASP D 312 7.12 -20.33 33.25
N ALA D 313 6.03 -19.73 32.75
CA ALA D 313 4.68 -20.19 33.11
C ALA D 313 4.44 -21.65 32.65
N PHE D 314 4.90 -21.95 31.43
CA PHE D 314 4.72 -23.30 30.89
C PHE D 314 5.53 -24.34 31.69
N LEU D 315 6.72 -23.99 32.15
CA LEU D 315 7.55 -24.91 32.96
C LEU D 315 6.87 -25.20 34.30
N LYS D 316 6.29 -24.17 34.94
CA LYS D 316 5.58 -24.32 36.20
C LYS D 316 4.28 -25.12 36.07
N ALA D 317 3.75 -25.18 34.86
CA ALA D 317 2.50 -25.89 34.60
C ALA D 317 2.70 -27.30 34.05
N ASP D 318 3.90 -27.62 33.62
CA ASP D 318 4.17 -28.84 32.80
C ASP D 318 3.76 -30.17 33.47
N ASP D 319 3.92 -30.24 34.80
CA ASP D 319 3.52 -31.42 35.53
C ASP D 319 2.03 -31.68 35.61
N TYR D 320 1.20 -30.64 35.43
CA TYR D 320 -0.21 -30.69 35.72
C TYR D 320 -1.12 -30.67 34.53
N ILE D 321 -0.71 -30.07 33.40
CA ILE D 321 -1.51 -30.03 32.19
C ILE D 321 -1.34 -31.37 31.47
N GLU D 322 -2.45 -31.94 31.03
CA GLU D 322 -2.43 -33.25 30.38
C GLU D 322 -3.06 -33.16 29.02
N ILE D 323 -2.40 -33.76 28.02
CA ILE D 323 -2.84 -33.83 26.66
C ILE D 323 -3.00 -35.32 26.32
N THR D 324 -4.16 -35.67 25.78
CA THR D 324 -4.50 -36.99 25.38
C THR D 324 -3.96 -37.31 24.00
N GLY D 325 -3.25 -38.41 23.89
CA GLY D 325 -2.67 -38.86 22.61
C GLY D 325 -3.21 -40.15 22.08
N ALA D 326 -2.38 -40.93 21.42
CA ALA D 326 -2.82 -42.16 20.73
C ALA D 326 -3.29 -43.21 21.72
N GLY D 327 -4.39 -43.88 21.39
CA GLY D 327 -5.05 -44.85 22.27
C GLY D 327 -5.34 -44.40 23.70
N GLY D 328 -5.53 -43.11 23.92
CA GLY D 328 -5.82 -42.59 25.26
C GLY D 328 -4.65 -42.30 26.21
N LYS D 329 -3.40 -42.59 25.82
CA LYS D 329 -2.22 -42.28 26.68
C LYS D 329 -2.10 -40.76 26.94
N LYS D 330 -1.61 -40.40 28.12
CA LYS D 330 -1.60 -39.00 28.57
C LYS D 330 -0.19 -38.41 28.44
N TYR D 331 -0.11 -37.17 27.95
CA TYR D 331 1.21 -36.53 27.77
C TYR D 331 1.20 -35.19 28.43
N ARG D 332 2.40 -34.68 28.68
CA ARG D 332 2.57 -33.31 29.18
C ARG D 332 2.97 -32.39 27.99
N ILE D 333 3.07 -31.10 28.28
CA ILE D 333 3.42 -30.10 27.23
C ILE D 333 4.80 -30.49 26.69
N SER D 334 5.75 -30.80 27.60
CA SER D 334 7.09 -31.23 27.25
C SER D 334 7.20 -32.56 26.49
N THR D 335 6.22 -33.48 26.66
CA THR D 335 6.30 -34.82 26.03
C THR D 335 5.30 -35.02 24.89
N ALA D 336 4.45 -34.04 24.64
CA ALA D 336 3.53 -34.14 23.51
C ALA D 336 4.26 -34.33 22.20
N ILE D 337 5.52 -33.83 22.09
CA ILE D 337 6.34 -34.06 20.90
C ILE D 337 6.66 -35.54 20.58
N ASP D 338 6.41 -36.44 21.51
CA ASP D 338 6.64 -37.86 21.31
C ASP D 338 5.44 -38.62 20.70
N ASP D 339 4.25 -38.01 20.66
CA ASP D 339 3.08 -38.56 19.99
C ASP D 339 2.32 -37.49 19.23
N MET D 340 2.17 -37.69 17.94
CA MET D 340 1.59 -36.69 17.04
C MET D 340 0.08 -36.49 17.25
N GLU D 341 -0.66 -37.49 17.74
CA GLU D 341 -2.05 -37.21 18.18
C GLU D 341 -2.12 -36.16 19.32
N ALA D 342 -1.18 -36.22 20.26
CA ALA D 342 -1.06 -35.21 21.29
C ALA D 342 -0.55 -33.89 20.77
N TYR D 343 0.41 -33.94 19.88
CA TYR D 343 1.03 -32.70 19.39
C TYR D 343 0.04 -31.86 18.60
N THR D 344 -0.79 -32.54 17.82
CA THR D 344 -1.94 -31.98 17.11
C THR D 344 -2.78 -31.06 17.97
N LYS D 345 -2.98 -31.42 19.24
CA LYS D 345 -3.76 -30.61 20.18
C LYS D 345 -2.91 -29.68 21.04
N LEU D 346 -1.65 -29.46 20.70
CA LEU D 346 -0.79 -28.58 21.46
C LEU D 346 -0.66 -27.25 20.69
N THR D 347 -1.39 -26.20 21.12
CA THR D 347 -1.42 -24.90 20.49
C THR D 347 -1.39 -23.75 21.52
N ASP D 348 -1.50 -22.50 21.05
CA ASP D 348 -1.51 -21.33 21.94
C ASP D 348 -2.60 -21.40 23.01
N ASN D 349 -3.66 -22.16 22.76
CA ASN D 349 -4.68 -22.41 23.75
C ASN D 349 -4.17 -22.81 25.16
N ILE D 350 -3.03 -23.46 25.22
CA ILE D 350 -2.32 -23.78 26.49
C ILE D 350 -2.14 -22.52 27.39
N PHE D 351 -1.80 -21.38 26.81
CA PHE D 351 -1.73 -20.13 27.48
C PHE D 351 -3.02 -19.81 28.23
N LEU D 352 -4.16 -19.97 27.58
CA LEU D 352 -5.45 -19.65 28.21
C LEU D 352 -5.99 -20.75 29.15
N GLU D 353 -5.72 -22.00 28.87
CA GLU D 353 -5.99 -23.01 29.91
C GLU D 353 -5.30 -22.62 31.24
N ILE D 354 -4.04 -22.21 31.18
CA ILE D 354 -3.35 -21.81 32.38
C ILE D 354 -3.94 -20.52 32.98
N LEU D 355 -4.13 -19.52 32.17
CA LEU D 355 -4.68 -18.25 32.66
C LEU D 355 -6.09 -18.36 33.34
N TYR D 356 -6.95 -19.20 32.79
CA TYR D 356 -8.30 -19.39 33.27
C TYR D 356 -8.50 -20.48 34.35
N SER D 357 -7.43 -21.19 34.70
CA SER D 357 -7.52 -22.29 35.70
C SER D 357 -7.80 -21.78 37.10
N THR D 358 -8.37 -22.64 37.91
CA THR D 358 -8.63 -22.29 39.36
C THR D 358 -7.88 -23.23 40.35
N ASP D 359 -7.33 -24.32 39.84
CA ASP D 359 -6.57 -25.27 40.60
C ASP D 359 -5.39 -24.58 41.29
N PRO D 360 -5.23 -24.73 42.63
CA PRO D 360 -4.02 -24.23 43.27
C PRO D 360 -2.68 -24.90 42.82
N LYS D 361 -2.69 -26.07 42.18
CA LYS D 361 -1.49 -26.61 41.56
C LYS D 361 -0.93 -25.70 40.42
N LEU D 362 -1.80 -24.93 39.79
CA LEU D 362 -1.42 -24.01 38.71
C LEU D 362 -1.29 -22.53 39.16
N LYS D 363 -1.46 -22.22 40.45
CA LYS D 363 -1.32 -20.86 40.96
C LYS D 363 -0.06 -20.15 40.51
N ASP D 364 1.08 -20.81 40.55
CA ASP D 364 2.34 -20.17 40.24
C ASP D 364 2.46 -19.87 38.74
N ALA D 365 2.04 -20.81 37.90
CA ALA D 365 2.02 -20.63 36.44
C ALA D 365 1.03 -19.54 36.06
N ARG D 366 -0.17 -19.62 36.63
CA ARG D 366 -1.21 -18.65 36.36
C ARG D 366 -0.80 -17.24 36.80
N GLU D 367 -0.15 -17.09 37.94
CA GLU D 367 0.29 -15.76 38.44
C GLU D 367 1.31 -15.07 37.51
N ILE D 368 2.17 -15.83 36.86
CA ILE D 368 3.08 -15.27 35.91
C ILE D 368 2.31 -14.71 34.72
N LEU D 369 1.40 -15.51 34.16
CA LEU D 369 0.54 -15.01 33.07
C LEU D 369 -0.29 -13.81 33.46
N LYS D 370 -0.73 -13.78 34.72
CA LYS D 370 -1.47 -12.60 35.26
C LYS D 370 -0.61 -11.34 35.24
N GLN D 371 0.66 -11.48 35.54
CA GLN D 371 1.59 -10.37 35.53
C GLN D 371 1.82 -9.85 34.12
N ILE D 372 1.76 -10.73 33.13
CA ILE D 372 1.78 -10.29 31.72
C ILE D 372 0.53 -9.42 31.38
N GLU D 373 -0.67 -9.82 31.83
CA GLU D 373 -1.88 -9.01 31.65
C GLU D 373 -1.80 -7.65 32.30
N TYR D 374 -1.29 -7.58 33.52
CA TYR D 374 -1.12 -6.27 34.21
C TYR D 374 0.11 -5.45 33.78
N ARG D 375 0.92 -5.98 32.86
CA ARG D 375 2.16 -5.37 32.41
C ARG D 375 3.21 -5.17 33.51
N ASN D 376 3.24 -6.05 34.47
CA ASN D 376 4.30 -6.11 35.46
C ASN D 376 5.32 -7.11 35.01
N LEU D 377 6.14 -6.68 34.06
CA LEU D 377 7.09 -7.53 33.38
C LEU D 377 8.42 -7.42 34.03
N PHE D 378 9.22 -8.47 33.88
CA PHE D 378 10.67 -8.37 34.28
C PHE D 378 11.23 -7.17 33.49
N LYS D 379 12.08 -6.38 34.13
CA LYS D 379 12.44 -5.07 33.63
C LYS D 379 13.80 -5.11 32.96
N TYR D 380 13.91 -4.38 31.86
CA TYR D 380 15.12 -4.40 31.02
C TYR D 380 16.14 -3.47 31.68
N VAL D 381 17.35 -3.94 31.80
CA VAL D 381 18.44 -3.20 32.42
C VAL D 381 19.34 -2.56 31.35
N GLY D 382 19.76 -3.37 30.35
CA GLY D 382 20.56 -2.90 29.25
C GLY D 382 21.14 -3.96 28.30
N GLU D 383 21.88 -3.49 27.32
CA GLU D 383 22.41 -4.33 26.26
C GLU D 383 23.90 -4.09 26.14
N THR D 384 24.65 -5.16 25.94
CA THR D 384 26.06 -5.08 25.64
C THR D 384 26.45 -6.16 24.66
N GLN D 385 27.68 -6.11 24.21
CA GLN D 385 28.28 -7.07 23.26
C GLN D 385 29.73 -7.36 23.70
N PRO D 386 30.27 -8.54 23.34
CA PRO D 386 31.68 -8.79 23.57
C PRO D 386 32.63 -8.00 22.65
N THR D 387 33.89 -7.80 23.10
CA THR D 387 34.99 -7.18 22.34
C THR D 387 35.87 -8.25 21.72
N GLY D 388 36.48 -7.94 20.58
CA GLY D 388 37.53 -8.73 19.96
C GLY D 388 37.13 -10.15 19.52
N GLN D 389 38.01 -11.10 19.85
CA GLN D 389 37.85 -12.51 19.54
C GLN D 389 36.72 -13.21 20.33
N ILE D 390 36.27 -12.60 21.44
CA ILE D 390 35.48 -13.23 22.48
C ILE D 390 34.13 -13.73 21.93
N LYS D 391 34.02 -15.07 21.83
CA LYS D 391 32.78 -15.76 21.66
C LYS D 391 32.25 -16.13 23.06
N ILE D 392 30.91 -16.13 23.26
CA ILE D 392 30.27 -16.67 24.45
C ILE D 392 29.59 -18.01 24.13
N LYS D 393 29.93 -19.02 24.92
CA LYS D 393 29.73 -20.43 24.55
C LYS D 393 28.30 -20.84 24.85
N ARG D 394 27.83 -21.92 24.25
CA ARG D 394 26.58 -22.60 24.65
C ARG D 394 26.55 -22.96 26.19
N GLU D 395 27.69 -23.43 26.73
CA GLU D 395 27.73 -23.90 28.12
C GLU D 395 27.70 -22.77 29.16
N ASP D 396 28.30 -21.61 28.86
CA ASP D 396 28.45 -20.52 29.84
C ASP D 396 27.16 -19.70 30.12
N TYR D 397 26.07 -19.95 29.41
CA TYR D 397 24.82 -19.21 29.55
C TYR D 397 24.29 -19.22 30.97
N GLU D 398 24.24 -20.40 31.59
CA GLU D 398 23.74 -20.53 32.97
C GLU D 398 24.58 -19.76 34.00
N SER D 399 25.85 -19.60 33.74
CA SER D 399 26.73 -18.90 34.68
C SER D 399 26.53 -17.37 34.72
N LEU D 400 25.90 -16.79 33.69
CA LEU D 400 25.96 -15.33 33.52
C LEU D 400 25.19 -14.47 34.57
N PRO D 401 23.99 -14.93 34.98
CA PRO D 401 23.31 -14.26 36.09
C PRO D 401 24.12 -14.23 37.36
N LYS D 402 24.80 -15.32 37.65
CA LYS D 402 25.76 -15.35 38.81
C LYS D 402 26.84 -14.26 38.69
N GLU D 403 27.39 -14.06 37.50
CA GLU D 403 28.45 -13.09 37.30
C GLU D 403 28.03 -11.64 37.55
N VAL D 404 26.77 -11.31 37.21
CA VAL D 404 26.34 -9.89 37.28
C VAL D 404 26.10 -9.49 38.74
N ALA D 405 25.57 -10.41 39.53
CA ALA D 405 25.45 -10.23 40.98
C ALA D 405 26.79 -10.22 41.70
N SER D 406 27.81 -10.83 41.10
CA SER D 406 29.21 -10.81 41.66
C SER D 406 30.01 -9.54 41.49
N ALA D 407 29.59 -8.66 40.56
CA ALA D 407 30.41 -7.44 40.31
C ALA D 407 30.27 -6.51 41.53
N LYS D 408 31.29 -5.71 41.78
CA LYS D 408 31.38 -4.92 43.03
C LYS D 408 31.45 -3.44 42.66
N PRO D 409 30.28 -2.85 42.40
CA PRO D 409 30.26 -1.44 42.08
C PRO D 409 30.51 -0.62 43.31
N LYS D 410 31.39 0.39 43.19
CA LYS D 410 31.72 1.26 44.32
C LYS D 410 30.68 2.39 44.49
N VAL D 411 29.48 2.01 44.93
CA VAL D 411 28.32 2.89 45.04
C VAL D 411 27.49 2.49 46.25
N LEU D 412 26.90 3.48 46.90
CA LEU D 412 25.99 3.18 48.03
C LEU D 412 24.65 2.64 47.49
N LEU D 413 24.30 1.41 47.89
CA LEU D 413 23.12 0.68 47.41
C LEU D 413 22.21 0.34 48.60
N ASP D 414 20.93 0.70 48.51
CA ASP D 414 19.92 0.31 49.49
C ASP D 414 19.55 -1.19 49.52
N VAL D 415 19.88 -1.98 48.50
CA VAL D 415 19.62 -3.43 48.51
C VAL D 415 20.72 -4.17 47.75
N LYS D 416 20.87 -5.46 48.06
CA LYS D 416 21.83 -6.34 47.39
C LYS D 416 21.05 -7.42 46.67
N LEU D 417 21.30 -7.56 45.38
CA LEU D 417 20.61 -8.51 44.55
C LEU D 417 21.36 -9.83 44.50
N LYS D 418 20.62 -10.90 44.35
CA LYS D 418 21.18 -12.25 44.22
C LYS D 418 21.11 -12.65 42.76
N ALA D 419 21.67 -13.80 42.40
CA ALA D 419 21.77 -14.22 40.99
C ALA D 419 20.43 -14.47 40.34
N GLU D 420 19.54 -15.13 41.03
CA GLU D 420 18.26 -15.56 40.45
C GLU D 420 17.33 -14.36 40.19
N ASP D 421 17.67 -13.15 40.66
CA ASP D 421 17.01 -11.90 40.30
C ASP D 421 17.40 -11.33 38.86
N PHE D 422 18.36 -11.96 38.18
CA PHE D 422 18.84 -11.52 36.90
C PHE D 422 18.58 -12.57 35.80
N ILE D 423 18.12 -12.10 34.64
CA ILE D 423 18.03 -12.92 33.45
C ILE D 423 19.05 -12.34 32.43
N VAL D 424 19.81 -13.22 31.79
CA VAL D 424 20.81 -12.80 30.81
C VAL D 424 20.54 -13.58 29.55
N ASP D 425 20.32 -12.88 28.46
CA ASP D 425 19.83 -13.45 27.21
C ASP D 425 20.97 -13.19 26.22
N VAL D 426 21.39 -14.24 25.52
CA VAL D 426 22.41 -14.14 24.50
C VAL D 426 21.78 -14.42 23.14
N ILE D 427 21.83 -13.46 22.24
CA ILE D 427 21.26 -13.60 20.90
C ILE D 427 22.35 -13.64 19.86
N ASN D 428 22.32 -14.69 19.04
CA ASN D 428 23.20 -14.86 17.88
C ASN D 428 22.55 -14.26 16.64
N MET D 429 23.09 -13.14 16.15
CA MET D 429 22.62 -12.44 14.95
C MET D 429 23.60 -12.79 13.84
N ASP D 430 23.12 -13.36 12.75
CA ASP D 430 23.97 -13.68 11.61
C ASP D 430 23.23 -13.61 10.27
N TYR D 431 23.92 -13.93 9.18
CA TYR D 431 23.34 -14.00 7.83
C TYR D 431 22.90 -15.43 7.44
N GLY D 432 22.54 -16.24 8.45
CA GLY D 432 22.00 -17.56 8.28
C GLY D 432 22.96 -18.68 8.19
N MET D 433 24.27 -18.40 8.21
CA MET D 433 25.29 -19.47 8.13
C MET D 433 26.45 -19.13 9.07
N GLN D 434 26.11 -18.74 10.29
CA GLN D 434 27.07 -18.54 11.38
C GLN D 434 28.04 -17.45 10.88
N GLU D 435 29.36 -17.67 10.85
CA GLU D 435 30.34 -16.68 10.49
C GLU D 435 30.43 -16.42 8.94
N LYS D 436 29.83 -17.32 8.15
CA LYS D 436 30.00 -17.31 6.72
C LYS D 436 29.09 -16.28 6.00
N ASN D 437 29.55 -15.90 4.81
CA ASN D 437 28.85 -15.02 3.89
C ASN D 437 28.03 -15.91 2.97
N PRO D 438 26.71 -15.89 3.11
CA PRO D 438 25.94 -16.76 2.22
C PRO D 438 26.06 -16.46 0.74
N ILE D 439 26.45 -15.24 0.35
CA ILE D 439 26.58 -14.92 -1.09
C ILE D 439 27.77 -15.59 -1.75
N ASP D 440 28.75 -16.02 -0.95
CA ASP D 440 29.80 -16.93 -1.44
C ASP D 440 29.27 -18.28 -1.87
N HIS D 441 28.04 -18.64 -1.51
CA HIS D 441 27.44 -19.92 -1.89
C HIS D 441 26.29 -19.77 -2.88
N VAL D 442 26.26 -18.64 -3.59
CA VAL D 442 25.25 -18.38 -4.63
C VAL D 442 25.96 -18.50 -5.99
N SER D 443 25.29 -19.17 -6.91
CA SER D 443 25.73 -19.18 -8.29
C SER D 443 24.98 -18.13 -9.11
N PHE D 444 25.72 -17.47 -10.00
CA PHE D 444 25.18 -16.44 -10.88
C PHE D 444 25.35 -16.75 -12.37
N TYR D 445 24.57 -16.08 -13.21
CA TYR D 445 24.76 -16.10 -14.66
C TYR D 445 24.84 -14.67 -15.20
N CYS D 446 25.42 -14.53 -16.38
N CYS D 446 25.23 -14.57 -16.43
CA CYS D 446 25.64 -13.26 -17.03
CA CYS D 446 25.63 -13.30 -17.04
C CYS D 446 24.85 -13.16 -18.29
C CYS D 446 24.84 -13.16 -18.34
N LYS D 447 24.58 -11.95 -18.75
CA LYS D 447 23.70 -11.70 -19.92
C LYS D 447 24.30 -12.25 -21.24
N THR D 448 25.61 -12.19 -21.38
CA THR D 448 26.25 -12.68 -22.59
C THR D 448 26.25 -14.23 -22.77
N ALA D 449 26.19 -14.98 -21.67
CA ALA D 449 26.20 -16.47 -21.68
C ALA D 449 25.32 -17.00 -20.54
N PRO D 450 23.99 -17.02 -20.77
CA PRO D 450 23.07 -17.39 -19.72
C PRO D 450 23.17 -18.86 -19.22
N ASN D 451 23.79 -19.75 -19.97
CA ASN D 451 24.08 -21.11 -19.47
C ASN D 451 25.33 -21.28 -18.60
N ARG D 452 26.09 -20.23 -18.39
CA ARG D 452 27.38 -20.37 -17.72
C ARG D 452 27.34 -19.78 -16.32
N ALA D 453 27.32 -20.66 -15.30
CA ALA D 453 27.38 -20.27 -13.92
C ALA D 453 28.72 -19.65 -13.55
N ILE D 454 28.70 -18.63 -12.70
CA ILE D 454 29.90 -17.97 -12.21
C ILE D 454 29.73 -17.67 -10.73
N ARG D 455 30.83 -17.24 -10.13
CA ARG D 455 30.86 -16.81 -8.73
C ARG D 455 31.19 -15.36 -8.69
N ILE D 456 30.70 -14.68 -7.65
CA ILE D 456 31.01 -13.28 -7.39
C ILE D 456 31.43 -13.14 -5.92
N THR D 457 32.51 -12.42 -5.69
CA THR D 457 33.08 -12.20 -4.38
C THR D 457 32.64 -10.84 -3.87
N LYS D 458 32.80 -10.68 -2.57
CA LYS D 458 32.36 -9.45 -1.88
C LYS D 458 33.03 -8.18 -2.48
N ASN D 459 34.33 -8.28 -2.85
CA ASN D 459 35.04 -7.13 -3.42
C ASN D 459 34.65 -6.76 -4.85
N GLN D 460 33.99 -7.68 -5.57
CA GLN D 460 33.36 -7.38 -6.85
C GLN D 460 32.04 -6.62 -6.72
N VAL D 461 31.59 -6.30 -5.53
CA VAL D 461 30.27 -5.74 -5.30
C VAL D 461 30.38 -4.33 -4.74
N SER D 462 30.94 -4.22 -3.55
CA SER D 462 30.95 -2.95 -2.81
C SER D 462 31.89 -3.02 -1.60
N GLN D 463 32.49 -1.88 -1.27
CA GLN D 463 33.25 -1.70 -0.03
C GLN D 463 32.37 -1.30 1.15
N LEU D 464 31.11 -0.97 0.92
CA LEU D 464 30.16 -0.51 1.96
C LEU D 464 29.40 -1.65 2.64
N LEU D 465 29.79 -2.89 2.34
CA LEU D 465 29.14 -4.09 2.89
C LEU D 465 29.70 -4.38 4.31
N PRO D 466 29.04 -5.25 5.07
CA PRO D 466 29.60 -5.69 6.36
C PRO D 466 30.92 -6.45 6.29
N GLU D 467 31.89 -6.17 7.20
CA GLU D 467 33.17 -6.96 7.21
C GLU D 467 33.02 -8.32 7.93
N LYS D 468 32.04 -8.41 8.85
CA LYS D 468 31.69 -9.65 9.53
C LYS D 468 30.21 -10.00 9.29
N PHE D 469 29.87 -11.29 9.41
CA PHE D 469 28.54 -11.80 9.19
C PHE D 469 27.85 -12.50 10.39
N ALA D 470 28.45 -12.40 11.56
CA ALA D 470 27.88 -12.91 12.82
C ALA D 470 28.30 -12.03 14.01
N GLU D 471 27.45 -11.91 15.01
CA GLU D 471 27.71 -11.20 16.24
C GLU D 471 26.74 -11.67 17.36
N GLN D 472 27.08 -11.34 18.60
CA GLN D 472 26.29 -11.67 19.74
C GLN D 472 25.82 -10.43 20.50
N LEU D 473 24.55 -10.45 20.89
CA LEU D 473 24.01 -9.38 21.72
C LEU D 473 23.74 -9.99 23.09
N ILE D 474 24.00 -9.21 24.14
CA ILE D 474 23.71 -9.61 25.48
C ILE D 474 22.72 -8.63 26.10
N ARG D 475 21.55 -9.13 26.51
CA ARG D 475 20.55 -8.34 27.22
C ARG D 475 20.43 -8.84 28.66
N VAL D 476 20.27 -7.91 29.60
CA VAL D 476 20.10 -8.23 30.95
C VAL D 476 18.78 -7.65 31.48
N TYR D 477 18.05 -8.47 32.24
CA TYR D 477 16.78 -8.10 32.84
C TYR D 477 16.82 -8.37 34.34
N CYS D 478 16.06 -7.57 35.09
CA CYS D 478 15.91 -7.72 36.53
C CYS D 478 14.51 -8.20 36.86
N LYS D 479 14.40 -9.31 37.61
CA LYS D 479 13.07 -9.76 38.12
C LYS D 479 12.49 -8.92 39.26
N LYS D 480 13.30 -8.08 39.90
CA LYS D 480 12.84 -7.18 40.95
C LYS D 480 12.67 -5.78 40.32
N VAL D 481 11.49 -5.18 40.45
CA VAL D 481 11.06 -4.08 39.58
C VAL D 481 10.87 -2.73 40.26
N ASP D 482 11.00 -2.66 41.59
CA ASP D 482 10.86 -1.36 42.30
C ASP D 482 12.09 -0.44 42.05
N ARG D 483 11.95 0.82 42.45
CA ARG D 483 12.93 1.89 42.14
C ARG D 483 14.38 1.54 42.58
N LYS D 484 14.53 0.96 43.77
CA LYS D 484 15.85 0.75 44.39
C LYS D 484 16.57 -0.47 43.84
N SER D 485 15.82 -1.57 43.62
CA SER D 485 16.39 -2.79 43.04
C SER D 485 16.82 -2.54 41.60
N LEU D 486 16.08 -1.72 40.91
CA LEU D 486 16.36 -1.39 39.51
C LEU D 486 17.64 -0.55 39.47
N TYR D 487 17.67 0.52 40.27
CA TYR D 487 18.85 1.37 40.40
C TYR D 487 20.11 0.54 40.72
N ALA D 488 19.98 -0.42 41.62
CA ALA D 488 21.07 -1.34 41.89
C ALA D 488 21.41 -2.17 40.69
N ALA D 489 20.42 -2.78 40.06
CA ALA D 489 20.62 -3.63 38.87
C ALA D 489 21.46 -2.93 37.76
N ARG D 490 21.23 -1.66 37.55
CA ARG D 490 21.97 -0.84 36.62
C ARG D 490 23.46 -0.65 37.01
N GLN D 491 23.71 -0.51 38.30
CA GLN D 491 25.08 -0.44 38.81
C GLN D 491 25.81 -1.75 38.61
N TYR D 492 25.17 -2.88 39.00
CA TYR D 492 25.78 -4.20 38.79
C TYR D 492 26.10 -4.44 37.34
N PHE D 493 25.12 -4.17 36.48
CA PHE D 493 25.24 -4.45 35.03
C PHE D 493 26.38 -3.63 34.39
N VAL D 494 26.36 -2.31 34.56
CA VAL D 494 27.38 -1.44 34.00
C VAL D 494 28.76 -1.78 34.53
N GLN D 495 28.82 -2.12 35.81
CA GLN D 495 30.08 -2.58 36.42
C GLN D 495 30.51 -3.93 35.80
N TRP D 496 29.58 -4.82 35.57
CA TRP D 496 29.89 -6.11 34.95
C TRP D 496 30.44 -5.95 33.54
N CYS D 497 29.90 -4.98 32.79
CA CYS D 497 30.34 -4.72 31.42
C CYS D 497 31.80 -4.22 31.40
N ALA D 498 32.09 -3.24 32.25
CA ALA D 498 33.45 -2.78 32.54
C ALA D 498 34.38 -3.93 32.97
N ASP D 499 33.95 -4.75 33.96
CA ASP D 499 34.72 -5.93 34.44
C ASP D 499 35.12 -6.84 33.25
N ARG D 500 34.20 -7.13 32.37
CA ARG D 500 34.43 -8.09 31.27
C ARG D 500 34.91 -7.49 29.96
N ASN D 501 35.16 -6.17 29.94
CA ASN D 501 35.60 -5.43 28.72
C ASN D 501 34.66 -5.57 27.48
N PHE D 502 33.36 -5.56 27.81
CA PHE D 502 32.31 -5.47 26.83
C PHE D 502 32.05 -4.01 26.45
N THR D 503 31.27 -3.80 25.44
CA THR D 503 31.00 -2.46 24.96
C THR D 503 30.22 -1.65 26.03
N LYS D 504 30.44 -0.35 26.02
CA LYS D 504 29.75 0.55 26.92
C LYS D 504 28.27 0.60 26.52
N PRO D 505 27.36 0.30 27.46
CA PRO D 505 25.93 0.52 27.15
C PRO D 505 25.68 1.98 26.69
N GLN D 506 24.77 2.14 25.75
CA GLN D 506 24.48 3.44 25.16
C GLN D 506 24.09 4.51 26.21
N ASP D 507 23.32 4.07 27.19
CA ASP D 507 22.91 4.87 28.33
C ASP D 507 23.82 4.80 29.57
N GLY D 508 25.00 4.18 29.46
CA GLY D 508 25.90 3.98 30.58
C GLY D 508 26.10 5.18 31.48
N ASP D 509 26.36 6.33 30.83
CA ASP D 509 26.65 7.61 31.56
C ASP D 509 25.45 8.19 32.32
N VAL D 510 24.25 7.81 31.92
CA VAL D 510 23.02 8.30 32.55
C VAL D 510 22.52 7.40 33.68
N ILE D 511 22.48 6.10 33.44
CA ILE D 511 22.05 5.08 34.41
C ILE D 511 23.08 4.75 35.49
N ALA D 512 24.36 5.06 35.23
CA ALA D 512 25.45 4.70 36.16
C ALA D 512 26.62 5.75 36.11
N PRO D 513 26.33 7.01 36.48
CA PRO D 513 27.35 8.10 36.30
C PRO D 513 28.60 7.93 37.16
N LEU D 514 28.47 7.28 38.29
CA LEU D 514 29.60 7.06 39.22
C LEU D 514 30.49 5.88 38.77
N ILE D 515 30.01 5.00 37.89
CA ILE D 515 30.73 3.79 37.47
C ILE D 515 31.60 3.97 36.21
N THR D 516 31.06 4.64 35.18
CA THR D 516 31.71 4.69 33.86
C THR D 516 32.97 5.57 33.72
N PRO D 517 33.24 6.52 34.63
CA PRO D 517 34.62 7.10 34.69
C PRO D 517 35.75 6.14 35.07
N GLN D 518 35.49 5.05 35.80
CA GLN D 518 36.55 4.04 36.10
C GLN D 518 37.13 3.37 34.84
N LYS D 519 36.50 3.52 33.66
CA LYS D 519 36.98 2.89 32.44
C LYS D 519 37.54 3.92 31.45
N LYS D 520 38.86 3.88 31.20
CA LYS D 520 39.57 4.82 30.33
C LYS D 520 39.03 4.85 28.88
N GLU D 521 38.88 3.67 28.35
CA GLU D 521 38.43 3.40 26.98
C GLU D 521 37.05 3.96 26.61
N TRP D 522 36.22 4.34 27.58
CA TRP D 522 34.91 4.94 27.38
C TRP D 522 34.91 6.49 27.38
N ASN D 523 36.04 7.14 27.72
CA ASN D 523 36.18 8.62 27.75
C ASN D 523 35.00 9.41 28.38
C6 HF4 E . -20.45 -7.10 11.94
N4 HF4 E . -22.80 -9.78 10.75
C5 HF4 E . -21.61 -7.77 11.61
C2 HF4 E . -19.16 -9.02 11.25
O3G HF4 E . -21.37 -0.48 11.20
PG HF4 E . -22.06 -0.66 12.48
O1G HF4 E . -23.43 -1.03 12.16
O2G HF4 E . -22.23 0.67 13.10
O3B HF4 E . -21.24 -1.73 13.45
PB HF4 E . -21.44 -1.57 15.10
O1B HF4 E . -22.57 -2.29 15.69
O2B HF4 E . -21.42 -0.05 15.45
O3A HF4 E . -20.09 -2.07 15.76
PA HF4 E . -19.42 -3.59 15.48
O1A HF4 E . -19.84 -4.49 16.53
O2A HF4 E . -17.90 -3.28 15.68
O5' HF4 E . -19.79 -4.11 13.93
C5' HF4 E . -18.84 -3.92 12.84
C4' HF4 E . -17.55 -4.79 12.91
C3' HF4 E . -16.82 -4.94 11.61
O3' HF4 E . -15.41 -5.17 11.74
C2' HF4 E . -17.48 -6.06 10.98
O2' HF4 E . -18.65 -5.57 10.28
O4' HF4 E . -17.92 -6.15 13.30
C1' HF4 E . -17.90 -6.99 12.07
N1 HF4 E . -19.18 -7.70 11.80
C4 HF4 E . -21.55 -9.10 11.09
N3 HF4 E . -20.36 -9.70 10.93
O2 HF4 E . -17.91 -9.65 10.99
PG DTP F . -13.16 24.86 -2.19
O1G DTP F . -12.20 25.94 -2.62
O2G DTP F . -14.58 24.90 -2.67
O3G DTP F . -12.98 24.67 -0.74
PB DTP F . -11.35 23.19 -3.86
O1B DTP F . -11.67 22.87 -5.26
O2B DTP F . -10.33 24.24 -3.59
O3B DTP F . -12.67 23.50 -2.91
PA DTP F . -11.15 20.34 -2.99
O1A DTP F . -11.95 19.97 -4.17
O2A DTP F . -11.50 20.31 -1.57
O3A DTP F . -10.78 21.87 -3.16
O5' DTP F . -9.72 19.71 -3.31
C5' DTP F . -8.66 19.83 -2.40
C4' DTP F . -7.65 18.73 -2.77
O4' DTP F . -8.21 17.44 -2.60
C3' DTP F . -7.10 18.65 -4.16
O3' DTP F . -5.78 18.11 -4.03
C2' DTP F . -8.00 17.64 -4.89
C1' DTP F . -8.31 16.69 -3.81
N9 DTP F . -9.65 16.17 -3.72
C8 DTP F . -10.83 16.77 -4.04
N7 DTP F . -11.91 15.97 -3.82
C5 DTP F . -11.39 14.84 -3.28
C6 DTP F . -11.97 13.62 -2.77
N6 DTP F . -13.32 13.47 -2.83
N1 DTP F . -11.15 12.68 -2.30
C2 DTP F . -9.82 12.86 -2.24
N3 DTP F . -9.22 13.97 -2.68
C4 DTP F . -9.96 14.98 -3.20
MG MG G . 8.41 0.79 27.19
PG GTP H . 8.05 0.81 30.47
O1G GTP H . 8.20 1.53 29.13
O2G GTP H . 9.17 1.17 31.40
O3G GTP H . 6.73 1.04 31.23
O3B GTP H . 8.11 -0.76 30.25
PB GTP H . 8.64 -1.62 29.06
O1B GTP H . 9.46 -0.81 28.05
O2B GTP H . 9.12 -2.96 29.56
O3A GTP H . 7.31 -2.31 28.45
PA GTP H . 6.07 -1.59 27.68
O1A GTP H . 6.55 -0.22 27.33
O2A GTP H . 4.86 -1.76 28.53
O5' GTP H . 5.85 -2.50 26.43
C5' GTP H . 6.58 -2.36 25.25
C4' GTP H . 5.74 -1.81 24.07
O4' GTP H . 4.78 -2.75 23.60
C3' GTP H . 4.99 -0.54 24.38
O3' GTP H . 5.91 0.52 24.20
C2' GTP H . 3.80 -0.57 23.44
O2' GTP H . 4.07 0.12 22.20
C1' GTP H . 3.67 -2.01 23.08
N9 GTP H . 2.40 -2.63 23.53
C8 GTP H . 1.66 -3.45 22.73
N7 GTP H . 0.61 -3.94 23.40
C5 GTP H . 0.66 -3.39 24.60
C6 GTP H . -0.20 -3.48 25.76
O6 GTP H . -1.22 -4.23 25.76
N1 GTP H . 0.18 -2.78 26.82
C2 GTP H . 1.29 -2.01 26.86
N2 GTP H . 1.59 -1.34 28.03
N3 GTP H . 2.11 -1.89 25.82
C4 GTP H . 1.84 -2.56 24.70
MG MG I . -22.47 2.16 14.77
C6 HF4 J . 19.94 12.72 -6.87
N4 HF4 J . 22.57 11.61 -9.25
C5 HF4 J . 21.21 12.48 -7.39
C2 HF4 J . 18.87 11.76 -8.91
O3G HF4 J . 22.35 14.02 -0.73
PG HF4 J . 20.93 14.22 -0.50
O1G HF4 J . 20.38 12.88 -0.28
O2G HF4 J . 20.83 15.08 0.73
O3B HF4 J . 20.32 14.98 -1.85
PB HF4 J . 20.19 16.62 -1.81
O1B HF4 J . 20.25 17.13 -0.37
O2B HF4 J . 21.10 17.37 -2.68
O3A HF4 J . 18.74 16.83 -2.44
PA HF4 J . 18.40 16.64 -4.04
O1A HF4 J . 16.88 16.85 -4.10
O2A HF4 J . 19.13 17.62 -4.86
O5' HF4 J . 18.79 15.09 -4.42
C5' HF4 J . 17.88 14.06 -4.09
C4' HF4 J . 16.85 13.85 -5.16
C3' HF4 J . 16.28 12.46 -5.11
O3' HF4 J . 14.88 12.38 -5.52
C2' HF4 J . 17.11 11.69 -6.03
O2' HF4 J . 18.24 11.19 -5.29
O4' HF4 J . 17.42 14.02 -6.53
C1' HF4 J . 17.47 12.63 -7.08
N1 HF4 J . 18.77 12.36 -7.63
C4 HF4 J . 21.28 11.86 -8.70
N3 HF4 J . 20.17 11.52 -9.46
O2 HF4 J . 17.75 11.40 -9.65
MG MG K . -10.26 26.39 -3.69
PG GTP L . -10.44 29.41 -3.98
O1G GTP L . -9.14 30.08 -3.73
O2G GTP L . -11.66 30.30 -3.74
O3G GTP L . -10.51 28.19 -3.10
O3B GTP L . -10.45 29.06 -5.55
PB GTP L . -10.74 27.76 -6.30
O1B GTP L . -11.38 27.94 -7.59
O2B GTP L . -11.42 26.72 -5.46
O3A GTP L . -9.32 27.10 -6.81
PA GTP L . -8.08 26.69 -5.82
O1A GTP L . -6.90 27.57 -5.96
O2A GTP L . -8.52 26.49 -4.37
O5' GTP L . -7.72 25.31 -6.51
C5' GTP L . -8.39 24.07 -6.25
C4' GTP L . -7.47 23.07 -5.49
O4' GTP L . -6.31 22.73 -6.31
C3' GTP L . -6.89 23.61 -4.20
O3' GTP L . -7.82 23.44 -3.19
C2' GTP L . -5.64 22.79 -4.08
O2' GTP L . -5.78 21.70 -3.13
C1' GTP L . -5.35 22.20 -5.44
N9 GTP L . -4.10 22.60 -6.01
C8 GTP L . -3.25 21.77 -6.66
N7 GTP L . -2.19 22.46 -7.11
C5 GTP L . -2.31 23.77 -6.76
C6 GTP L . -1.53 25.03 -6.94
O6 GTP L . -0.42 25.09 -7.57
N1 GTP L . -2.03 26.16 -6.44
C2 GTP L . -3.21 26.19 -5.79
N2 GTP L . -3.65 27.40 -5.31
N3 GTP L . -3.97 25.06 -5.58
C4 GTP L . -3.60 23.85 -6.06
PG DTP M . 11.00 2.20 25.82
O1G DTP M . 10.75 3.53 25.17
O2G DTP M . 12.49 1.89 25.99
O3G DTP M . 9.99 1.86 26.88
PB DTP M . 9.45 0.21 24.33
O1B DTP M . 9.93 -1.17 24.08
O2B DTP M . 8.36 0.48 25.29
O3B DTP M . 10.73 1.09 24.65
PA DTP M . 9.52 0.68 21.36
O1A DTP M . 9.81 2.09 21.12
O2A DTP M . 10.49 -0.40 21.14
O3A DTP M . 8.97 0.79 22.89
O5' DTP M . 8.19 0.08 20.67
C5' DTP M . 7.05 0.90 20.47
C4' DTP M . 6.22 0.33 19.32
O4' DTP M . 7.00 0.44 18.10
C3' DTP M . 5.79 -1.10 19.47
O3' DTP M . 4.45 -1.31 18.96
C2' DTP M . 6.84 -1.89 18.69
C1' DTP M . 7.20 -0.84 17.58
N9 DTP M . 8.60 -0.71 17.17
C8 DTP M . 9.70 -0.91 17.89
N7 DTP M . 10.84 -0.68 17.17
C5 DTP M . 10.39 -0.35 15.92
C6 DTP M . 11.05 0.10 14.71
N6 DTP M . 12.41 0.14 14.71
N1 DTP M . 10.24 0.36 13.65
C2 DTP M . 8.89 0.32 13.76
N3 DTP M . 8.18 -0.06 14.85
C4 DTP M . 8.91 -0.38 15.95
MG MG N . 20.96 18.19 1.43
PG DTP O . -17.94 -21.22 -4.67
O1G DTP O . -17.08 -21.02 -5.94
O2G DTP O . -19.41 -20.96 -4.82
O3G DTP O . -17.53 -22.49 -4.02
PB DTP O . -16.74 -19.83 -2.31
O1B DTP O . -16.00 -21.07 -1.99
O2B DTP O . -17.63 -19.37 -1.22
O3B DTP O . -17.59 -19.99 -3.63
PA DTP O . -15.53 -17.31 -2.91
O1A DTP O . -15.27 -17.08 -4.36
O2A DTP O . -16.65 -16.73 -2.14
O3A DTP O . -15.53 -18.88 -2.71
O5' DTP O . -14.26 -16.96 -1.99
C5' DTP O . -12.92 -17.33 -2.35
C4' DTP O . -11.95 -16.38 -1.67
O4' DTP O . -12.23 -14.97 -2.05
C3' DTP O . -12.08 -16.44 -0.18
O3' DTP O . -10.84 -16.37 0.47
C2' DTP O . -12.89 -15.19 0.20
C1' DTP O . -12.62 -14.20 -0.90
N9 DTP O . -13.68 -13.41 -1.43
C8 DTP O . -14.99 -13.74 -1.60
N7 DTP O . -15.67 -12.78 -2.22
C5 DTP O . -14.83 -11.78 -2.45
C6 DTP O . -14.90 -10.48 -3.17
N6 DTP O . -16.07 -10.03 -3.67
N1 DTP O . -13.74 -9.76 -3.24
C2 DTP O . -12.56 -10.29 -2.70
N3 DTP O . -12.39 -11.46 -2.12
C4 DTP O . -13.49 -12.21 -1.96
PG GTP P . 19.51 -4.02 -24.37
O1G GTP P . 18.59 -3.95 -25.59
O2G GTP P . 20.92 -4.41 -24.55
O3G GTP P . 18.89 -4.79 -23.18
O3B GTP P . 19.74 -2.48 -24.07
PB GTP P . 20.02 -1.68 -22.72
O1B GTP P . 21.09 -0.62 -22.83
O2B GTP P . 20.04 -2.67 -21.60
O3A GTP P . 18.79 -0.57 -22.63
PA GTP P . 17.26 -1.07 -22.51
O1A GTP P . 16.54 -0.65 -23.72
O2A GTP P . 17.14 -2.55 -22.20
O5' GTP P . 16.79 -0.11 -21.33
C5' GTP P . 16.91 -0.44 -19.97
C4' GTP P . 15.56 -0.77 -19.36
O4' GTP P . 14.71 0.41 -19.47
C3' GTP P . 14.73 -1.88 -19.99
O3' GTP P . 15.10 -3.24 -19.56
C2' GTP P . 13.32 -1.46 -19.55
O2' GTP P . 12.97 -2.07 -18.32
C1' GTP P . 13.33 0.02 -19.21
N9 GTP P . 12.51 0.93 -20.01
C8 GTP P . 11.71 1.89 -19.55
N7 GTP P . 11.12 2.56 -20.56
C5 GTP P . 11.52 2.00 -21.70
C6 GTP P . 11.28 2.22 -23.15
O6 GTP P . 10.51 3.14 -23.62
N1 GTP P . 11.90 1.38 -23.98
C2 GTP P . 12.78 0.44 -23.61
N2 GTP P . 13.39 -0.30 -24.57
N3 GTP P . 13.02 0.16 -22.28
C4 GTP P . 12.45 0.93 -21.31
C6 HF4 Q . -11.52 10.81 -19.08
N4 HF4 Q . -13.51 14.04 -18.67
C5 HF4 Q . -12.63 11.75 -19.27
C2 HF4 Q . -10.33 12.44 -17.71
O3G HF4 Q . -15.39 5.53 -20.80
PG HF4 Q . -14.16 4.75 -20.52
O1G HF4 Q . -14.01 4.61 -19.07
O2G HF4 Q . -14.14 3.35 -21.07
O3B HF4 Q . -12.91 5.80 -21.06
PB HF4 Q . -12.21 5.55 -22.52
O1B HF4 Q . -12.30 4.10 -22.95
O2B HF4 Q . -12.65 6.56 -23.56
O3A HF4 Q . -10.64 5.54 -22.23
PA HF4 Q . -9.86 6.95 -21.95
O1A HF4 Q . -8.46 6.53 -21.56
O2A HF4 Q . -9.82 7.66 -23.21
O5' HF4 Q . -10.61 7.77 -20.71
C5' HF4 Q . -10.24 7.32 -19.41
C4' HF4 Q . -9.02 8.00 -18.86
C3' HF4 Q . -9.00 7.97 -17.38
O3' HF4 Q . -7.61 7.89 -16.96
C2' HF4 Q . -9.57 9.21 -17.00
O2' HF4 Q . -10.96 9.02 -16.83
O4' HF4 Q . -9.07 9.42 -19.29
C1' HF4 Q . -9.30 10.23 -18.09
N1 HF4 Q . -10.36 11.14 -18.27
C4 HF4 Q . -12.53 13.03 -18.60
N3 HF4 Q . -11.41 13.39 -17.89
O2 HF4 Q . -9.30 12.89 -16.93
MG MG R . -13.23 2.38 -22.33
MG MG S . -16.38 -23.29 -2.50
PG GTP T . -17.19 -26.30 -2.13
O1G GTP T . -16.61 -25.23 -3.03
O2G GTP T . -16.18 -27.33 -1.88
O3G GTP T . -18.51 -26.60 -2.61
O3B GTP T . -17.61 -25.80 -0.66
PB GTP T . -18.11 -24.35 -0.12
O1B GTP T . -17.98 -23.31 -1.22
O2B GTP T . -19.34 -24.47 0.69
O3A GTP T . -16.95 -24.14 0.93
PA GTP T . -15.41 -23.93 0.58
O1A GTP T . -15.13 -23.70 -0.82
O2A GTP T . -14.66 -24.93 1.40
O5' GTP T . -15.14 -22.58 1.44
C5' GTP T . -15.22 -21.21 1.05
C4' GTP T . -13.84 -20.51 0.90
O4' GTP T . -13.10 -20.37 2.11
C3' GTP T . -12.92 -21.27 -0.03
O3' GTP T . -13.21 -21.04 -1.38
C2' GTP T . -11.56 -20.81 0.34
O2' GTP T . -11.19 -19.65 -0.42
C1' GTP T . -11.68 -20.27 1.76
N9 GTP T . -10.86 -20.89 2.78
C8 GTP T . -10.19 -20.26 3.73
N7 GTP T . -9.58 -21.13 4.62
C5 GTP T . -9.90 -22.37 4.18
C6 GTP T . -9.60 -23.69 4.63
O6 GTP T . -8.95 -23.93 5.64
N1 GTP T . -10.12 -24.67 3.89
C2 GTP T . -10.93 -24.48 2.76
N2 GTP T . -11.44 -25.50 2.10
N3 GTP T . -11.24 -23.25 2.32
C4 GTP T . -10.75 -22.19 2.99
PG DTP U . 20.05 -5.76 -18.89
O1G DTP U . 19.76 -5.20 -20.28
O2G DTP U . 19.34 -7.02 -18.54
O3G DTP U . 21.54 -5.80 -18.51
PB DTP U . 18.53 -3.41 -18.03
O1B DTP U . 17.88 -3.46 -19.39
O2B DTP U . 19.22 -2.15 -17.58
O3B DTP U . 19.57 -4.63 -17.83
PA DTP U . 17.29 -3.71 -15.48
O1A DTP U . 18.34 -2.87 -14.85
O2A DTP U . 16.91 -5.09 -15.06
O3A DTP U . 17.34 -3.84 -17.08
O5' DTP U . 15.92 -2.87 -15.21
C5' DTP U . 14.66 -3.30 -15.71
C4' DTP U . 13.48 -2.62 -14.99
O4' DTP U . 13.53 -2.79 -13.52
C3' DTP U . 13.42 -1.14 -15.24
O3' DTP U . 12.05 -0.77 -15.21
C2' DTP U . 14.16 -0.51 -14.04
C1' DTP U . 13.85 -1.51 -12.91
N9 DTP U . 14.94 -1.90 -12.02
C8 DTP U . 16.29 -1.94 -12.25
N7 DTP U . 16.93 -2.45 -11.15
C5 DTP U . 15.98 -2.65 -10.21
C6 DTP U . 15.93 -3.21 -8.85
N6 DTP U . 17.09 -3.56 -8.24
N1 DTP U . 14.77 -3.31 -8.22
C2 DTP U . 13.62 -2.97 -8.84
N3 DTP U . 13.59 -2.48 -10.08
C4 DTP U . 14.70 -2.35 -10.79
MG MG V . 18.71 -4.00 -21.34
C6 HF4 W . 11.95 -16.43 14.22
N4 HF4 W . 13.30 -15.43 17.65
C5 HF4 W . 12.88 -16.37 15.32
C2 HF4 W . 10.34 -15.03 15.44
O3G HF4 W . 15.13 -16.96 8.08
PG HF4 W . 15.19 -18.33 8.58
O1G HF4 W . 16.38 -18.36 9.47
O2G HF4 W . 15.41 -19.25 7.37
O3B HF4 W . 13.84 -18.86 9.47
PB HF4 W . 13.41 -20.46 9.46
O1B HF4 W . 13.79 -21.27 10.64
O2B HF4 W . 13.78 -21.09 8.16
O3A HF4 W . 11.82 -20.46 9.32
PA HF4 W . 10.88 -20.02 10.59
O1A HF4 W . 10.84 -21.07 11.60
O2A HF4 W . 9.51 -19.83 9.95
O5' HF4 W . 11.42 -18.57 11.26
C5' HF4 W . 11.06 -17.31 10.69
C4' HF4 W . 9.71 -16.79 11.13
C3' HF4 W . 9.53 -15.30 10.94
O3' HF4 W . 8.15 -14.89 10.82
C2' HF4 W . 9.99 -14.73 12.18
O2' HF4 W . 11.37 -14.48 11.99
O4' HF4 W . 9.59 -17.08 12.57
C1' HF4 W . 9.72 -15.76 13.24
N1 HF4 W . 10.69 -15.74 14.28
C4 HF4 W . 12.50 -15.59 16.47
N3 HF4 W . 11.28 -14.95 16.54
O2 HF4 W . 9.12 -14.29 15.53
MG MG X . 15.39 -21.26 6.34
#